data_8GMQ
#
_entry.id   8GMQ
#
_cell.length_a   1.00
_cell.length_b   1.00
_cell.length_c   1.00
_cell.angle_alpha   90.00
_cell.angle_beta   90.00
_cell.angle_gamma   90.00
#
_symmetry.space_group_name_H-M   'P 1'
#
loop_
_entity.id
_entity.type
_entity.pdbx_description
1 polymer 'Calcium homeostasis modulator 1'
2 non-polymer '(2S)-3-(hexadecanoyloxy)-2-[(9Z)-octadec-9-enoyloxy]propyl 2-(trimethylammonio)ethyl phosphate'
#
_entity_poly.entity_id   1
_entity_poly.type   'polypeptide(L)'
_entity_poly.pdbx_seq_one_letter_code
;MDKFRMVFQFLQSNQESFMSGICGIMALASAQLYSAFDFNCPCLPRYNLAYGLGVLLVPPLILFLLGFVLNNNVSMLAEE
WRRPQGQRQKDAAVLRYMFCSMVQRAMIAPAVWVSVTLLDGKCITCAFCTSLPVEALGNASHHGLPQGEVKRVLARIPCK
EIYDGQELIANEVAVRYLRCISQALGWCFVLLMTTLAFLVRSLRPCFTQAVFLKSRYWSHYIDIERKLFDETCAEHAKSF
AKVCIQQFFQGMSKDLTATHCHPPRKAPTDAGEASEKLLGITDWDTMNIALGSAWSHPQFEK
;
_entity_poly.pdbx_strand_id   A,B,C,D,E,F,G,H
#
loop_
_chem_comp.id
_chem_comp.type
_chem_comp.name
_chem_comp.formula
POV non-polymer '(2S)-3-(hexadecanoyloxy)-2-[(9Z)-octadec-9-enoyloxy]propyl 2-(trimethylammonio)ethyl phosphate' 'C42 H82 N O8 P'
#
# COMPACT_ATOMS: atom_id res chain seq x y z
N ALA A 27 17.04 9.55 16.17
CA ALA A 27 16.27 9.46 17.41
C ALA A 27 15.21 8.37 17.31
N LEU A 28 14.48 8.35 16.20
CA LEU A 28 13.45 7.33 16.01
C LEU A 28 14.04 5.94 15.84
N ALA A 29 15.25 5.85 15.25
CA ALA A 29 15.90 4.55 15.12
C ALA A 29 16.30 3.96 16.46
N SER A 30 16.39 4.79 17.51
CA SER A 30 16.72 4.30 18.84
C SER A 30 15.61 3.42 19.39
N ALA A 31 14.35 3.73 19.07
CA ALA A 31 13.24 2.95 19.60
C ALA A 31 13.00 1.69 18.79
N GLN A 32 13.08 1.79 17.46
CA GLN A 32 12.77 0.65 16.62
C GLN A 32 13.83 -0.44 16.70
N LEU A 33 15.09 -0.07 16.93
CA LEU A 33 16.14 -1.08 17.05
C LEU A 33 15.95 -1.94 18.29
N TYR A 34 15.20 -1.44 19.28
CA TYR A 34 14.91 -2.24 20.46
C TYR A 34 14.11 -3.49 20.12
N SER A 35 13.24 -3.38 19.11
CA SER A 35 12.49 -4.56 18.69
C SER A 35 13.39 -5.58 18.01
N ALA A 36 14.41 -5.11 17.28
CA ALA A 36 15.34 -6.03 16.61
C ALA A 36 16.13 -6.84 17.63
N PHE A 37 16.64 -6.17 18.67
CA PHE A 37 17.29 -6.88 19.76
C PHE A 37 16.32 -7.83 20.44
N ASP A 38 16.82 -9.00 20.82
CA ASP A 38 16.00 -10.05 21.42
C ASP A 38 16.53 -10.33 22.82
N PHE A 39 15.97 -9.62 23.80
CA PHE A 39 16.45 -9.75 25.17
C PHE A 39 16.21 -11.15 25.70
N ASN A 40 17.14 -11.61 26.53
CA ASN A 40 16.99 -12.87 27.25
C ASN A 40 18.04 -12.95 28.35
N CYS A 41 17.61 -13.18 29.59
CA CYS A 41 18.49 -13.00 30.72
C CYS A 41 19.02 -14.35 31.19
N PRO A 42 20.32 -14.56 31.22
CA PRO A 42 20.84 -15.82 31.73
C PRO A 42 20.55 -15.99 33.20
N CYS A 43 19.69 -16.92 33.55
CA CYS A 43 19.26 -17.09 34.93
C CYS A 43 20.39 -17.73 35.73
N LEU A 44 21.35 -16.91 36.12
CA LEU A 44 22.43 -17.32 36.99
C LEU A 44 22.54 -16.33 38.14
N PRO A 45 23.17 -16.72 39.23
CA PRO A 45 23.18 -15.87 40.42
C PRO A 45 23.86 -14.53 40.23
N ARG A 46 25.12 -14.50 39.82
CA ARG A 46 25.89 -13.27 39.82
C ARG A 46 26.03 -12.64 38.44
N TYR A 47 25.52 -13.30 37.40
CA TYR A 47 25.64 -12.74 36.06
C TYR A 47 24.45 -11.87 35.68
N ASN A 48 23.30 -12.07 36.32
CA ASN A 48 22.13 -11.24 36.05
C ASN A 48 22.47 -9.77 36.23
N LEU A 49 23.00 -9.41 37.39
CA LEU A 49 23.31 -8.02 37.69
C LEU A 49 24.28 -7.43 36.67
N ALA A 50 25.12 -8.26 36.07
CA ALA A 50 26.00 -7.76 35.03
C ALA A 50 25.24 -7.62 33.72
N TYR A 51 24.60 -8.70 33.27
CA TYR A 51 23.97 -8.67 31.94
C TYR A 51 22.81 -7.70 31.90
N GLY A 52 22.17 -7.46 33.05
CA GLY A 52 21.06 -6.52 33.06
C GLY A 52 21.50 -5.10 32.83
N LEU A 53 22.36 -4.58 33.72
CA LEU A 53 22.81 -3.21 33.60
C LEU A 53 23.52 -2.95 32.28
N GLY A 54 24.26 -3.93 31.79
CA GLY A 54 24.99 -3.74 30.54
C GLY A 54 24.07 -3.40 29.39
N VAL A 55 22.93 -4.09 29.30
CA VAL A 55 21.96 -3.74 28.29
C VAL A 55 21.36 -2.36 28.58
N LEU A 56 21.44 -1.89 29.81
CA LEU A 56 20.85 -0.60 30.14
C LEU A 56 21.78 0.56 29.81
N LEU A 57 23.07 0.43 30.11
CA LEU A 57 23.99 1.55 30.02
C LEU A 57 24.84 1.57 28.74
N VAL A 58 25.31 0.41 28.29
CA VAL A 58 26.23 0.39 27.16
C VAL A 58 25.61 0.92 25.89
N PRO A 59 24.45 0.45 25.45
CA PRO A 59 23.82 0.98 24.23
C PRO A 59 23.63 2.48 24.29
N PRO A 60 23.32 3.06 25.46
CA PRO A 60 23.39 4.52 25.58
C PRO A 60 24.75 5.06 25.21
N LEU A 61 25.83 4.49 25.75
CA LEU A 61 27.16 5.02 25.51
C LEU A 61 27.51 4.97 24.03
N ILE A 62 27.00 3.98 23.30
CA ILE A 62 27.22 3.92 21.85
C ILE A 62 26.57 5.12 21.19
N LEU A 63 25.30 5.37 21.49
CA LEU A 63 24.58 6.44 20.84
C LEU A 63 25.13 7.80 21.22
N PHE A 64 25.79 7.91 22.36
CA PHE A 64 26.42 9.17 22.73
C PHE A 64 27.57 9.48 21.79
N LEU A 65 28.57 8.60 21.73
CA LEU A 65 29.69 8.79 20.82
C LEU A 65 29.22 8.86 19.37
N LEU A 66 28.21 8.08 19.00
CA LEU A 66 27.70 8.15 17.65
C LEU A 66 27.08 9.50 17.36
N GLY A 67 26.66 10.23 18.39
CA GLY A 67 26.12 11.56 18.17
C GLY A 67 27.16 12.54 17.67
N PHE A 68 28.44 12.27 17.95
CA PHE A 68 29.49 13.20 17.55
C PHE A 68 29.92 12.96 16.11
N VAL A 69 30.20 11.69 15.76
CA VAL A 69 30.74 11.39 14.45
C VAL A 69 29.78 11.76 13.35
N LEU A 70 28.49 11.80 13.64
CA LEU A 70 27.54 12.23 12.62
C LEU A 70 27.54 13.73 12.46
N ASN A 71 27.95 14.47 13.50
CA ASN A 71 28.09 15.90 13.38
C ASN A 71 29.28 16.23 12.50
N ASN A 72 29.33 17.47 12.01
CA ASN A 72 30.40 17.90 11.12
C ASN A 72 31.39 18.83 11.77
N ASN A 73 30.98 19.59 12.80
CA ASN A 73 31.91 20.52 13.42
C ASN A 73 32.87 19.85 14.38
N VAL A 74 32.85 18.53 14.49
CA VAL A 74 33.69 17.86 15.49
C VAL A 74 35.16 18.06 15.16
N SER A 75 35.51 18.10 13.88
CA SER A 75 36.90 18.27 13.51
C SER A 75 37.45 19.62 13.93
N MET A 76 36.65 20.67 13.78
CA MET A 76 37.11 22.02 14.10
C MET A 76 37.55 22.13 15.55
N LEU A 77 36.82 21.48 16.45
CA LEU A 77 37.21 21.50 17.85
C LEU A 77 38.55 20.83 18.05
N ALA A 78 38.72 19.63 17.50
CA ALA A 78 39.97 18.90 17.67
C ALA A 78 41.13 19.65 17.01
N GLU A 79 40.92 20.16 15.80
CA GLU A 79 41.95 20.96 15.16
C GLU A 79 42.27 22.21 15.97
N GLU A 80 41.25 22.75 16.65
CA GLU A 80 41.45 23.96 17.43
C GLU A 80 41.92 23.65 18.84
N TRP A 81 41.23 22.74 19.52
CA TRP A 81 41.56 22.44 20.91
C TRP A 81 42.86 21.66 21.05
N ARG A 82 43.40 21.13 19.95
CA ARG A 82 44.63 20.36 20.04
C ARG A 82 45.79 21.22 20.54
N ARG A 83 45.93 22.43 20.00
CA ARG A 83 47.02 23.31 20.38
C ARG A 83 46.87 23.75 21.82
N PRO A 84 47.72 23.30 22.74
CA PRO A 84 47.68 23.79 24.12
C PRO A 84 48.56 25.01 24.34
N GLN A 85 48.43 26.00 23.45
CA GLN A 85 49.30 27.17 23.47
C GLN A 85 48.56 28.49 23.65
N GLY A 86 47.25 28.54 23.39
CA GLY A 86 46.48 29.74 23.61
C GLY A 86 46.36 30.68 22.44
N GLN A 87 47.00 30.38 21.30
CA GLN A 87 46.89 31.19 20.11
C GLN A 87 45.71 30.80 19.25
N ARG A 88 44.70 30.16 19.84
CA ARG A 88 43.56 29.64 19.11
C ARG A 88 42.87 30.72 18.29
N GLN A 89 42.35 30.32 17.13
CA GLN A 89 41.97 31.29 16.10
C GLN A 89 40.59 31.89 16.38
N LYS A 90 39.58 31.04 16.55
CA LYS A 90 38.20 31.51 16.58
C LYS A 90 37.93 32.48 17.72
N ASP A 91 38.00 32.00 18.96
CA ASP A 91 37.78 32.83 20.13
C ASP A 91 37.92 31.95 21.36
N ALA A 92 38.16 32.60 22.50
CA ALA A 92 38.17 31.86 23.75
C ALA A 92 36.78 31.48 24.22
N ALA A 93 35.76 32.24 23.82
CA ALA A 93 34.40 32.04 24.31
C ALA A 93 33.51 31.33 23.31
N VAL A 94 33.71 31.55 22.02
CA VAL A 94 32.84 30.95 21.02
C VAL A 94 32.97 29.43 21.05
N LEU A 95 34.19 28.93 21.25
CA LEU A 95 34.39 27.49 21.31
C LEU A 95 33.57 26.86 22.42
N ARG A 96 33.63 27.46 23.61
CA ARG A 96 32.88 26.93 24.75
C ARG A 96 31.40 26.86 24.44
N TYR A 97 30.88 27.82 23.68
CA TYR A 97 29.49 27.76 23.30
C TYR A 97 29.23 26.61 22.34
N MET A 98 30.02 26.55 21.26
CA MET A 98 29.78 25.54 20.24
C MET A 98 29.92 24.13 20.80
N PHE A 99 30.86 23.95 21.74
CA PHE A 99 30.99 22.66 22.40
C PHE A 99 29.75 22.35 23.23
N CYS A 100 29.36 23.28 24.10
CA CYS A 100 28.22 23.03 24.98
C CYS A 100 26.93 22.90 24.19
N SER A 101 26.89 23.42 22.97
CA SER A 101 25.71 23.24 22.14
C SER A 101 25.68 21.84 21.54
N MET A 102 26.82 21.37 21.05
CA MET A 102 26.84 20.07 20.39
C MET A 102 26.54 18.95 21.37
N VAL A 103 26.97 19.10 22.62
CA VAL A 103 26.70 18.06 23.61
C VAL A 103 25.21 17.94 23.88
N GLN A 104 24.48 19.04 23.76
CA GLN A 104 23.05 18.99 24.06
C GLN A 104 22.31 18.15 23.01
N ARG A 105 22.56 18.41 21.74
CA ARG A 105 21.86 17.66 20.70
C ARG A 105 22.26 16.19 20.64
N ALA A 106 23.28 15.79 21.40
CA ALA A 106 23.63 14.38 21.52
C ALA A 106 22.83 13.67 22.59
N MET A 107 22.46 14.36 23.66
CA MET A 107 21.75 13.72 24.76
C MET A 107 20.40 13.15 24.36
N ILE A 108 19.82 13.61 23.25
CA ILE A 108 18.46 13.21 22.91
C ILE A 108 18.39 11.71 22.62
N ALA A 109 19.38 11.19 21.90
CA ALA A 109 19.35 9.78 21.54
C ALA A 109 19.44 8.88 22.77
N PRO A 110 20.47 8.97 23.61
CA PRO A 110 20.53 8.07 24.78
C PRO A 110 19.42 8.31 25.77
N ALA A 111 18.85 9.52 25.81
CA ALA A 111 17.74 9.76 26.72
C ALA A 111 16.52 8.94 26.32
N VAL A 112 16.27 8.80 25.02
CA VAL A 112 15.13 8.01 24.57
C VAL A 112 15.35 6.54 24.90
N TRP A 113 16.58 6.06 24.75
CA TRP A 113 16.85 4.64 24.97
C TRP A 113 16.62 4.27 26.43
N VAL A 114 17.18 5.06 27.36
CA VAL A 114 17.13 4.66 28.76
C VAL A 114 15.72 4.71 29.30
N SER A 115 14.83 5.47 28.66
CA SER A 115 13.46 5.57 29.12
C SER A 115 12.63 4.42 28.58
N VAL A 116 12.59 4.27 27.26
CA VAL A 116 11.71 3.28 26.65
C VAL A 116 12.11 1.87 27.06
N THR A 117 13.38 1.67 27.42
CA THR A 117 13.77 0.38 27.94
C THR A 117 13.38 0.23 29.41
N LEU A 118 13.12 1.34 30.09
CA LEU A 118 12.68 1.25 31.47
C LEU A 118 11.18 1.08 31.57
N LEU A 119 10.46 1.34 30.47
CA LEU A 119 9.03 1.12 30.44
C LEU A 119 8.65 -0.27 30.00
N ASP A 120 9.57 -1.23 30.11
CA ASP A 120 9.28 -2.62 29.79
C ASP A 120 9.59 -3.58 30.92
N GLY A 121 10.56 -3.29 31.77
CA GLY A 121 10.88 -4.14 32.89
C GLY A 121 11.84 -5.26 32.59
N LYS A 122 11.86 -5.76 31.35
CA LYS A 122 12.71 -6.91 31.04
C LYS A 122 14.18 -6.59 31.30
N CYS A 123 14.59 -5.35 31.03
CA CYS A 123 15.96 -4.96 31.34
C CYS A 123 16.16 -4.80 32.83
N ILE A 124 15.08 -4.62 33.58
CA ILE A 124 15.20 -4.42 35.01
C ILE A 124 14.63 -5.58 35.81
N THR A 125 13.75 -6.38 35.21
CA THR A 125 13.13 -7.47 35.94
C THR A 125 14.14 -8.53 36.31
N CYS A 126 15.17 -8.70 35.49
CA CYS A 126 16.19 -9.69 35.79
C CYS A 126 17.45 -9.08 36.35
N ALA A 127 17.50 -7.76 36.47
CA ALA A 127 18.65 -7.12 37.10
C ALA A 127 18.61 -7.33 38.61
N PHE A 128 17.46 -7.05 39.23
CA PHE A 128 17.34 -7.10 40.67
C PHE A 128 16.43 -8.22 41.15
N CYS A 129 16.10 -9.16 40.26
CA CYS A 129 15.23 -10.26 40.64
C CYS A 129 15.79 -11.08 41.79
N THR A 130 17.11 -11.10 41.97
CA THR A 130 17.73 -11.84 43.05
C THR A 130 17.91 -11.00 44.30
N SER A 131 17.08 -9.99 44.48
CA SER A 131 17.20 -9.11 45.64
C SER A 131 15.90 -8.79 46.34
N LEU A 132 14.74 -9.06 45.74
CA LEU A 132 13.48 -8.65 46.35
C LEU A 132 13.21 -9.43 47.62
N PRO A 133 12.30 -8.96 48.46
CA PRO A 133 11.97 -9.70 49.67
C PRO A 133 10.84 -10.68 49.43
N VAL A 134 11.00 -11.90 49.93
CA VAL A 134 9.97 -12.93 49.76
C VAL A 134 9.03 -12.99 50.96
N GLU A 135 9.52 -12.67 52.15
CA GLU A 135 8.70 -12.70 53.36
C GLU A 135 7.87 -11.44 53.54
N ALA A 136 7.70 -10.64 52.50
CA ALA A 136 6.90 -9.42 52.58
C ALA A 136 5.68 -9.47 51.67
N LEU A 137 5.86 -9.74 50.38
CA LEU A 137 4.76 -9.84 49.44
C LEU A 137 4.55 -11.23 48.90
N GLY A 138 5.55 -12.10 48.98
CA GLY A 138 5.46 -13.45 48.45
C GLY A 138 4.93 -14.46 49.43
N ASN A 139 5.50 -15.66 49.42
CA ASN A 139 5.07 -16.72 50.32
C ASN A 139 5.69 -16.50 51.69
N ALA A 140 5.62 -17.52 52.55
CA ALA A 140 6.10 -17.40 53.92
C ALA A 140 7.59 -17.11 53.94
N SER A 141 8.09 -16.81 55.15
CA SER A 141 9.49 -16.40 55.29
C SER A 141 10.45 -17.54 54.97
N HIS A 142 10.12 -18.77 55.37
CA HIS A 142 10.99 -19.90 55.13
C HIS A 142 10.17 -21.17 55.01
N HIS A 143 10.52 -21.99 54.02
CA HIS A 143 9.87 -23.28 53.81
C HIS A 143 10.88 -24.43 53.72
N GLY A 144 12.08 -24.24 54.25
CA GLY A 144 13.04 -25.33 54.30
C GLY A 144 14.17 -25.27 53.28
N LEU A 145 14.74 -24.08 53.07
CA LEU A 145 15.88 -23.92 52.18
C LEU A 145 16.91 -23.01 52.83
N PRO A 146 18.19 -23.26 52.58
CA PRO A 146 19.25 -22.46 53.20
C PRO A 146 19.28 -21.05 52.60
N GLN A 147 20.23 -20.25 53.09
CA GLN A 147 20.39 -18.88 52.66
C GLN A 147 21.19 -18.76 51.36
N GLY A 148 21.67 -19.86 50.81
CA GLY A 148 22.44 -19.81 49.58
C GLY A 148 21.60 -20.13 48.36
N GLU A 149 20.76 -21.15 48.45
CA GLU A 149 19.96 -21.57 47.31
C GLU A 149 18.87 -20.56 46.96
N VAL A 150 18.51 -19.68 47.90
CA VAL A 150 17.50 -18.66 47.63
C VAL A 150 17.92 -17.84 46.41
N LYS A 151 19.17 -17.38 46.39
CA LYS A 151 19.72 -16.81 45.17
C LYS A 151 19.70 -17.84 44.05
N ARG A 152 20.01 -19.09 44.37
CA ARG A 152 20.00 -20.14 43.36
C ARG A 152 18.59 -20.33 42.80
N VAL A 153 17.57 -20.07 43.62
CA VAL A 153 16.21 -20.35 43.19
C VAL A 153 15.52 -19.09 42.70
N LEU A 154 15.69 -17.97 43.40
CA LEU A 154 15.03 -16.74 42.99
C LEU A 154 15.54 -16.27 41.65
N ALA A 155 16.80 -16.57 41.34
CA ALA A 155 17.44 -15.99 40.16
C ALA A 155 16.72 -16.35 38.88
N ARG A 156 16.06 -17.50 38.83
CA ARG A 156 15.41 -17.94 37.60
C ARG A 156 14.00 -17.42 37.45
N ILE A 157 13.67 -16.29 38.09
CA ILE A 157 12.31 -15.77 38.03
C ILE A 157 11.87 -15.46 36.60
N PRO A 158 12.65 -14.74 35.80
CA PRO A 158 12.30 -14.64 34.38
C PRO A 158 12.56 -15.97 33.68
N CYS A 159 12.29 -16.06 32.39
CA CYS A 159 12.39 -17.33 31.67
C CYS A 159 11.45 -18.37 32.28
N LYS A 160 10.15 -18.09 32.11
CA LYS A 160 9.10 -18.89 32.74
C LYS A 160 8.92 -20.24 32.05
N GLU A 161 9.99 -21.02 32.00
CA GLU A 161 9.92 -22.41 31.55
C GLU A 161 10.69 -23.37 32.45
N ILE A 162 11.65 -22.88 33.22
CA ILE A 162 12.37 -23.70 34.20
C ILE A 162 12.43 -22.89 35.49
N TYR A 163 11.46 -23.13 36.37
CA TYR A 163 11.37 -22.37 37.62
C TYR A 163 11.05 -23.37 38.72
N ASP A 164 12.04 -23.66 39.56
CA ASP A 164 11.88 -24.61 40.65
C ASP A 164 11.53 -23.93 41.97
N GLY A 165 10.86 -22.78 41.93
CA GLY A 165 10.51 -22.09 43.14
C GLY A 165 9.05 -21.71 43.24
N GLN A 166 8.17 -22.56 42.67
CA GLN A 166 6.74 -22.27 42.73
C GLN A 166 6.24 -22.30 44.17
N GLU A 167 6.96 -22.96 45.07
CA GLU A 167 6.58 -22.96 46.47
C GLU A 167 7.00 -21.67 47.15
N LEU A 168 8.18 -21.15 46.82
CA LEU A 168 8.69 -20.01 47.56
C LEU A 168 8.02 -18.71 47.15
N ILE A 169 7.63 -18.56 45.89
CA ILE A 169 6.87 -17.42 45.45
C ILE A 169 6.32 -17.67 44.06
N ALA A 170 5.10 -17.19 43.80
CA ALA A 170 4.48 -17.45 42.51
C ALA A 170 5.17 -16.65 41.43
N ASN A 171 5.44 -17.30 40.30
CA ASN A 171 6.11 -16.61 39.21
C ASN A 171 5.25 -15.52 38.62
N GLU A 172 3.93 -15.66 38.70
CA GLU A 172 3.04 -14.66 38.11
C GLU A 172 3.04 -13.38 38.94
N VAL A 173 3.15 -13.51 40.26
CA VAL A 173 3.10 -12.32 41.11
C VAL A 173 4.45 -11.61 41.13
N ALA A 174 5.55 -12.36 41.23
CA ALA A 174 6.85 -11.73 41.39
C ALA A 174 7.27 -10.98 40.13
N VAL A 175 6.62 -11.24 39.00
CA VAL A 175 6.87 -10.44 37.81
C VAL A 175 6.12 -9.13 37.90
N ARG A 176 4.93 -9.16 38.50
CA ARG A 176 4.15 -7.93 38.63
C ARG A 176 4.84 -6.94 39.55
N TYR A 177 5.37 -7.42 40.68
CA TYR A 177 5.99 -6.54 41.67
C TYR A 177 7.17 -5.80 41.07
N LEU A 178 7.94 -6.46 40.20
CA LEU A 178 9.15 -5.84 39.65
C LEU A 178 8.84 -5.08 38.38
N ARG A 179 8.01 -5.66 37.51
CA ARG A 179 7.63 -4.97 36.29
C ARG A 179 6.92 -3.66 36.60
N CYS A 180 6.28 -3.56 37.76
CA CYS A 180 5.66 -2.32 38.18
C CYS A 180 6.70 -1.30 38.62
N ILE A 181 7.62 -1.70 39.49
CA ILE A 181 8.63 -0.78 40.02
C ILE A 181 9.45 -0.16 38.91
N SER A 182 9.64 -0.89 37.81
CA SER A 182 10.35 -0.34 36.66
C SER A 182 9.65 0.89 36.12
N GLN A 183 8.36 0.76 35.83
CA GLN A 183 7.64 1.85 35.19
C GLN A 183 7.56 3.08 36.08
N ALA A 184 7.67 2.90 37.41
CA ALA A 184 7.82 4.05 38.29
C ALA A 184 9.07 4.84 37.95
N LEU A 185 10.20 4.16 37.87
CA LEU A 185 11.42 4.83 37.43
C LEU A 185 11.29 5.31 35.99
N GLY A 186 10.44 4.66 35.20
CA GLY A 186 10.25 5.12 33.83
C GLY A 186 9.67 6.51 33.75
N TRP A 187 8.51 6.71 34.36
CA TRP A 187 7.88 8.03 34.31
C TRP A 187 8.67 9.03 35.15
N CYS A 188 9.15 8.62 36.32
CA CYS A 188 9.92 9.52 37.16
C CYS A 188 11.22 9.95 36.48
N PHE A 189 11.72 9.14 35.55
CA PHE A 189 12.88 9.55 34.77
C PHE A 189 12.49 10.56 33.71
N VAL A 190 11.45 10.25 32.93
CA VAL A 190 11.03 11.14 31.85
C VAL A 190 10.60 12.49 32.40
N LEU A 191 10.09 12.52 33.64
CA LEU A 191 9.73 13.80 34.24
C LEU A 191 10.97 14.64 34.51
N LEU A 192 11.94 14.05 35.22
CA LEU A 192 13.17 14.77 35.53
C LEU A 192 13.94 15.14 34.27
N MET A 193 13.72 14.44 33.18
CA MET A 193 14.40 14.76 31.93
C MET A 193 13.77 15.98 31.28
N THR A 194 12.45 15.93 31.08
CA THR A 194 11.76 17.05 30.43
C THR A 194 11.84 18.31 31.25
N THR A 195 11.81 18.18 32.58
CA THR A 195 11.98 19.35 33.43
C THR A 195 13.36 19.96 33.25
N LEU A 196 14.34 19.16 32.86
CA LEU A 196 15.67 19.71 32.63
C LEU A 196 15.74 20.42 31.28
N ALA A 197 15.10 19.84 30.26
CA ALA A 197 15.06 20.51 28.96
C ALA A 197 14.32 21.82 29.05
N PHE A 198 13.19 21.84 29.76
CA PHE A 198 12.43 23.08 29.91
C PHE A 198 13.22 24.13 30.66
N LEU A 199 14.19 23.70 31.47
CA LEU A 199 14.93 24.66 32.29
C LEU A 199 16.08 25.27 31.50
N VAL A 200 16.83 24.44 30.76
CA VAL A 200 17.96 24.95 30.00
C VAL A 200 17.49 25.61 28.72
N ARG A 201 16.29 25.28 28.25
CA ARG A 201 15.79 25.85 27.02
C ARG A 201 15.35 27.30 27.20
N SER A 202 15.27 27.78 28.43
CA SER A 202 14.77 29.13 28.69
C SER A 202 15.58 29.83 29.76
N LEU A 203 16.91 29.72 29.72
CA LEU A 203 17.71 30.33 30.77
C LEU A 203 19.13 30.55 30.28
N ARG A 204 20.04 30.80 31.23
CA ARG A 204 21.41 31.30 31.16
C ARG A 204 22.52 30.51 30.46
N PRO A 205 22.45 29.16 30.31
CA PRO A 205 23.69 28.40 30.09
C PRO A 205 24.41 28.73 28.78
N CYS A 206 25.12 29.86 28.78
CA CYS A 206 25.87 30.32 27.62
C CYS A 206 24.94 30.59 26.44
N PHE A 207 23.96 31.46 26.66
CA PHE A 207 22.94 31.80 25.68
C PHE A 207 23.01 33.27 25.27
N THR A 208 24.08 33.96 25.68
CA THR A 208 24.18 35.40 25.54
C THR A 208 24.02 35.82 24.08
N GLN A 209 23.51 37.04 23.89
CA GLN A 209 23.19 37.50 22.55
C GLN A 209 24.45 37.75 21.73
N ALA A 210 25.45 38.36 22.34
CA ALA A 210 26.67 38.70 21.61
C ALA A 210 27.36 37.45 21.10
N VAL A 211 27.67 36.51 22.00
CA VAL A 211 28.41 35.33 21.62
C VAL A 211 27.62 34.48 20.63
N PHE A 212 26.30 34.61 20.62
CA PHE A 212 25.51 33.80 19.71
C PHE A 212 25.74 34.19 18.27
N LEU A 213 25.86 35.49 17.99
CA LEU A 213 26.02 35.92 16.60
C LEU A 213 27.32 35.42 16.01
N LYS A 214 28.38 35.35 16.82
CA LYS A 214 29.65 34.81 16.33
C LYS A 214 29.47 33.39 15.80
N SER A 215 28.84 32.53 16.60
CA SER A 215 28.70 31.13 16.20
C SER A 215 27.88 31.00 14.93
N ARG A 216 26.74 31.69 14.87
CA ARG A 216 25.89 31.57 13.69
C ARG A 216 26.58 32.14 12.46
N TYR A 217 27.51 33.08 12.65
CA TYR A 217 28.18 33.68 11.51
C TYR A 217 29.27 32.77 10.97
N TRP A 218 30.03 32.13 11.85
CA TRP A 218 31.10 31.27 11.39
C TRP A 218 30.57 30.02 10.71
N SER A 219 29.30 29.69 10.91
CA SER A 219 28.73 28.55 10.19
C SER A 219 28.61 28.85 8.71
N HIS A 220 28.05 30.00 8.36
CA HIS A 220 27.88 30.34 6.95
C HIS A 220 29.22 30.45 6.24
N TYR A 221 30.24 30.97 6.94
CA TYR A 221 31.57 31.03 6.37
C TYR A 221 32.06 29.65 5.97
N ILE A 222 31.80 28.65 6.81
CA ILE A 222 32.26 27.31 6.49
C ILE A 222 31.47 26.73 5.32
N ASP A 223 30.21 27.12 5.17
CA ASP A 223 29.38 26.48 4.15
C ASP A 223 29.65 27.06 2.76
N ILE A 224 29.58 28.38 2.62
CA ILE A 224 29.79 28.96 1.31
C ILE A 224 31.23 28.80 0.85
N GLU A 225 32.15 28.53 1.77
CA GLU A 225 33.52 28.21 1.38
C GLU A 225 33.56 26.97 0.50
N ARG A 226 33.03 25.85 1.01
CA ARG A 226 33.03 24.60 0.26
C ARG A 226 32.28 24.75 -1.06
N LYS A 227 31.16 25.46 -1.04
CA LYS A 227 30.41 25.66 -2.27
C LYS A 227 31.19 26.52 -3.25
N LEU A 228 31.83 27.58 -2.77
CA LEU A 228 32.54 28.47 -3.67
C LEU A 228 33.85 27.86 -4.15
N PHE A 229 34.45 26.96 -3.39
CA PHE A 229 35.70 26.35 -3.84
C PHE A 229 35.45 25.41 -5.01
N ASP A 230 34.41 24.57 -4.91
CA ASP A 230 34.12 23.60 -5.96
C ASP A 230 33.84 24.29 -7.29
N GLU A 231 33.27 25.49 -7.24
CA GLU A 231 33.00 26.20 -8.48
C GLU A 231 34.29 26.59 -9.19
N THR A 232 35.26 27.12 -8.46
CA THR A 232 36.46 27.60 -9.11
C THR A 232 37.31 26.45 -9.65
N CYS A 233 37.39 25.36 -8.90
CA CYS A 233 38.22 24.25 -9.35
C CYS A 233 37.68 23.63 -10.62
N ALA A 234 36.39 23.30 -10.65
CA ALA A 234 35.78 22.74 -11.84
C ALA A 234 35.91 23.69 -13.02
N GLU A 235 35.74 24.97 -12.77
CA GLU A 235 35.88 25.95 -13.85
C GLU A 235 37.33 26.02 -14.33
N HIS A 236 38.29 25.69 -13.46
CA HIS A 236 39.68 25.75 -13.89
C HIS A 236 40.04 24.55 -14.74
N ALA A 237 39.46 23.39 -14.46
CA ALA A 237 39.76 22.20 -15.25
C ALA A 237 39.22 22.33 -16.66
N LYS A 238 37.96 22.76 -16.78
CA LYS A 238 37.33 22.88 -18.10
C LYS A 238 38.12 23.79 -19.02
N SER A 239 38.75 24.82 -18.46
CA SER A 239 39.63 25.64 -19.28
C SER A 239 40.92 24.91 -19.64
N PHE A 240 41.24 23.81 -18.95
CA PHE A 240 42.49 23.13 -19.17
C PHE A 240 42.35 21.79 -19.86
N ALA A 241 41.25 21.07 -19.66
CA ALA A 241 41.13 19.75 -20.25
C ALA A 241 41.05 19.80 -21.76
N LYS A 242 40.54 20.89 -22.31
CA LYS A 242 40.33 20.97 -23.75
C LYS A 242 41.63 20.83 -24.53
N VAL A 243 42.76 21.20 -23.95
CA VAL A 243 44.01 21.06 -24.68
C VAL A 243 44.41 19.61 -24.79
N CYS A 244 43.82 18.73 -23.96
CA CYS A 244 44.17 17.32 -24.03
C CYS A 244 43.28 16.56 -25.00
N ILE A 245 41.99 16.93 -25.07
CA ILE A 245 41.06 16.19 -25.92
C ILE A 245 41.24 16.47 -27.39
N GLN A 246 42.09 17.44 -27.74
CA GLN A 246 42.44 17.67 -29.13
C GLN A 246 43.69 16.94 -29.54
N GLN A 247 44.11 15.94 -28.77
CA GLN A 247 45.21 15.06 -29.14
C GLN A 247 44.76 13.64 -29.40
N PHE A 248 43.72 13.18 -28.71
CA PHE A 248 43.10 11.91 -29.10
C PHE A 248 42.36 12.06 -30.42
N PHE A 249 41.59 13.15 -30.57
CA PHE A 249 41.00 13.44 -31.86
C PHE A 249 42.08 13.88 -32.83
N GLN A 250 41.69 14.02 -34.10
CA GLN A 250 42.54 14.43 -35.21
C GLN A 250 43.82 13.60 -35.32
N GLY A 251 43.87 12.44 -34.67
CA GLY A 251 45.04 11.60 -34.71
C GLY A 251 44.69 10.14 -34.85
N MET A 252 43.39 9.82 -34.81
CA MET A 252 42.99 8.43 -34.98
C MET A 252 43.22 8.04 -36.43
N SER A 253 42.45 8.62 -37.34
CA SER A 253 42.74 8.57 -38.76
C SER A 253 42.47 9.89 -39.46
N LYS A 254 41.76 10.83 -38.83
CA LYS A 254 41.22 12.03 -39.43
C LYS A 254 40.11 11.74 -40.42
N ASP A 255 39.69 10.49 -40.57
CA ASP A 255 38.67 10.10 -41.52
C ASP A 255 38.08 8.77 -41.09
N LEU A 256 36.75 8.65 -41.20
CA LEU A 256 36.07 7.40 -40.94
C LEU A 256 36.11 6.52 -42.18
N THR A 257 36.44 5.25 -41.98
CA THR A 257 36.46 4.30 -43.09
C THR A 257 35.07 3.77 -43.41
N ALA A 258 34.14 3.81 -42.45
CA ALA A 258 32.81 3.25 -42.67
C ALA A 258 31.95 4.10 -43.59
N THR A 259 32.45 5.25 -44.04
CA THR A 259 31.67 6.09 -44.95
C THR A 259 31.37 5.37 -46.25
N HIS A 260 30.16 5.56 -46.77
CA HIS A 260 29.75 4.91 -47.99
C HIS A 260 30.28 5.64 -49.22
N ALA B 27 25.21 -1.11 2.42
CA ALA B 27 25.32 -1.31 3.87
C ALA B 27 24.05 -1.95 4.41
N LEU B 28 22.89 -1.43 3.99
CA LEU B 28 21.62 -1.99 4.46
C LEU B 28 21.37 -3.38 3.90
N ALA B 29 21.88 -3.66 2.70
CA ALA B 29 21.74 -5.01 2.13
C ALA B 29 22.53 -6.05 2.91
N SER B 30 23.52 -5.61 3.71
CA SER B 30 24.28 -6.54 4.53
C SER B 30 23.42 -7.16 5.62
N ALA B 31 22.48 -6.40 6.16
CA ALA B 31 21.64 -6.93 7.23
C ALA B 31 20.50 -7.77 6.69
N GLN B 32 19.86 -7.32 5.61
CA GLN B 32 18.69 -8.03 5.10
C GLN B 32 19.05 -9.37 4.47
N LEU B 33 20.25 -9.47 3.88
CA LEU B 33 20.65 -10.74 3.29
C LEU B 33 20.84 -11.82 4.34
N TYR B 34 21.05 -11.42 5.60
CA TYR B 34 21.17 -12.40 6.67
C TYR B 34 19.87 -13.19 6.86
N SER B 35 18.73 -12.54 6.61
CA SER B 35 17.46 -13.27 6.70
C SER B 35 17.32 -14.28 5.57
N ALA B 36 17.85 -13.95 4.39
CA ALA B 36 17.77 -14.88 3.26
C ALA B 36 18.57 -16.14 3.54
N PHE B 37 19.79 -15.98 4.06
CA PHE B 37 20.58 -17.14 4.48
C PHE B 37 19.84 -17.90 5.57
N ASP B 38 19.94 -19.23 5.52
CA ASP B 38 19.24 -20.10 6.45
C ASP B 38 20.28 -20.91 7.22
N PHE B 39 20.72 -20.38 8.35
CA PHE B 39 21.76 -21.03 9.13
C PHE B 39 21.30 -22.39 9.64
N ASN B 40 22.25 -23.32 9.69
CA ASN B 40 22.01 -24.64 10.29
C ASN B 40 23.35 -25.33 10.51
N CYS B 41 23.62 -25.76 11.73
CA CYS B 41 24.96 -26.19 12.08
C CYS B 41 25.04 -27.71 12.08
N PRO B 42 25.91 -28.30 11.29
CA PRO B 42 26.04 -29.76 11.31
C PRO B 42 26.59 -30.24 12.63
N CYS B 43 25.77 -30.92 13.41
CA CYS B 43 26.14 -31.34 14.75
C CYS B 43 27.14 -32.49 14.65
N LEU B 44 28.38 -32.15 14.39
CA LEU B 44 29.48 -33.10 14.39
C LEU B 44 30.60 -32.55 15.25
N PRO B 45 31.50 -33.42 15.70
CA PRO B 45 32.52 -32.99 16.66
C PRO B 45 33.47 -31.92 16.14
N ARG B 46 34.16 -32.16 15.03
CA ARG B 46 35.23 -31.27 14.60
C ARG B 46 34.83 -30.35 13.46
N TYR B 47 33.60 -30.50 12.93
CA TYR B 47 33.18 -29.64 11.84
C TYR B 47 32.48 -28.38 12.31
N ASN B 48 31.92 -28.40 13.52
CA ASN B 48 31.27 -27.21 14.06
C ASN B 48 32.21 -26.02 14.05
N LEU B 49 33.40 -26.19 14.64
CA LEU B 49 34.37 -25.11 14.73
C LEU B 49 34.73 -24.58 13.35
N ALA B 50 34.68 -25.42 12.33
CA ALA B 50 34.94 -24.94 10.99
C ALA B 50 33.72 -24.21 10.43
N TYR B 51 32.56 -24.86 10.45
CA TYR B 51 31.40 -24.27 9.80
C TYR B 51 30.94 -23.02 10.52
N GLY B 52 31.20 -22.93 11.83
CA GLY B 52 30.80 -21.74 12.56
C GLY B 52 31.59 -20.52 12.15
N LEU B 53 32.91 -20.57 12.34
CA LEU B 53 33.74 -19.42 12.02
C LEU B 53 33.63 -19.03 10.56
N GLY B 54 33.48 -20.01 9.67
CA GLY B 54 33.39 -19.70 8.25
C GLY B 54 32.23 -18.78 7.93
N VAL B 55 31.08 -19.03 8.54
CA VAL B 55 29.96 -18.13 8.38
C VAL B 55 30.26 -16.78 9.02
N LEU B 56 31.20 -16.73 9.95
CA LEU B 56 31.49 -15.47 10.63
C LEU B 56 32.46 -14.60 9.84
N LEU B 57 33.51 -15.19 9.27
CA LEU B 57 34.58 -14.43 8.65
C LEU B 57 34.50 -14.31 7.14
N VAL B 58 34.11 -15.38 6.44
CA VAL B 58 34.15 -15.36 4.99
C VAL B 58 33.20 -14.32 4.40
N PRO B 59 31.92 -14.27 4.75
CA PRO B 59 31.02 -13.25 4.21
C PRO B 59 31.54 -11.85 4.44
N PRO B 60 32.19 -11.56 5.57
CA PRO B 60 32.92 -10.29 5.66
C PRO B 60 33.93 -10.10 4.56
N LEU B 61 34.77 -11.11 4.29
CA LEU B 61 35.81 -10.96 3.29
C LEU B 61 35.23 -10.70 1.91
N ILE B 62 34.04 -11.23 1.62
CA ILE B 62 33.39 -10.94 0.36
C ILE B 62 33.04 -9.46 0.28
N LEU B 63 32.40 -8.94 1.31
CA LEU B 63 31.95 -7.55 1.29
C LEU B 63 33.13 -6.59 1.30
N PHE B 64 34.29 -7.02 1.79
CA PHE B 64 35.46 -6.17 1.73
C PHE B 64 35.90 -5.97 0.29
N LEU B 65 36.23 -7.07 -0.41
CA LEU B 65 36.62 -6.97 -1.81
C LEU B 65 35.51 -6.35 -2.64
N LEU B 66 34.25 -6.65 -2.34
CA LEU B 66 33.15 -6.04 -3.08
C LEU B 66 33.11 -4.54 -2.88
N GLY B 67 33.68 -4.05 -1.77
CA GLY B 67 33.73 -2.61 -1.57
C GLY B 67 34.61 -1.90 -2.57
N PHE B 68 35.57 -2.61 -3.15
CA PHE B 68 36.49 -1.97 -4.08
C PHE B 68 35.90 -1.91 -5.48
N VAL B 69 35.39 -3.05 -5.98
CA VAL B 69 34.93 -3.12 -7.36
C VAL B 69 33.77 -2.17 -7.61
N LEU B 70 33.02 -1.82 -6.57
CA LEU B 70 31.95 -0.85 -6.77
C LEU B 70 32.50 0.56 -6.83
N ASN B 71 33.67 0.80 -6.25
CA ASN B 71 34.30 2.10 -6.38
C ASN B 71 34.80 2.29 -7.80
N ASN B 72 35.09 3.54 -8.16
CA ASN B 72 35.54 3.86 -9.50
C ASN B 72 37.00 4.22 -9.57
N ASN B 73 37.59 4.74 -8.49
CA ASN B 73 38.98 5.12 -8.55
C ASN B 73 39.94 3.95 -8.43
N VAL B 74 39.44 2.72 -8.37
CA VAL B 74 40.32 1.58 -8.14
C VAL B 74 41.29 1.40 -9.30
N SER B 75 40.84 1.71 -10.51
CA SER B 75 41.71 1.53 -11.67
C SER B 75 42.90 2.47 -11.62
N MET B 76 42.68 3.72 -11.19
CA MET B 76 43.74 4.72 -11.20
C MET B 76 44.91 4.26 -10.33
N LEU B 77 44.61 3.65 -9.19
CA LEU B 77 45.67 3.15 -8.33
C LEU B 77 46.48 2.06 -9.03
N ALA B 78 45.80 1.08 -9.62
CA ALA B 78 46.50 -0.01 -10.29
C ALA B 78 47.28 0.50 -11.49
N GLU B 79 46.67 1.37 -12.30
CA GLU B 79 47.39 1.97 -13.41
C GLU B 79 48.58 2.78 -12.92
N GLU B 80 48.46 3.39 -11.74
CA GLU B 80 49.53 4.21 -11.20
C GLU B 80 50.52 3.38 -10.40
N TRP B 81 50.01 2.57 -9.48
CA TRP B 81 50.90 1.80 -8.60
C TRP B 81 51.59 0.65 -9.34
N ARG B 82 51.16 0.32 -10.55
CA ARG B 82 51.79 -0.78 -11.27
C ARG B 82 53.24 -0.49 -11.56
N ARG B 83 53.54 0.72 -12.04
CA ARG B 83 54.91 1.09 -12.38
C ARG B 83 55.79 1.12 -11.14
N PRO B 84 56.72 0.19 -10.96
CA PRO B 84 57.66 0.25 -9.85
C PRO B 84 58.92 1.03 -10.18
N GLN B 85 58.74 2.22 -10.75
CA GLN B 85 59.87 3.02 -11.23
C GLN B 85 59.98 4.39 -10.58
N GLY B 86 58.92 4.90 -9.97
CA GLY B 86 58.99 6.17 -9.27
C GLY B 86 58.63 7.40 -10.09
N GLN B 87 58.34 7.25 -11.38
CA GLN B 87 57.95 8.36 -12.22
C GLN B 87 56.44 8.60 -12.18
N ARG B 88 55.78 8.17 -11.11
CA ARG B 88 54.33 8.25 -10.99
C ARG B 88 53.84 9.67 -11.17
N GLN B 89 52.65 9.80 -11.76
CA GLN B 89 52.22 11.09 -12.29
C GLN B 89 51.62 11.98 -11.20
N LYS B 90 50.63 11.46 -10.47
CA LYS B 90 49.84 12.30 -9.57
C LYS B 90 50.68 12.94 -8.48
N ASP B 91 51.21 12.13 -7.56
CA ASP B 91 52.05 12.61 -6.48
C ASP B 91 52.46 11.43 -5.63
N ALA B 92 53.54 11.61 -4.87
CA ALA B 92 53.95 10.59 -3.92
C ALA B 92 53.04 10.54 -2.71
N ALA B 93 52.40 11.65 -2.36
CA ALA B 93 51.60 11.73 -1.14
C ALA B 93 50.10 11.65 -1.39
N VAL B 94 49.63 12.16 -2.53
CA VAL B 94 48.20 12.16 -2.80
C VAL B 94 47.67 10.73 -2.90
N LEU B 95 48.46 9.85 -3.52
CA LEU B 95 48.05 8.45 -3.66
C LEU B 95 47.81 7.83 -2.29
N ARG B 96 48.75 8.01 -1.38
CA ARG B 96 48.62 7.43 -0.04
C ARG B 96 47.35 7.90 0.64
N TYR B 97 46.96 9.15 0.40
CA TYR B 97 45.71 9.64 0.96
C TYR B 97 44.52 8.93 0.33
N MET B 98 44.47 8.95 -1.01
CA MET B 98 43.31 8.39 -1.70
C MET B 98 43.15 6.91 -1.39
N PHE B 99 44.25 6.20 -1.25
CA PHE B 99 44.18 4.79 -0.87
C PHE B 99 43.62 4.65 0.53
N CYS B 100 44.21 5.37 1.50
CA CYS B 100 43.77 5.24 2.88
C CYS B 100 42.35 5.74 3.07
N SER B 101 41.86 6.57 2.16
CA SER B 101 40.46 7.00 2.23
C SER B 101 39.53 5.91 1.73
N MET B 102 39.88 5.28 0.62
CA MET B 102 38.99 4.28 0.04
C MET B 102 38.86 3.07 0.96
N VAL B 103 39.92 2.73 1.68
CA VAL B 103 39.85 1.57 2.57
C VAL B 103 38.87 1.83 3.70
N GLN B 104 38.74 3.10 4.11
CA GLN B 104 37.84 3.40 5.22
C GLN B 104 36.39 3.16 4.83
N ARG B 105 35.96 3.68 3.69
CA ARG B 105 34.58 3.51 3.28
C ARG B 105 34.23 2.07 2.94
N ALA B 106 35.21 1.18 2.88
CA ALA B 106 34.95 -0.25 2.70
C ALA B 106 34.66 -0.95 4.01
N MET B 107 35.28 -0.51 5.11
CA MET B 107 35.11 -1.20 6.39
C MET B 107 33.67 -1.18 6.89
N ILE B 108 32.83 -0.28 6.40
CA ILE B 108 31.49 -0.13 6.97
C ILE B 108 30.67 -1.39 6.73
N ALA B 109 30.76 -1.96 5.52
CA ALA B 109 29.96 -3.13 5.21
C ALA B 109 30.33 -4.33 6.09
N PRO B 110 31.57 -4.80 6.11
CA PRO B 110 31.89 -5.96 6.94
C PRO B 110 31.73 -5.68 8.43
N ALA B 111 31.85 -4.43 8.85
CA ALA B 111 31.64 -4.13 10.26
C ALA B 111 30.21 -4.40 10.68
N VAL B 112 29.25 -4.07 9.81
CA VAL B 112 27.85 -4.32 10.14
C VAL B 112 27.57 -5.81 10.21
N TRP B 113 28.18 -6.58 9.30
CA TRP B 113 27.91 -8.01 9.27
C TRP B 113 28.40 -8.70 10.53
N VAL B 114 29.64 -8.41 10.94
CA VAL B 114 30.23 -9.16 12.05
C VAL B 114 29.51 -8.84 13.35
N SER B 115 28.85 -7.70 13.42
CA SER B 115 28.15 -7.32 14.65
C SER B 115 26.77 -7.96 14.70
N VAL B 116 25.95 -7.71 13.69
CA VAL B 116 24.57 -8.17 13.71
C VAL B 116 24.49 -9.69 13.73
N THR B 117 25.53 -10.35 13.23
CA THR B 117 25.57 -11.80 13.34
C THR B 117 26.03 -12.24 14.72
N LEU B 118 26.69 -11.34 15.45
CA LEU B 118 27.09 -11.68 16.81
C LEU B 118 25.99 -11.40 17.81
N LEU B 119 24.98 -10.64 17.41
CA LEU B 119 23.83 -10.39 18.27
C LEU B 119 22.74 -11.42 18.10
N ASP B 120 23.06 -12.60 17.58
CA ASP B 120 22.10 -13.68 17.46
C ASP B 120 22.55 -14.97 18.12
N GLY B 121 23.85 -15.25 18.18
CA GLY B 121 24.34 -16.43 18.84
C GLY B 121 24.40 -17.66 17.97
N LYS B 122 23.53 -17.78 16.96
CA LYS B 122 23.49 -18.99 16.15
C LYS B 122 24.82 -19.22 15.45
N CYS B 123 25.49 -18.13 15.04
CA CYS B 123 26.81 -18.28 14.44
C CYS B 123 27.85 -18.63 15.49
N ILE B 124 27.55 -18.35 16.75
CA ILE B 124 28.52 -18.60 17.81
C ILE B 124 28.07 -19.72 18.74
N THR B 125 26.76 -20.00 18.80
CA THR B 125 26.27 -21.01 19.71
C THR B 125 26.76 -22.40 19.32
N CYS B 126 26.98 -22.63 18.03
CA CYS B 126 27.47 -23.92 17.60
C CYS B 126 28.95 -23.91 17.28
N ALA B 127 29.60 -22.76 17.39
CA ALA B 127 31.04 -22.70 17.20
C ALA B 127 31.76 -23.31 18.39
N PHE B 128 31.40 -22.89 19.60
CA PHE B 128 32.08 -23.31 20.81
C PHE B 128 31.22 -24.18 21.70
N CYS B 129 30.10 -24.68 21.17
CA CYS B 129 29.22 -25.53 21.97
C CYS B 129 29.93 -26.77 22.51
N THR B 130 30.97 -27.24 21.82
CA THR B 130 31.72 -28.42 22.25
C THR B 130 32.89 -28.06 23.15
N SER B 131 32.80 -26.93 23.86
CA SER B 131 33.89 -26.51 24.71
C SER B 131 33.48 -26.02 26.08
N LEU B 132 32.20 -25.74 26.32
CA LEU B 132 31.80 -25.16 27.58
C LEU B 132 31.98 -26.15 28.72
N PRO B 133 31.98 -25.68 29.96
CA PRO B 133 32.11 -26.59 31.10
C PRO B 133 30.75 -27.08 31.56
N VAL B 134 30.64 -28.38 31.82
CA VAL B 134 29.38 -28.95 32.28
C VAL B 134 29.32 -29.06 33.80
N GLU B 135 30.47 -29.25 34.44
CA GLU B 135 30.54 -29.38 35.89
C GLU B 135 30.56 -28.03 36.61
N ALA B 136 30.20 -26.96 35.93
CA ALA B 136 30.16 -25.63 36.52
C ALA B 136 28.76 -25.05 36.58
N LEU B 137 28.07 -24.97 35.44
CA LEU B 137 26.71 -24.46 35.39
C LEU B 137 25.68 -25.52 35.04
N GLY B 138 26.10 -26.63 34.45
CA GLY B 138 25.17 -27.68 34.04
C GLY B 138 24.92 -28.71 35.10
N ASN B 139 24.81 -29.97 34.69
CA ASN B 139 24.56 -31.07 35.62
C ASN B 139 25.87 -31.44 36.32
N ALA B 140 25.86 -32.59 37.00
CA ALA B 140 27.01 -33.02 37.77
C ALA B 140 28.24 -33.22 36.88
N SER B 141 29.39 -33.44 37.52
CA SER B 141 30.64 -33.53 36.78
C SER B 141 30.68 -34.77 35.89
N HIS B 142 30.15 -35.90 36.37
CA HIS B 142 30.19 -37.13 35.60
C HIS B 142 29.00 -38.00 35.96
N HIS B 143 28.36 -38.57 34.93
CA HIS B 143 27.23 -39.49 35.12
C HIS B 143 27.44 -40.81 34.39
N GLY B 144 28.68 -41.16 34.06
CA GLY B 144 28.95 -42.45 33.46
C GLY B 144 29.23 -42.44 31.98
N LEU B 145 30.03 -41.49 31.50
CA LEU B 145 30.41 -41.42 30.10
C LEU B 145 31.89 -41.10 29.99
N PRO B 146 32.58 -41.64 29.00
CA PRO B 146 34.01 -41.41 28.86
C PRO B 146 34.29 -39.97 28.42
N GLN B 147 35.58 -39.67 28.25
CA GLN B 147 36.02 -38.35 27.86
C GLN B 147 35.94 -38.12 26.35
N GLY B 148 35.53 -39.11 25.58
CA GLY B 148 35.42 -38.95 24.15
C GLY B 148 34.01 -38.64 23.70
N GLU B 149 33.03 -39.34 24.25
CA GLU B 149 31.64 -39.14 23.84
C GLU B 149 31.09 -37.80 24.28
N VAL B 150 31.71 -37.16 25.27
CA VAL B 150 31.25 -35.85 25.72
C VAL B 150 31.22 -34.88 24.54
N LYS B 151 32.30 -34.84 23.76
CA LYS B 151 32.26 -34.14 22.49
C LYS B 151 31.20 -34.75 21.59
N ARG B 152 31.09 -36.07 21.60
CA ARG B 152 30.07 -36.73 20.77
C ARG B 152 28.67 -36.32 21.21
N VAL B 153 28.50 -36.01 22.48
CA VAL B 153 27.16 -35.72 22.99
C VAL B 153 26.92 -34.23 23.08
N LEU B 154 27.90 -33.46 23.57
CA LEU B 154 27.69 -32.03 23.70
C LEU B 154 27.52 -31.37 22.35
N ALA B 155 28.12 -31.95 21.31
CA ALA B 155 28.19 -31.28 20.01
C ALA B 155 26.81 -31.02 19.45
N ARG B 156 25.83 -31.85 19.77
CA ARG B 156 24.49 -31.70 19.20
C ARG B 156 23.61 -30.75 19.98
N ILE B 157 24.19 -29.81 20.72
CA ILE B 157 23.38 -28.90 21.54
C ILE B 157 22.41 -28.08 20.71
N PRO B 158 22.83 -27.44 19.63
CA PRO B 158 21.84 -26.84 18.73
C PRO B 158 21.08 -27.92 17.99
N CYS B 159 20.13 -27.56 17.13
CA CYS B 159 19.28 -28.54 16.45
C CYS B 159 18.51 -29.37 17.48
N LYS B 160 17.60 -28.68 18.16
CA LYS B 160 16.86 -29.26 19.27
C LYS B 160 15.79 -30.23 18.80
N GLU B 161 16.20 -31.26 18.06
CA GLU B 161 15.32 -32.37 17.71
C GLU B 161 15.98 -33.73 17.90
N ILE B 162 17.30 -33.80 17.92
CA ILE B 162 18.02 -35.04 18.20
C ILE B 162 19.11 -34.69 19.22
N TYR B 163 18.81 -34.86 20.50
CA TYR B 163 19.74 -34.50 21.56
C TYR B 163 19.71 -35.63 22.58
N ASP B 164 20.77 -36.42 22.62
CA ASP B 164 20.87 -37.56 23.54
C ASP B 164 21.62 -37.21 24.81
N GLY B 165 21.58 -35.95 25.23
CA GLY B 165 22.29 -35.56 26.43
C GLY B 165 21.44 -34.80 27.42
N GLN B 166 20.15 -35.14 27.49
CA GLN B 166 19.27 -34.46 28.44
C GLN B 166 19.69 -34.74 29.88
N GLU B 167 20.43 -35.82 30.10
CA GLU B 167 20.93 -36.10 31.44
C GLU B 167 22.15 -35.25 31.77
N LEU B 168 23.04 -35.04 30.79
CA LEU B 168 24.29 -34.37 31.09
C LEU B 168 24.12 -32.87 31.24
N ILE B 169 23.20 -32.26 30.49
CA ILE B 169 22.89 -30.86 30.67
C ILE B 169 21.61 -30.53 29.91
N ALA B 170 20.79 -29.65 30.48
CA ALA B 170 19.52 -29.33 29.85
C ALA B 170 19.75 -28.50 28.60
N ASN B 171 19.05 -28.86 27.52
CA ASN B 171 19.22 -28.13 26.27
C ASN B 171 18.72 -26.69 26.40
N GLU B 172 17.75 -26.45 27.27
CA GLU B 172 17.21 -25.10 27.40
C GLU B 172 18.19 -24.18 28.09
N VAL B 173 18.95 -24.69 29.06
CA VAL B 173 19.88 -23.85 29.80
C VAL B 173 21.15 -23.61 29.00
N ALA B 174 21.69 -24.66 28.38
CA ALA B 174 22.99 -24.53 27.72
C ALA B 174 22.90 -23.62 26.50
N VAL B 175 21.69 -23.34 26.00
CA VAL B 175 21.56 -22.34 24.94
C VAL B 175 21.60 -20.95 25.53
N ARG B 176 21.06 -20.78 26.74
CA ARG B 176 21.08 -19.47 27.38
C ARG B 176 22.51 -19.04 27.70
N TYR B 177 23.30 -19.96 28.25
CA TYR B 177 24.66 -19.63 28.66
C TYR B 177 25.50 -19.15 27.48
N LEU B 178 25.30 -19.73 26.30
CA LEU B 178 26.12 -19.38 25.15
C LEU B 178 25.51 -18.23 24.36
N ARG B 179 24.20 -18.26 24.18
CA ARG B 179 23.52 -17.16 23.49
C ARG B 179 23.73 -15.85 24.22
N CYS B 180 23.95 -15.90 25.52
CA CYS B 180 24.25 -14.69 26.29
C CYS B 180 25.67 -14.21 26.02
N ILE B 181 26.66 -15.11 26.12
CA ILE B 181 28.05 -14.73 25.94
C ILE B 181 28.28 -14.10 24.59
N SER B 182 27.52 -14.50 23.58
CA SER B 182 27.63 -13.90 22.26
C SER B 182 27.33 -12.41 22.32
N GLN B 183 26.18 -12.05 22.89
CA GLN B 183 25.76 -10.66 22.87
C GLN B 183 26.71 -9.77 23.67
N ALA B 184 27.45 -10.36 24.62
CA ALA B 184 28.50 -9.60 25.27
C ALA B 184 29.55 -9.16 24.26
N LEU B 185 30.05 -10.10 23.46
CA LEU B 185 30.96 -9.74 22.39
C LEU B 185 30.28 -8.85 21.37
N GLY B 186 28.95 -8.95 21.25
CA GLY B 186 28.25 -8.10 20.31
C GLY B 186 28.36 -6.63 20.66
N TRP B 187 27.94 -6.26 21.87
CA TRP B 187 28.02 -4.87 22.27
C TRP B 187 29.45 -4.43 22.47
N CYS B 188 30.28 -5.29 23.07
CA CYS B 188 31.67 -4.94 23.29
C CYS B 188 32.42 -4.76 21.97
N PHE B 189 31.93 -5.38 20.89
CA PHE B 189 32.51 -5.14 19.58
C PHE B 189 32.05 -3.80 19.03
N VAL B 190 30.74 -3.54 19.05
CA VAL B 190 30.21 -2.30 18.51
C VAL B 190 30.77 -1.09 19.25
N LEU B 191 31.10 -1.26 20.53
CA LEU B 191 31.70 -0.17 21.27
C LEU B 191 33.10 0.14 20.75
N LEU B 192 33.94 -0.88 20.68
CA LEU B 192 35.30 -0.69 20.19
C LEU B 192 35.32 -0.23 18.73
N MET B 193 34.25 -0.49 17.99
CA MET B 193 34.21 -0.05 16.61
C MET B 193 33.88 1.44 16.53
N THR B 194 32.80 1.85 17.20
CA THR B 194 32.41 3.25 17.15
C THR B 194 33.45 4.15 17.80
N THR B 195 34.10 3.66 18.85
CA THR B 195 35.18 4.43 19.45
C THR B 195 36.33 4.62 18.47
N LEU B 196 36.50 3.70 17.52
CA LEU B 196 37.56 3.86 16.54
C LEU B 196 37.15 4.87 15.48
N ALA B 197 35.90 4.83 15.05
CA ALA B 197 35.41 5.81 14.08
C ALA B 197 35.47 7.21 14.66
N PHE B 198 35.06 7.37 15.91
CA PHE B 198 35.10 8.68 16.56
C PHE B 198 36.52 9.19 16.68
N LEU B 199 37.50 8.28 16.72
CA LEU B 199 38.88 8.69 16.92
C LEU B 199 39.54 9.12 15.62
N VAL B 200 39.32 8.34 14.54
CA VAL B 200 39.93 8.67 13.26
C VAL B 200 39.15 9.78 12.57
N ARG B 201 37.89 9.98 12.95
CA ARG B 201 37.08 11.00 12.31
C ARG B 201 37.47 12.40 12.78
N SER B 202 38.29 12.52 13.81
CA SER B 202 38.64 13.82 14.37
C SER B 202 40.10 13.90 14.73
N LEU B 203 40.99 13.41 13.88
CA LEU B 203 42.40 13.43 14.23
C LEU B 203 43.25 13.33 12.95
N ARG B 204 44.54 13.02 13.15
CA ARG B 204 45.70 13.07 12.27
C ARG B 204 45.79 12.21 11.00
N PRO B 205 45.08 11.05 10.88
CA PRO B 205 45.55 10.05 9.90
C PRO B 205 45.48 10.50 8.44
N CYS B 206 46.46 11.31 8.05
CA CYS B 206 46.55 11.83 6.69
C CYS B 206 45.34 12.69 6.35
N PHE B 207 45.12 13.72 7.16
CA PHE B 207 43.97 14.62 7.05
C PHE B 207 44.41 16.04 6.74
N THR B 208 45.69 16.24 6.42
CA THR B 208 46.29 17.55 6.30
C THR B 208 45.55 18.40 5.27
N GLN B 209 45.58 19.71 5.48
CA GLN B 209 44.79 20.61 4.65
C GLN B 209 45.35 20.69 3.23
N ALA B 210 46.68 20.77 3.12
CA ALA B 210 47.30 20.91 1.80
C ALA B 210 46.98 19.72 0.93
N VAL B 211 47.31 18.51 1.41
CA VAL B 211 47.14 17.32 0.59
C VAL B 211 45.68 17.07 0.28
N PHE B 212 44.77 17.59 1.10
CA PHE B 212 43.35 17.35 0.85
C PHE B 212 42.88 18.05 -0.41
N LEU B 213 43.36 19.27 -0.66
CA LEU B 213 42.89 20.01 -1.83
C LEU B 213 43.29 19.33 -3.12
N LYS B 214 44.47 18.71 -3.15
CA LYS B 214 44.90 17.97 -4.33
C LYS B 214 43.89 16.89 -4.68
N SER B 215 43.52 16.07 -3.70
CA SER B 215 42.62 14.96 -3.99
C SER B 215 41.26 15.45 -4.47
N ARG B 216 40.69 16.44 -3.78
CA ARG B 216 39.38 16.93 -4.19
C ARG B 216 39.43 17.59 -5.55
N TYR B 217 40.59 18.10 -5.95
CA TYR B 217 40.70 18.77 -7.24
C TYR B 217 40.81 17.76 -8.37
N TRP B 218 41.59 16.70 -8.17
CA TRP B 218 41.75 15.72 -9.23
C TRP B 218 40.47 14.93 -9.49
N SER B 219 39.53 14.97 -8.55
CA SER B 219 38.25 14.31 -8.80
C SER B 219 37.46 15.04 -9.88
N HIS B 220 37.33 16.36 -9.76
CA HIS B 220 36.58 17.12 -10.75
C HIS B 220 37.20 17.02 -12.13
N TYR B 221 38.53 16.97 -12.19
CA TYR B 221 39.21 16.79 -13.46
C TYR B 221 38.77 15.51 -14.13
N ILE B 222 38.63 14.43 -13.36
CA ILE B 222 38.22 13.16 -13.94
C ILE B 222 36.77 13.21 -14.38
N ASP B 223 35.93 13.99 -13.70
CA ASP B 223 34.50 13.95 -14.01
C ASP B 223 34.18 14.79 -15.24
N ILE B 224 34.59 16.05 -15.26
CA ILE B 224 34.26 16.89 -16.40
C ILE B 224 34.99 16.44 -17.66
N GLU B 225 36.04 15.65 -17.52
CA GLU B 225 36.68 15.06 -18.69
C GLU B 225 35.71 14.17 -19.44
N ARG B 226 35.15 13.16 -18.75
CA ARG B 226 34.22 12.24 -19.40
C ARG B 226 33.01 12.98 -19.95
N LYS B 227 32.50 13.96 -19.22
CA LYS B 227 31.36 14.72 -19.71
C LYS B 227 31.73 15.54 -20.93
N LEU B 228 32.91 16.18 -20.90
CA LEU B 228 33.30 17.02 -22.02
C LEU B 228 33.72 16.21 -23.24
N PHE B 229 34.20 14.98 -23.04
CA PHE B 229 34.59 14.18 -24.20
C PHE B 229 33.38 13.74 -24.99
N ASP B 230 32.34 13.26 -24.30
CA ASP B 230 31.14 12.77 -24.98
C ASP B 230 30.49 13.86 -25.81
N GLU B 231 30.61 15.11 -25.39
CA GLU B 231 30.02 16.18 -26.16
C GLU B 231 30.72 16.35 -27.50
N THR B 232 32.05 16.33 -27.51
CA THR B 232 32.76 16.59 -28.76
C THR B 232 32.60 15.44 -29.73
N CYS B 233 32.61 14.21 -29.25
CA CYS B 233 32.51 13.07 -30.15
C CYS B 233 31.15 13.05 -30.84
N ALA B 234 30.07 13.14 -30.06
CA ALA B 234 28.73 13.15 -30.65
C ALA B 234 28.57 14.31 -31.62
N GLU B 235 29.11 15.47 -31.26
CA GLU B 235 29.03 16.61 -32.16
C GLU B 235 29.84 16.37 -33.43
N HIS B 236 30.87 15.54 -33.36
CA HIS B 236 31.67 15.28 -34.56
C HIS B 236 30.95 14.32 -35.50
N ALA B 237 30.21 13.37 -34.96
CA ALA B 237 29.49 12.42 -35.81
C ALA B 237 28.39 13.11 -36.58
N LYS B 238 27.58 13.92 -35.87
CA LYS B 238 26.45 14.59 -36.50
C LYS B 238 26.88 15.44 -37.68
N SER B 239 28.07 16.02 -37.60
CA SER B 239 28.60 16.73 -38.76
C SER B 239 29.03 15.78 -39.86
N PHE B 240 29.18 14.50 -39.55
CA PHE B 240 29.69 13.55 -40.53
C PHE B 240 28.66 12.57 -41.05
N ALA B 241 27.66 12.20 -40.22
CA ALA B 241 26.70 11.20 -40.66
C ALA B 241 25.83 11.70 -41.79
N LYS B 242 25.61 13.01 -41.87
CA LYS B 242 24.69 13.56 -42.86
C LYS B 242 25.14 13.25 -44.28
N VAL B 243 26.43 13.08 -44.51
CA VAL B 243 26.87 12.78 -45.87
C VAL B 243 26.50 11.37 -46.25
N CYS B 244 26.17 10.51 -45.28
CA CYS B 244 25.80 9.14 -45.59
C CYS B 244 24.30 9.00 -45.83
N ILE B 245 23.49 9.74 -45.09
CA ILE B 245 22.05 9.60 -45.18
C ILE B 245 21.48 10.22 -46.44
N GLN B 246 22.29 10.94 -47.21
CA GLN B 246 21.87 11.44 -48.50
C GLN B 246 22.24 10.50 -49.63
N GLN B 247 22.57 9.26 -49.32
CA GLN B 247 22.78 8.23 -50.33
C GLN B 247 21.73 7.15 -50.31
N PHE B 248 21.17 6.85 -49.14
CA PHE B 248 19.98 5.99 -49.10
C PHE B 248 18.77 6.73 -49.67
N PHE B 249 18.59 8.00 -49.27
CA PHE B 249 17.57 8.81 -49.91
C PHE B 249 18.00 9.16 -51.32
N GLN B 250 17.07 9.77 -52.06
CA GLN B 250 17.24 10.20 -53.45
C GLN B 250 17.76 9.09 -54.36
N GLY B 251 17.66 7.82 -53.93
CA GLY B 251 18.15 6.72 -54.71
C GLY B 251 17.20 5.54 -54.66
N MET B 252 16.16 5.63 -53.83
CA MET B 252 15.21 4.54 -53.77
C MET B 252 14.40 4.52 -55.06
N SER B 253 13.59 5.55 -55.28
CA SER B 253 12.99 5.81 -56.57
C SER B 253 12.95 7.29 -56.91
N LYS B 254 13.18 8.19 -55.94
CA LYS B 254 12.96 9.62 -56.01
C LYS B 254 11.48 9.97 -56.12
N ASP B 255 10.58 9.00 -56.02
CA ASP B 255 9.15 9.23 -56.14
C ASP B 255 8.41 8.08 -55.49
N LEU B 256 7.35 8.41 -54.76
CA LEU B 256 6.48 7.41 -54.17
C LEU B 256 5.45 6.95 -55.20
N THR B 257 5.27 5.63 -55.29
CA THR B 257 4.29 5.08 -56.21
C THR B 257 2.89 5.10 -55.63
N ALA B 258 2.76 5.16 -54.30
CA ALA B 258 1.45 5.11 -53.66
C ALA B 258 0.67 6.41 -53.81
N THR B 259 1.24 7.44 -54.44
CA THR B 259 0.54 8.70 -54.62
C THR B 259 -0.69 8.50 -55.49
N HIS B 260 -1.78 9.19 -55.13
CA HIS B 260 -3.03 9.06 -55.86
C HIS B 260 -3.02 9.91 -57.13
N ALA C 27 19.11 -9.37 -13.80
CA ALA C 27 19.89 -9.99 -12.73
C ALA C 27 19.00 -10.35 -11.54
N LEU C 28 18.16 -9.41 -11.14
CA LEU C 28 17.26 -9.65 -10.01
C LEU C 28 16.20 -10.68 -10.34
N ALA C 29 15.78 -10.76 -11.62
CA ALA C 29 14.81 -11.78 -12.02
C ALA C 29 15.38 -13.18 -11.94
N SER C 30 16.71 -13.31 -11.91
CA SER C 30 17.34 -14.62 -11.78
C SER C 30 17.06 -15.24 -10.42
N ALA C 31 16.99 -14.41 -9.37
CA ALA C 31 16.76 -14.94 -8.03
C ALA C 31 15.28 -15.20 -7.77
N GLN C 32 14.41 -14.30 -8.21
CA GLN C 32 13.00 -14.44 -7.91
C GLN C 32 12.35 -15.58 -8.68
N LEU C 33 12.84 -15.88 -9.88
CA LEU C 33 12.28 -16.99 -10.65
C LEU C 33 12.55 -18.32 -9.98
N TYR C 34 13.57 -18.38 -9.11
CA TYR C 34 13.84 -19.61 -8.38
C TYR C 34 12.68 -19.99 -7.47
N SER C 35 11.99 -18.98 -6.92
CA SER C 35 10.83 -19.29 -6.09
C SER C 35 9.68 -19.84 -6.93
N ALA C 36 9.53 -19.36 -8.17
CA ALA C 36 8.47 -19.86 -9.04
C ALA C 36 8.68 -21.33 -9.37
N PHE C 37 9.91 -21.71 -9.71
CA PHE C 37 10.22 -23.11 -9.91
C PHE C 37 9.99 -23.90 -8.63
N ASP C 38 9.48 -25.12 -8.78
CA ASP C 38 9.13 -25.96 -7.64
C ASP C 38 9.97 -27.24 -7.72
N PHE C 39 11.14 -27.21 -7.09
CA PHE C 39 12.04 -28.34 -7.15
C PHE C 39 11.44 -29.58 -6.51
N ASN C 40 11.76 -30.73 -7.10
CA ASN C 40 11.38 -32.03 -6.53
C ASN C 40 12.17 -33.12 -7.21
N CYS C 41 12.87 -33.95 -6.44
CA CYS C 41 13.85 -34.85 -7.02
C CYS C 41 13.27 -36.25 -7.13
N PRO C 42 13.22 -36.83 -8.31
CA PRO C 42 12.72 -38.19 -8.42
C PRO C 42 13.65 -39.18 -7.75
N CYS C 43 13.20 -39.77 -6.66
CA CYS C 43 14.05 -40.64 -5.86
C CYS C 43 14.23 -41.97 -6.59
N LEU C 44 15.13 -41.96 -7.56
CA LEU C 44 15.52 -43.16 -8.28
C LEU C 44 17.04 -43.25 -8.28
N PRO C 45 17.58 -44.43 -8.52
CA PRO C 45 19.03 -44.63 -8.38
C PRO C 45 19.86 -43.79 -9.34
N ARG C 46 19.65 -43.91 -10.65
CA ARG C 46 20.55 -43.30 -11.61
C ARG C 46 20.01 -42.02 -12.22
N TYR C 47 18.78 -41.63 -11.88
CA TYR C 47 18.22 -40.42 -12.45
C TYR C 47 18.49 -39.19 -11.59
N ASN C 48 18.75 -39.38 -10.30
CA ASN C 48 19.08 -38.26 -9.42
C ASN C 48 20.25 -37.46 -9.97
N LEU C 49 21.36 -38.14 -10.25
CA LEU C 49 22.56 -37.48 -10.74
C LEU C 49 22.29 -36.71 -12.03
N ALA C 50 21.33 -37.17 -12.83
CA ALA C 50 20.97 -36.43 -14.03
C ALA C 50 20.09 -35.24 -13.68
N TYR C 51 18.99 -35.48 -12.98
CA TYR C 51 18.03 -34.41 -12.73
C TYR C 51 18.62 -33.33 -11.83
N GLY C 52 19.57 -33.71 -10.97
CA GLY C 52 20.18 -32.71 -10.10
C GLY C 52 21.03 -31.72 -10.86
N LEU C 53 22.07 -32.22 -11.54
CA LEU C 53 22.97 -31.35 -12.27
C LEU C 53 22.24 -30.53 -13.33
N GLY C 54 21.24 -31.13 -13.97
CA GLY C 54 20.52 -30.42 -15.02
C GLY C 54 19.89 -29.14 -14.51
N VAL C 55 19.28 -29.19 -13.32
CA VAL C 55 18.76 -27.98 -12.73
C VAL C 55 19.89 -27.03 -12.36
N LEU C 56 21.10 -27.54 -12.20
CA LEU C 56 22.21 -26.67 -11.82
C LEU C 56 22.83 -25.95 -13.00
N LEU C 57 23.03 -26.65 -14.12
CA LEU C 57 23.79 -26.11 -15.24
C LEU C 57 22.93 -25.54 -16.37
N VAL C 58 21.83 -26.19 -16.71
CA VAL C 58 21.05 -25.78 -17.87
C VAL C 58 20.48 -24.38 -17.71
N PRO C 59 19.77 -24.04 -16.64
CA PRO C 59 19.24 -22.68 -16.46
C PRO C 59 20.32 -21.63 -16.56
N PRO C 60 21.54 -21.89 -16.06
CA PRO C 60 22.65 -20.99 -16.39
C PRO C 60 22.84 -20.81 -17.88
N LEU C 61 22.88 -21.90 -18.64
CA LEU C 61 23.14 -21.80 -20.08
C LEU C 61 22.07 -20.99 -20.78
N ILE C 62 20.83 -21.03 -20.29
CA ILE C 62 19.77 -20.20 -20.87
C ILE C 62 20.10 -18.73 -20.66
N LEU C 63 20.42 -18.36 -19.43
CA LEU C 63 20.66 -16.96 -19.12
C LEU C 63 21.92 -16.45 -19.81
N PHE C 64 22.85 -17.33 -20.16
CA PHE C 64 24.02 -16.90 -20.90
C PHE C 64 23.62 -16.44 -22.30
N LEU C 65 23.02 -17.33 -23.08
CA LEU C 65 22.56 -16.96 -24.42
C LEU C 65 21.55 -15.82 -24.36
N LEU C 66 20.69 -15.80 -23.35
CA LEU C 66 19.74 -14.70 -23.23
C LEU C 66 20.44 -13.39 -22.98
N GLY C 67 21.67 -13.43 -22.46
CA GLY C 67 22.41 -12.19 -22.27
C GLY C 67 22.79 -11.52 -23.57
N PHE C 68 22.87 -12.30 -24.66
CA PHE C 68 23.28 -11.73 -25.93
C PHE C 68 22.11 -11.10 -26.66
N VAL C 69 20.99 -11.84 -26.77
CA VAL C 69 19.87 -11.37 -27.58
C VAL C 69 19.29 -10.08 -27.01
N LEU C 70 19.46 -9.83 -25.72
CA LEU C 70 18.99 -8.57 -25.17
C LEU C 70 19.92 -7.43 -25.51
N ASN C 71 21.20 -7.74 -25.77
CA ASN C 71 22.12 -6.71 -26.21
C ASN C 71 21.78 -6.29 -27.63
N ASN C 72 22.30 -5.13 -28.04
CA ASN C 72 22.02 -4.60 -29.37
C ASN C 72 23.19 -4.70 -30.32
N ASN C 73 24.42 -4.71 -29.81
CA ASN C 73 25.56 -4.77 -30.71
C ASN C 73 25.84 -6.16 -31.25
N VAL C 74 24.99 -7.14 -30.94
CA VAL C 74 25.28 -8.52 -31.35
C VAL C 74 25.27 -8.64 -32.86
N SER C 75 24.39 -7.89 -33.53
CA SER C 75 24.32 -7.98 -34.98
C SER C 75 25.59 -7.50 -35.65
N MET C 76 26.18 -6.42 -35.14
CA MET C 76 27.37 -5.84 -35.75
C MET C 76 28.50 -6.85 -35.81
N LEU C 77 28.66 -7.64 -34.76
CA LEU C 77 29.70 -8.67 -34.77
C LEU C 77 29.43 -9.69 -35.86
N ALA C 78 28.22 -10.21 -35.93
CA ALA C 78 27.89 -11.23 -36.93
C ALA C 78 28.01 -10.66 -38.34
N GLU C 79 27.48 -9.45 -38.56
CA GLU C 79 27.64 -8.81 -39.85
C GLU C 79 29.10 -8.58 -40.18
N GLU C 80 29.91 -8.32 -39.15
CA GLU C 80 31.33 -8.06 -39.37
C GLU C 80 32.14 -9.34 -39.40
N TRP C 81 31.96 -10.19 -38.39
CA TRP C 81 32.76 -11.41 -38.28
C TRP C 81 32.39 -12.45 -39.32
N ARG C 82 31.25 -12.27 -40.01
CA ARG C 82 30.84 -13.25 -41.01
C ARG C 82 31.86 -13.35 -42.14
N ARG C 83 32.33 -12.22 -42.65
CA ARG C 83 33.27 -12.20 -43.76
C ARG C 83 34.60 -12.78 -43.33
N PRO C 84 34.99 -13.97 -43.81
CA PRO C 84 36.31 -14.52 -43.51
C PRO C 84 37.37 -14.09 -44.52
N GLN C 85 37.41 -12.79 -44.82
CA GLN C 85 38.29 -12.28 -45.86
C GLN C 85 39.30 -11.25 -45.37
N GLY C 86 39.08 -10.63 -44.21
CA GLY C 86 40.04 -9.70 -43.67
C GLY C 86 39.85 -8.25 -44.03
N GLN C 87 38.86 -7.92 -44.87
CA GLN C 87 38.57 -6.55 -45.24
C GLN C 87 37.61 -5.88 -44.26
N ARG C 88 37.54 -6.39 -43.04
CA ARG C 88 36.59 -5.91 -42.04
C ARG C 88 36.73 -4.41 -41.82
N GLN C 89 35.60 -3.76 -41.54
CA GLN C 89 35.52 -2.31 -41.64
C GLN C 89 36.06 -1.63 -40.38
N LYS C 90 35.54 -2.01 -39.21
CA LYS C 90 35.82 -1.26 -37.99
C LYS C 90 37.30 -1.24 -37.63
N ASP C 91 37.85 -2.41 -37.28
CA ASP C 91 39.25 -2.53 -36.92
C ASP C 91 39.53 -3.97 -36.57
N ALA C 92 40.81 -4.35 -36.63
CA ALA C 92 41.19 -5.67 -36.18
C ALA C 92 41.18 -5.79 -34.67
N ALA C 93 41.38 -4.68 -33.95
CA ALA C 93 41.51 -4.71 -32.50
C ALA C 93 40.26 -4.26 -31.78
N VAL C 94 39.50 -3.33 -32.35
CA VAL C 94 38.32 -2.82 -31.66
C VAL C 94 37.29 -3.93 -31.48
N LEU C 95 37.15 -4.79 -32.48
CA LEU C 95 36.19 -5.89 -32.38
C LEU C 95 36.51 -6.78 -31.20
N ARG C 96 37.78 -7.16 -31.05
CA ARG C 96 38.18 -8.03 -29.95
C ARG C 96 37.84 -7.41 -28.62
N TYR C 97 37.94 -6.08 -28.51
CA TYR C 97 37.55 -5.42 -27.28
C TYR C 97 36.05 -5.52 -27.06
N MET C 98 35.28 -5.11 -28.08
CA MET C 98 33.83 -5.07 -27.91
C MET C 98 33.26 -6.45 -27.63
N PHE C 99 33.85 -7.48 -28.24
CA PHE C 99 33.43 -8.84 -27.94
C PHE C 99 33.74 -9.20 -26.49
N CYS C 100 34.99 -9.00 -26.08
CA CYS C 100 35.39 -9.38 -24.73
C CYS C 100 34.67 -8.54 -23.68
N SER C 101 34.15 -7.38 -24.06
CA SER C 101 33.37 -6.59 -23.12
C SER C 101 31.97 -7.15 -22.97
N MET C 102 31.35 -7.52 -24.09
CA MET C 102 29.97 -7.99 -24.03
C MET C 102 29.87 -9.31 -23.27
N VAL C 103 30.90 -10.15 -23.38
CA VAL C 103 30.87 -11.43 -22.67
C VAL C 103 30.89 -11.21 -21.17
N GLN C 104 31.54 -10.14 -20.72
CA GLN C 104 31.64 -9.91 -19.28
C GLN C 104 30.27 -9.58 -18.69
N ARG C 105 29.55 -8.65 -19.31
CA ARG C 105 28.25 -8.26 -18.77
C ARG C 105 27.21 -9.37 -18.88
N ALA C 106 27.52 -10.46 -19.56
CA ALA C 106 26.65 -11.63 -19.60
C ALA C 106 26.87 -12.56 -18.42
N MET C 107 28.10 -12.65 -17.93
CA MET C 107 28.40 -13.59 -16.85
C MET C 107 27.65 -13.28 -15.56
N ILE C 108 27.15 -12.06 -15.38
CA ILE C 108 26.55 -11.69 -14.11
C ILE C 108 25.30 -12.51 -13.83
N ALA C 109 24.47 -12.71 -14.85
CA ALA C 109 23.23 -13.45 -14.64
C ALA C 109 23.49 -14.90 -14.23
N PRO C 110 24.20 -15.71 -15.01
CA PRO C 110 24.41 -17.10 -14.59
C PRO C 110 25.23 -17.22 -13.32
N ALA C 111 26.07 -16.24 -13.01
CA ALA C 111 26.83 -16.30 -11.77
C ALA C 111 25.91 -16.23 -10.57
N VAL C 112 24.87 -15.40 -10.64
CA VAL C 112 23.94 -15.29 -9.52
C VAL C 112 23.16 -16.59 -9.35
N TRP C 113 22.78 -17.21 -10.46
CA TRP C 113 21.96 -18.42 -10.38
C TRP C 113 22.74 -19.55 -9.72
N VAL C 114 23.98 -19.78 -10.16
CA VAL C 114 24.70 -20.95 -9.68
C VAL C 114 25.04 -20.82 -8.21
N SER C 115 25.08 -19.59 -7.69
CA SER C 115 25.40 -19.39 -6.29
C SER C 115 24.17 -19.57 -5.41
N VAL C 116 23.12 -18.80 -5.69
CA VAL C 116 21.95 -18.81 -4.83
C VAL C 116 21.27 -20.17 -4.82
N THR C 117 21.47 -20.95 -5.89
CA THR C 117 20.95 -22.30 -5.88
C THR C 117 21.88 -23.24 -5.10
N LEU C 118 23.13 -22.83 -4.89
CA LEU C 118 24.03 -23.65 -4.10
C LEU C 118 23.90 -23.35 -2.62
N LEU C 119 23.26 -22.23 -2.28
CA LEU C 119 23.01 -21.90 -0.88
C LEU C 119 21.71 -22.45 -0.37
N ASP C 120 21.17 -23.48 -1.03
CA ASP C 120 19.95 -24.14 -0.56
C ASP C 120 20.10 -25.63 -0.38
N GLY C 121 20.96 -26.29 -1.14
CA GLY C 121 21.19 -27.71 -0.98
C GLY C 121 20.24 -28.60 -1.74
N LYS C 122 19.01 -28.15 -1.99
CA LYS C 122 18.02 -29.01 -2.65
C LYS C 122 18.51 -29.42 -4.04
N CYS C 123 19.21 -28.52 -4.73
CA CYS C 123 19.77 -28.89 -6.03
C CYS C 123 20.96 -29.81 -5.86
N ILE C 124 21.57 -29.83 -4.68
CA ILE C 124 22.74 -30.66 -4.47
C ILE C 124 22.46 -31.80 -3.50
N THR C 125 21.43 -31.68 -2.66
CA THR C 125 21.16 -32.71 -1.67
C THR C 125 20.74 -34.00 -2.32
N CYS C 126 20.08 -33.92 -3.48
CA CYS C 126 19.66 -35.12 -4.17
C CYS C 126 20.56 -35.46 -5.34
N ALA C 127 21.57 -34.65 -5.62
CA ALA C 127 22.52 -34.98 -6.66
C ALA C 127 23.45 -36.09 -6.19
N PHE C 128 24.03 -35.94 -5.00
CA PHE C 128 25.02 -36.87 -4.50
C PHE C 128 24.53 -37.66 -3.30
N CYS C 129 23.22 -37.63 -3.03
CA CYS C 129 22.68 -38.36 -1.90
C CYS C 129 22.96 -39.85 -1.97
N THR C 130 23.15 -40.40 -3.16
CA THR C 130 23.43 -41.82 -3.33
C THR C 130 24.92 -42.10 -3.35
N SER C 131 25.71 -41.26 -2.70
CA SER C 131 27.16 -41.45 -2.69
C SER C 131 27.82 -41.27 -1.34
N LEU C 132 27.14 -40.69 -0.35
CA LEU C 132 27.79 -40.40 0.92
C LEU C 132 28.14 -41.68 1.65
N PRO C 133 29.03 -41.60 2.64
CA PRO C 133 29.36 -42.80 3.42
C PRO C 133 28.44 -42.96 4.61
N VAL C 134 27.95 -44.18 4.82
CA VAL C 134 27.07 -44.45 5.95
C VAL C 134 27.83 -44.96 7.17
N GLU C 135 28.93 -45.67 6.95
CA GLU C 135 29.73 -46.22 8.04
C GLU C 135 30.69 -45.21 8.63
N ALA C 136 30.51 -43.92 8.36
CA ALA C 136 31.36 -42.87 8.91
C ALA C 136 30.62 -41.93 9.84
N LEU C 137 29.52 -41.33 9.39
CA LEU C 137 28.72 -40.44 10.21
C LEU C 137 27.35 -40.98 10.54
N GLY C 138 26.86 -41.95 9.77
CA GLY C 138 25.53 -42.50 9.99
C GLY C 138 25.51 -43.68 10.94
N ASN C 139 24.69 -44.67 10.63
CA ASN C 139 24.57 -45.86 11.47
C ASN C 139 25.73 -46.79 11.20
N ALA C 140 25.63 -48.03 11.69
CA ALA C 140 26.72 -48.99 11.57
C ALA C 140 27.01 -49.29 10.10
N SER C 141 28.11 -50.02 9.88
CA SER C 141 28.57 -50.28 8.51
C SER C 141 27.60 -51.16 7.75
N HIS C 142 27.01 -52.16 8.41
CA HIS C 142 26.09 -53.07 7.74
C HIS C 142 25.08 -53.61 8.73
N HIS C 143 23.82 -53.64 8.31
CA HIS C 143 22.73 -54.18 9.11
C HIS C 143 21.92 -55.24 8.36
N GLY C 144 22.49 -55.84 7.33
CA GLY C 144 21.81 -56.93 6.64
C GLY C 144 21.19 -56.58 5.30
N LEU C 145 21.90 -55.81 4.47
CA LEU C 145 21.44 -55.48 3.13
C LEU C 145 22.58 -55.60 2.15
N PRO C 146 22.30 -56.03 0.92
CA PRO C 146 23.36 -56.21 -0.08
C PRO C 146 23.91 -54.87 -0.53
N GLN C 147 24.87 -54.94 -1.46
CA GLN C 147 25.53 -53.75 -1.99
C GLN C 147 24.72 -53.09 -3.11
N GLY C 148 23.59 -53.65 -3.49
CA GLY C 148 22.78 -53.06 -4.54
C GLY C 148 21.65 -52.22 -4.01
N GLU C 149 20.95 -52.72 -2.99
CA GLU C 149 19.80 -52.00 -2.45
C GLU C 149 20.20 -50.73 -1.70
N VAL C 150 21.47 -50.63 -1.29
CA VAL C 150 21.93 -49.42 -0.61
C VAL C 150 21.66 -48.19 -1.48
N LYS C 151 22.02 -48.26 -2.75
CA LYS C 151 21.58 -47.26 -3.70
C LYS C 151 20.06 -47.22 -3.76
N ARG C 152 19.43 -48.40 -3.74
CA ARG C 152 17.98 -48.46 -3.78
C ARG C 152 17.38 -47.79 -2.56
N VAL C 153 18.09 -47.81 -1.43
CA VAL C 153 17.52 -47.28 -0.20
C VAL C 153 18.01 -45.88 0.08
N LEU C 154 19.31 -45.61 -0.12
CA LEU C 154 19.83 -44.29 0.16
C LEU C 154 19.23 -43.26 -0.76
N ALA C 155 18.86 -43.66 -1.97
CA ALA C 155 18.46 -42.70 -3.00
C ALA C 155 17.25 -41.89 -2.58
N ARG C 156 16.38 -42.44 -1.74
CA ARG C 156 15.16 -41.74 -1.36
C ARG C 156 15.35 -40.83 -0.16
N ILE C 157 16.57 -40.35 0.09
CA ILE C 157 16.82 -39.52 1.26
C ILE C 157 15.99 -38.24 1.24
N PRO C 158 15.96 -37.48 0.17
CA PRO C 158 15.00 -36.38 0.10
C PRO C 158 13.59 -36.92 -0.06
N CYS C 159 12.59 -36.05 -0.11
CA CYS C 159 11.19 -36.49 -0.16
C CYS C 159 10.86 -37.30 1.10
N LYS C 160 10.86 -36.59 2.22
CA LYS C 160 10.70 -37.22 3.53
C LYS C 160 9.26 -37.64 3.79
N GLU C 161 8.73 -38.48 2.92
CA GLU C 161 7.44 -39.13 3.14
C GLU C 161 7.45 -40.61 2.84
N ILE C 162 8.39 -41.09 2.03
CA ILE C 162 8.56 -42.52 1.76
C ILE C 162 10.05 -42.83 1.88
N TYR C 163 10.46 -43.25 3.07
CA TYR C 163 11.88 -43.51 3.33
C TYR C 163 11.95 -44.81 4.12
N ASP C 164 12.40 -45.87 3.45
CA ASP C 164 12.51 -47.19 4.06
C ASP C 164 13.91 -47.47 4.61
N GLY C 165 14.64 -46.43 5.01
CA GLY C 165 15.97 -46.63 5.52
C GLY C 165 16.23 -45.97 6.85
N GLN C 166 15.18 -45.90 7.70
CA GLN C 166 15.36 -45.29 9.01
C GLN C 166 16.34 -46.08 9.87
N GLU C 167 16.56 -47.35 9.55
CA GLU C 167 17.54 -48.14 10.27
C GLU C 167 18.95 -47.83 9.79
N LEU C 168 19.13 -47.63 8.49
CA LEU C 168 20.49 -47.49 7.97
C LEU C 168 21.07 -46.11 8.26
N ILE C 169 20.25 -45.06 8.26
CA ILE C 169 20.70 -43.75 8.65
C ILE C 169 19.50 -42.84 8.86
N ALA C 170 19.58 -41.96 9.85
CA ALA C 170 18.45 -41.09 10.17
C ALA C 170 18.27 -40.06 9.06
N ASN C 171 17.02 -39.86 8.64
CA ASN C 171 16.75 -38.89 7.59
C ASN C 171 17.06 -37.48 8.05
N GLU C 172 16.94 -37.21 9.34
CA GLU C 172 17.18 -35.85 9.83
C GLU C 172 18.66 -35.51 9.80
N VAL C 173 19.52 -36.49 10.06
CA VAL C 173 20.95 -36.21 10.10
C VAL C 173 21.53 -36.16 8.69
N ALA C 174 21.14 -37.10 7.83
CA ALA C 174 21.76 -37.18 6.52
C ALA C 174 21.40 -35.98 5.64
N VAL C 175 20.38 -35.22 6.01
CA VAL C 175 20.10 -33.97 5.31
C VAL C 175 21.04 -32.88 5.80
N ARG C 176 21.39 -32.91 7.08
CA ARG C 176 22.30 -31.91 7.61
C ARG C 176 23.68 -32.04 7.00
N TYR C 177 24.18 -33.27 6.90
CA TYR C 177 25.53 -33.51 6.39
C TYR C 177 25.68 -32.98 4.97
N LEU C 178 24.64 -33.12 4.15
CA LEU C 178 24.74 -32.72 2.74
C LEU C 178 24.35 -31.27 2.55
N ARG C 179 23.29 -30.84 3.23
CA ARG C 179 22.87 -29.45 3.14
C ARG C 179 23.97 -28.52 3.63
N CYS C 180 24.84 -29.01 4.52
CA CYS C 180 25.97 -28.22 4.98
C CYS C 180 27.05 -28.14 3.90
N ILE C 181 27.44 -29.28 3.33
CA ILE C 181 28.51 -29.31 2.34
C ILE C 181 28.19 -28.42 1.16
N SER C 182 26.90 -28.27 0.83
CA SER C 182 26.50 -27.38 -0.25
C SER C 182 26.94 -25.95 0.04
N GLN C 183 26.58 -25.44 1.21
CA GLN C 183 26.84 -24.04 1.52
C GLN C 183 28.33 -23.75 1.58
N ALA C 184 29.16 -24.77 1.85
CA ALA C 184 30.60 -24.59 1.72
C ALA C 184 30.97 -24.22 0.29
N LEU C 185 30.50 -25.01 -0.67
CA LEU C 185 30.72 -24.64 -2.06
C LEU C 185 30.02 -23.34 -2.41
N GLY C 186 28.96 -23.00 -1.68
CA GLY C 186 28.28 -21.74 -1.94
C GLY C 186 29.17 -20.55 -1.69
N TRP C 187 29.69 -20.42 -0.46
CA TRP C 187 30.54 -19.29 -0.14
C TRP C 187 31.87 -19.39 -0.87
N CYS C 188 32.45 -20.59 -0.94
CA CYS C 188 33.72 -20.76 -1.62
C CYS C 188 33.60 -20.44 -3.11
N PHE C 189 32.40 -20.55 -3.67
CA PHE C 189 32.19 -20.14 -5.05
C PHE C 189 32.11 -18.62 -5.15
N VAL C 190 31.28 -18.00 -4.31
CA VAL C 190 31.11 -16.55 -4.36
C VAL C 190 32.43 -15.84 -4.08
N LEU C 191 33.31 -16.46 -3.28
CA LEU C 191 34.61 -15.86 -3.04
C LEU C 191 35.45 -15.85 -4.30
N LEU C 192 35.60 -17.02 -4.92
CA LEU C 192 36.39 -17.12 -6.15
C LEU C 192 35.79 -16.29 -7.27
N MET C 193 34.50 -16.00 -7.21
CA MET C 193 33.87 -15.18 -8.24
C MET C 193 34.22 -13.71 -8.05
N THR C 194 33.98 -13.19 -6.84
CA THR C 194 34.25 -11.79 -6.58
C THR C 194 35.73 -11.47 -6.68
N THR C 195 36.59 -12.42 -6.29
CA THR C 195 38.02 -12.21 -6.46
C THR C 195 38.39 -12.12 -7.93
N LEU C 196 37.60 -12.73 -8.80
CA LEU C 196 37.89 -12.63 -10.22
C LEU C 196 37.42 -11.28 -10.77
N ALA C 197 36.26 -10.81 -10.33
CA ALA C 197 35.79 -9.50 -10.75
C ALA C 197 36.73 -8.41 -10.28
N PHE C 198 37.19 -8.49 -9.03
CA PHE C 198 38.13 -7.50 -8.51
C PHE C 198 39.44 -7.51 -9.28
N LEU C 199 39.77 -8.64 -9.89
CA LEU C 199 41.06 -8.75 -10.58
C LEU C 199 40.98 -8.19 -12.00
N VAL C 200 39.91 -8.52 -12.72
CA VAL C 200 39.79 -8.04 -14.09
C VAL C 200 39.30 -6.60 -14.10
N ARG C 201 38.68 -6.14 -13.03
CA ARG C 201 38.17 -4.79 -12.98
C ARG C 201 39.29 -3.76 -12.80
N SER C 202 40.49 -4.20 -12.50
CA SER C 202 41.59 -3.29 -12.23
C SER C 202 42.89 -3.76 -12.85
N LEU C 203 42.86 -4.23 -14.09
CA LEU C 203 44.07 -4.74 -14.69
C LEU C 203 43.95 -4.73 -16.23
N ARG C 204 44.85 -5.46 -16.88
CA ARG C 204 45.22 -5.52 -18.29
C ARG C 204 44.23 -5.96 -19.37
N PRO C 205 43.17 -6.77 -19.07
CA PRO C 205 42.55 -7.54 -20.16
C PRO C 205 41.89 -6.70 -21.24
N CYS C 206 42.71 -6.15 -22.13
CA CYS C 206 42.24 -5.32 -23.23
C CYS C 206 41.53 -4.07 -22.71
N PHE C 207 42.25 -3.30 -21.90
CA PHE C 207 41.73 -2.10 -21.25
C PHE C 207 42.47 -0.85 -21.71
N THR C 208 43.30 -0.97 -22.75
CA THR C 208 44.21 0.08 -23.17
C THR C 208 43.45 1.37 -23.47
N GLN C 209 44.14 2.49 -23.28
CA GLN C 209 43.48 3.79 -23.41
C GLN C 209 43.13 4.09 -24.86
N ALA C 210 44.06 3.79 -25.77
CA ALA C 210 43.84 4.11 -27.18
C ALA C 210 42.63 3.36 -27.72
N VAL C 211 42.64 2.03 -27.59
CA VAL C 211 41.57 1.23 -28.16
C VAL C 211 40.23 1.54 -27.51
N PHE C 212 40.25 2.05 -26.29
CA PHE C 212 38.99 2.34 -25.61
C PHE C 212 38.24 3.47 -26.29
N LEU C 213 38.96 4.51 -26.73
CA LEU C 213 38.28 5.66 -27.32
C LEU C 213 37.57 5.28 -28.61
N LYS C 214 38.16 4.37 -29.38
CA LYS C 214 37.50 3.91 -30.60
C LYS C 214 36.12 3.33 -30.30
N SER C 215 36.06 2.42 -29.33
CA SER C 215 34.79 1.77 -29.03
C SER C 215 33.75 2.76 -28.55
N ARG C 216 34.13 3.63 -27.63
CA ARG C 216 33.16 4.59 -27.11
C ARG C 216 32.71 5.57 -28.18
N TYR C 217 33.55 5.80 -29.19
CA TYR C 217 33.18 6.74 -30.24
C TYR C 217 32.22 6.11 -31.24
N TRP C 218 32.45 4.85 -31.60
CA TRP C 218 31.57 4.22 -32.57
C TRP C 218 30.18 3.96 -32.00
N SER C 219 30.03 4.02 -30.68
CA SER C 219 28.70 3.88 -30.11
C SER C 219 27.84 5.08 -30.44
N HIS C 220 28.36 6.29 -30.22
CA HIS C 220 27.58 7.49 -30.49
C HIS C 220 27.22 7.60 -31.96
N TYR C 221 28.14 7.17 -32.84
CA TYR C 221 27.85 7.17 -34.27
C TYR C 221 26.62 6.32 -34.57
N ILE C 222 26.51 5.16 -33.90
CA ILE C 222 25.37 4.30 -34.16
C ILE C 222 24.09 4.92 -33.60
N ASP C 223 24.18 5.68 -32.52
CA ASP C 223 22.97 6.17 -31.88
C ASP C 223 22.40 7.38 -32.61
N ILE C 224 23.21 8.41 -32.83
CA ILE C 224 22.69 9.60 -33.48
C ILE C 224 22.33 9.33 -34.94
N GLU C 225 22.84 8.25 -35.51
CA GLU C 225 22.41 7.84 -36.85
C GLU C 225 20.92 7.54 -36.87
N ARG C 226 20.48 6.61 -36.02
CA ARG C 226 19.07 6.23 -35.99
C ARG C 226 18.19 7.43 -35.64
N LYS C 227 18.64 8.27 -34.72
CA LYS C 227 17.86 9.45 -34.35
C LYS C 227 17.80 10.43 -35.51
N LEU C 228 18.92 10.64 -36.20
CA LEU C 228 18.93 11.61 -37.28
C LEU C 228 18.23 11.09 -38.53
N PHE C 229 18.18 9.77 -38.72
CA PHE C 229 17.49 9.25 -39.90
C PHE C 229 15.99 9.45 -39.78
N ASP C 230 15.42 9.13 -38.61
CA ASP C 230 13.98 9.24 -38.42
C ASP C 230 13.50 10.67 -38.63
N GLU C 231 14.34 11.65 -38.32
CA GLU C 231 13.93 13.02 -38.52
C GLU C 231 13.76 13.35 -39.99
N THR C 232 14.71 12.92 -40.83
CA THR C 232 14.64 13.30 -42.23
C THR C 232 13.50 12.58 -42.95
N CYS C 233 13.28 11.32 -42.62
CA CYS C 233 12.22 10.57 -43.30
C CYS C 233 10.86 11.16 -43.00
N ALA C 234 10.54 11.36 -41.72
CA ALA C 234 9.26 11.94 -41.34
C ALA C 234 9.09 13.32 -41.95
N GLU C 235 10.16 14.10 -41.97
CA GLU C 235 10.07 15.42 -42.59
C GLU C 235 9.85 15.32 -44.09
N HIS C 236 10.30 14.23 -44.71
CA HIS C 236 10.10 14.10 -46.15
C HIS C 236 8.67 13.71 -46.48
N ALA C 237 8.04 12.91 -45.63
CA ALA C 237 6.66 12.50 -45.89
C ALA C 237 5.72 13.69 -45.77
N LYS C 238 5.86 14.47 -44.69
CA LYS C 238 4.97 15.61 -44.45
C LYS C 238 4.99 16.58 -45.62
N SER C 239 6.13 16.72 -46.27
CA SER C 239 6.17 17.54 -47.47
C SER C 239 5.47 16.86 -48.64
N PHE C 240 5.22 15.56 -48.54
CA PHE C 240 4.65 14.82 -49.66
C PHE C 240 3.21 14.40 -49.45
N ALA C 241 2.80 14.12 -48.21
CA ALA C 241 1.45 13.63 -48.00
C ALA C 241 0.40 14.67 -48.32
N LYS C 242 0.74 15.95 -48.21
CA LYS C 242 -0.24 17.01 -48.38
C LYS C 242 -0.84 17.00 -49.78
N VAL C 243 -0.10 16.51 -50.78
CA VAL C 243 -0.66 16.49 -52.13
C VAL C 243 -1.73 15.43 -52.25
N CYS C 244 -1.77 14.48 -51.31
CA CYS C 244 -2.79 13.44 -51.38
C CYS C 244 -4.06 13.83 -50.64
N ILE C 245 -3.93 14.54 -49.51
CA ILE C 245 -5.09 14.88 -48.70
C ILE C 245 -5.94 15.98 -49.31
N GLN C 246 -5.47 16.60 -50.39
CA GLN C 246 -6.28 17.55 -51.13
C GLN C 246 -7.02 16.91 -52.28
N GLN C 247 -7.14 15.59 -52.28
CA GLN C 247 -7.96 14.87 -53.24
C GLN C 247 -9.17 14.21 -52.61
N PHE C 248 -9.05 13.77 -51.36
CA PHE C 248 -10.24 13.35 -50.62
C PHE C 248 -11.12 14.55 -50.29
N PHE C 249 -10.51 15.64 -49.82
CA PHE C 249 -11.26 16.87 -49.65
C PHE C 249 -11.59 17.46 -51.01
N GLN C 250 -12.42 18.51 -50.99
CA GLN C 250 -12.88 19.24 -52.17
C GLN C 250 -13.47 18.33 -53.25
N GLY C 251 -13.82 17.09 -52.89
CA GLY C 251 -14.37 16.16 -53.85
C GLY C 251 -15.51 15.36 -53.27
N MET C 252 -15.77 15.53 -51.97
CA MET C 252 -16.88 14.81 -51.36
C MET C 252 -18.18 15.40 -51.88
N SER C 253 -18.46 16.65 -51.50
CA SER C 253 -19.50 17.44 -52.13
C SER C 253 -19.09 18.89 -52.32
N LYS C 254 -18.02 19.35 -51.67
CA LYS C 254 -17.64 20.74 -51.54
C LYS C 254 -18.61 21.54 -50.69
N ASP C 255 -19.61 20.91 -50.09
CA ASP C 255 -20.62 21.59 -49.29
C ASP C 255 -21.27 20.58 -48.36
N LEU C 256 -21.50 20.99 -47.12
CA LEU C 256 -22.21 20.18 -46.16
C LEU C 256 -23.71 20.37 -46.34
N THR C 257 -24.44 19.26 -46.36
CA THR C 257 -25.89 19.32 -46.48
C THR C 257 -26.57 19.60 -45.14
N ALA C 258 -25.90 19.31 -44.02
CA ALA C 258 -26.51 19.48 -42.71
C ALA C 258 -26.63 20.94 -42.31
N THR C 259 -26.12 21.87 -43.12
CA THR C 259 -26.22 23.29 -42.77
C THR C 259 -27.67 23.74 -42.69
N HIS C 260 -27.97 24.59 -41.72
CA HIS C 260 -29.32 25.07 -41.51
C HIS C 260 -29.66 26.19 -42.48
N ALA D 27 2.27 -10.40 -23.02
CA ALA D 27 3.18 -11.51 -22.69
C ALA D 27 3.05 -11.90 -21.23
N LEU D 28 3.05 -10.91 -20.35
CA LEU D 28 2.93 -11.18 -18.92
C LEU D 28 1.54 -11.70 -18.55
N ALA D 29 0.52 -11.28 -19.29
CA ALA D 29 -0.83 -11.79 -19.04
C ALA D 29 -0.96 -13.27 -19.39
N SER D 30 -0.03 -13.80 -20.20
CA SER D 30 -0.06 -15.22 -20.54
C SER D 30 0.24 -16.08 -19.32
N ALA D 31 1.11 -15.60 -18.42
CA ALA D 31 1.47 -16.39 -17.25
C ALA D 31 0.43 -16.26 -16.15
N GLN D 32 -0.07 -15.05 -15.92
CA GLN D 32 -0.98 -14.82 -14.80
C GLN D 32 -2.35 -15.45 -15.05
N LEU D 33 -2.78 -15.53 -16.31
CA LEU D 33 -4.08 -16.15 -16.60
C LEU D 33 -4.05 -17.64 -16.29
N TYR D 34 -2.87 -18.25 -16.25
CA TYR D 34 -2.78 -19.66 -15.89
C TYR D 34 -3.26 -19.91 -14.47
N SER D 35 -3.05 -18.94 -13.58
CA SER D 35 -3.55 -19.09 -12.21
C SER D 35 -5.07 -19.00 -12.17
N ALA D 36 -5.66 -18.18 -13.03
CA ALA D 36 -7.12 -18.06 -13.08
C ALA D 36 -7.76 -19.37 -13.51
N PHE D 37 -7.22 -19.99 -14.56
CA PHE D 37 -7.69 -21.30 -14.97
C PHE D 37 -7.47 -22.31 -13.85
N ASP D 38 -8.43 -23.22 -13.69
CA ASP D 38 -8.40 -24.20 -12.62
C ASP D 38 -8.37 -25.60 -13.25
N PHE D 39 -7.17 -26.10 -13.48
CA PHE D 39 -7.01 -27.39 -14.13
C PHE D 39 -7.61 -28.51 -13.30
N ASN D 40 -8.18 -29.49 -14.00
CA ASN D 40 -8.68 -30.72 -13.37
C ASN D 40 -8.95 -31.76 -14.44
N CYS D 41 -8.36 -32.94 -14.30
CA CYS D 41 -8.34 -33.90 -15.40
C CYS D 41 -9.40 -34.96 -15.18
N PRO D 42 -10.32 -35.14 -16.09
CA PRO D 42 -11.32 -36.19 -15.92
C PRO D 42 -10.68 -37.56 -16.00
N CYS D 43 -10.64 -38.28 -14.89
CA CYS D 43 -9.96 -39.55 -14.82
C CYS D 43 -10.79 -40.60 -15.56
N LEU D 44 -10.66 -40.60 -16.88
CA LEU D 44 -11.27 -41.60 -17.73
C LEU D 44 -10.22 -42.15 -18.68
N PRO D 45 -10.45 -43.32 -19.24
CA PRO D 45 -9.41 -43.97 -20.04
C PRO D 45 -8.99 -43.19 -21.27
N ARG D 46 -9.91 -42.87 -22.17
CA ARG D 46 -9.55 -42.31 -23.47
C ARG D 46 -9.75 -40.81 -23.56
N TYR D 47 -10.29 -40.18 -22.52
CA TYR D 47 -10.49 -38.74 -22.56
C TYR D 47 -9.31 -37.95 -22.02
N ASN D 48 -8.49 -38.57 -21.17
CA ASN D 48 -7.31 -37.90 -20.65
C ASN D 48 -6.44 -37.37 -21.78
N LEU D 49 -6.07 -38.25 -22.71
CA LEU D 49 -5.20 -37.88 -23.81
C LEU D 49 -5.80 -36.73 -24.63
N ALA D 50 -7.12 -36.63 -24.68
CA ALA D 50 -7.73 -35.50 -25.36
C ALA D 50 -7.68 -34.26 -24.50
N TYR D 51 -8.18 -34.34 -23.27
CA TYR D 51 -8.29 -33.15 -22.45
C TYR D 51 -6.93 -32.60 -22.07
N GLY D 52 -5.92 -33.47 -22.00
CA GLY D 52 -4.59 -33.00 -21.65
C GLY D 52 -3.99 -32.15 -22.74
N LEU D 53 -3.82 -32.72 -23.94
CA LEU D 53 -3.20 -31.99 -25.03
C LEU D 53 -3.98 -30.73 -25.38
N GLY D 54 -5.31 -30.79 -25.28
CA GLY D 54 -6.11 -29.63 -25.63
C GLY D 54 -5.75 -28.41 -24.79
N VAL D 55 -5.55 -28.61 -23.49
CA VAL D 55 -5.10 -27.52 -22.65
C VAL D 55 -3.69 -27.10 -23.03
N LEU D 56 -2.93 -27.98 -23.69
CA LEU D 56 -1.56 -27.64 -24.03
C LEU D 56 -1.46 -26.85 -25.33
N LEU D 57 -2.23 -27.21 -26.34
CA LEU D 57 -2.09 -26.64 -27.68
C LEU D 57 -3.09 -25.53 -28.00
N VAL D 58 -4.35 -25.69 -27.61
CA VAL D 58 -5.38 -24.75 -28.02
C VAL D 58 -5.12 -23.35 -27.48
N PRO D 59 -4.90 -23.14 -26.19
CA PRO D 59 -4.62 -21.79 -25.68
C PRO D 59 -3.45 -21.14 -26.39
N PRO D 60 -2.41 -21.88 -26.76
CA PRO D 60 -1.42 -21.30 -27.68
C PRO D 60 -2.02 -20.78 -28.96
N LEU D 61 -2.87 -21.56 -29.62
CA LEU D 61 -3.43 -21.15 -30.90
C LEU D 61 -4.27 -19.88 -30.76
N ILE D 62 -4.91 -19.69 -29.61
CA ILE D 62 -5.64 -18.45 -29.37
C ILE D 62 -4.68 -17.27 -29.36
N LEU D 63 -3.61 -17.37 -28.58
CA LEU D 63 -2.69 -16.26 -28.43
C LEU D 63 -1.94 -15.98 -29.72
N PHE D 64 -1.84 -16.96 -30.61
CA PHE D 64 -1.23 -16.72 -31.91
C PHE D 64 -2.09 -15.79 -32.74
N LEU D 65 -3.34 -16.19 -33.01
CA LEU D 65 -4.26 -15.33 -33.75
C LEU D 65 -4.47 -14.01 -33.04
N LEU D 66 -4.53 -14.01 -31.72
CA LEU D 66 -4.69 -12.76 -30.99
C LEU D 66 -3.50 -11.85 -31.18
N GLY D 67 -2.34 -12.41 -31.54
CA GLY D 67 -1.18 -11.56 -31.81
C GLY D 67 -1.36 -10.70 -33.04
N PHE D 68 -2.22 -11.12 -33.97
CA PHE D 68 -2.39 -10.37 -35.19
C PHE D 68 -3.38 -9.23 -35.02
N VAL D 69 -4.55 -9.53 -34.44
CA VAL D 69 -5.62 -8.53 -34.35
C VAL D 69 -5.20 -7.35 -33.50
N LEU D 70 -4.25 -7.54 -32.59
CA LEU D 70 -3.77 -6.40 -31.82
C LEU D 70 -2.80 -5.56 -32.62
N ASN D 71 -2.16 -6.15 -33.63
CA ASN D 71 -1.31 -5.37 -34.51
C ASN D 71 -2.17 -4.48 -35.39
N ASN D 72 -1.53 -3.47 -36.00
CA ASN D 72 -2.25 -2.52 -36.83
C ASN D 72 -1.97 -2.70 -38.31
N ASN D 73 -0.81 -3.23 -38.68
CA ASN D 73 -0.51 -3.37 -40.10
C ASN D 73 -1.19 -4.57 -40.73
N VAL D 74 -2.04 -5.29 -40.01
CA VAL D 74 -2.62 -6.51 -40.56
C VAL D 74 -3.52 -6.19 -41.74
N SER D 75 -4.20 -5.05 -41.70
CA SER D 75 -5.10 -4.70 -42.78
C SER D 75 -4.35 -4.46 -44.08
N MET D 76 -3.19 -3.80 -44.00
CA MET D 76 -2.44 -3.46 -45.21
C MET D 76 -2.07 -4.70 -45.99
N LEU D 77 -1.70 -5.77 -45.29
CA LEU D 77 -1.38 -7.02 -45.99
C LEU D 77 -2.60 -7.56 -46.71
N ALA D 78 -3.74 -7.64 -46.03
CA ALA D 78 -4.94 -8.19 -46.65
C ALA D 78 -5.41 -7.30 -47.81
N GLU D 79 -5.40 -5.98 -47.60
CA GLU D 79 -5.74 -5.07 -48.69
C GLU D 79 -4.77 -5.22 -49.85
N GLU D 80 -3.51 -5.52 -49.54
CA GLU D 80 -2.50 -5.65 -50.58
C GLU D 80 -2.45 -7.06 -51.15
N TRP D 81 -2.39 -8.06 -50.28
CA TRP D 81 -2.24 -9.44 -50.74
C TRP D 81 -3.53 -9.97 -51.36
N ARG D 82 -4.65 -9.28 -51.20
CA ARG D 82 -5.91 -9.76 -51.76
C ARG D 82 -5.84 -9.84 -53.28
N ARG D 83 -5.32 -8.80 -53.92
CA ARG D 83 -5.23 -8.76 -55.37
C ARG D 83 -4.28 -9.82 -55.89
N PRO D 84 -4.75 -10.87 -56.54
CA PRO D 84 -3.87 -11.86 -57.15
C PRO D 84 -3.49 -11.50 -58.58
N GLN D 85 -3.08 -10.26 -58.80
CA GLN D 85 -2.81 -9.76 -60.14
C GLN D 85 -1.38 -9.27 -60.34
N GLY D 86 -0.64 -8.97 -59.28
CA GLY D 86 0.75 -8.57 -59.41
C GLY D 86 1.00 -7.08 -59.52
N GLN D 87 -0.04 -6.26 -59.55
CA GLN D 87 0.11 -4.82 -59.62
C GLN D 87 0.23 -4.19 -58.23
N ARG D 88 0.66 -4.98 -57.24
CA ARG D 88 0.72 -4.54 -55.86
C ARG D 88 1.56 -3.28 -55.71
N GLN D 89 1.17 -2.43 -54.77
CA GLN D 89 1.67 -1.05 -54.74
C GLN D 89 3.04 -0.97 -54.06
N LYS D 90 3.15 -1.48 -52.84
CA LYS D 90 4.33 -1.23 -52.02
C LYS D 90 5.60 -1.77 -52.67
N ASP D 91 5.72 -3.09 -52.77
CA ASP D 91 6.88 -3.73 -53.38
C ASP D 91 6.67 -5.23 -53.33
N ALA D 92 7.40 -5.94 -54.18
CA ALA D 92 7.39 -7.39 -54.12
C ALA D 92 8.17 -7.93 -52.93
N ALA D 93 9.17 -7.19 -52.45
CA ALA D 93 10.05 -7.66 -51.40
C ALA D 93 9.73 -7.08 -50.04
N VAL D 94 9.26 -5.84 -49.98
CA VAL D 94 8.99 -5.21 -48.69
C VAL D 94 7.89 -5.95 -47.95
N LEU D 95 6.87 -6.42 -48.68
CA LEU D 95 5.78 -7.15 -48.05
C LEU D 95 6.31 -8.39 -47.35
N ARG D 96 7.14 -9.17 -48.04
CA ARG D 96 7.68 -10.39 -47.46
C ARG D 96 8.43 -10.10 -46.18
N TYR D 97 9.11 -8.96 -46.11
CA TYR D 97 9.79 -8.59 -44.88
C TYR D 97 8.78 -8.29 -43.78
N MET D 98 7.84 -7.39 -44.07
CA MET D 98 6.89 -6.96 -43.05
C MET D 98 6.07 -8.12 -42.53
N PHE D 99 5.73 -9.06 -43.41
CA PHE D 99 5.02 -10.26 -42.96
C PHE D 99 5.89 -11.09 -42.04
N CYS D 100 7.11 -11.41 -42.48
CA CYS D 100 7.99 -12.25 -41.68
C CYS D 100 8.40 -11.57 -40.39
N SER D 101 8.30 -10.25 -40.32
CA SER D 101 8.58 -9.56 -39.07
C SER D 101 7.42 -9.69 -38.11
N MET D 102 6.20 -9.51 -38.60
CA MET D 102 5.04 -9.55 -37.72
C MET D 102 4.85 -10.93 -37.12
N VAL D 103 5.18 -11.98 -37.88
CA VAL D 103 5.01 -13.33 -37.35
C VAL D 103 5.95 -13.57 -36.17
N GLN D 104 7.11 -12.92 -36.19
CA GLN D 104 8.07 -13.15 -35.11
C GLN D 104 7.55 -12.59 -33.79
N ARG D 105 7.08 -11.35 -33.78
CA ARG D 105 6.59 -10.76 -32.55
C ARG D 105 5.32 -11.42 -32.03
N ALA D 106 4.71 -12.32 -32.80
CA ALA D 106 3.58 -13.10 -32.32
C ALA D 106 4.01 -14.35 -31.58
N MET D 107 5.14 -14.95 -31.95
CA MET D 107 5.56 -16.20 -31.33
C MET D 107 5.85 -16.06 -29.84
N ILE D 108 6.09 -14.85 -29.35
CA ILE D 108 6.53 -14.69 -27.97
C ILE D 108 5.43 -15.13 -27.01
N ALA D 109 4.18 -14.77 -27.30
CA ALA D 109 3.10 -15.13 -26.39
C ALA D 109 2.91 -16.64 -26.28
N PRO D 110 2.66 -17.38 -27.37
CA PRO D 110 2.46 -18.82 -27.21
C PRO D 110 3.71 -19.54 -26.74
N ALA D 111 4.89 -18.99 -26.98
CA ALA D 111 6.10 -19.63 -26.48
C ALA D 111 6.14 -19.63 -24.97
N VAL D 112 5.69 -18.54 -24.35
CA VAL D 112 5.69 -18.47 -22.89
C VAL D 112 4.67 -19.46 -22.32
N TRP D 113 3.52 -19.60 -22.98
CA TRP D 113 2.48 -20.48 -22.46
C TRP D 113 2.93 -21.92 -22.46
N VAL D 114 3.49 -22.39 -23.58
CA VAL D 114 3.80 -23.81 -23.70
C VAL D 114 4.91 -24.21 -22.76
N SER D 115 5.73 -23.26 -22.32
CA SER D 115 6.83 -23.57 -21.42
C SER D 115 6.35 -23.60 -19.98
N VAL D 116 5.76 -22.51 -19.51
CA VAL D 116 5.39 -22.40 -18.11
C VAL D 116 4.33 -23.44 -17.74
N THR D 117 3.56 -23.90 -18.72
CA THR D 117 2.63 -24.98 -18.44
C THR D 117 3.34 -26.33 -18.44
N LEU D 118 4.52 -26.40 -19.05
CA LEU D 118 5.27 -27.65 -19.02
C LEU D 118 6.13 -27.75 -17.76
N LEU D 119 6.33 -26.64 -17.06
CA LEU D 119 7.05 -26.66 -15.80
C LEU D 119 6.15 -26.91 -14.60
N ASP D 120 4.98 -27.49 -14.82
CA ASP D 120 4.09 -27.85 -13.73
C ASP D 120 3.68 -29.31 -13.73
N GLY D 121 3.60 -29.96 -14.89
CA GLY D 121 3.27 -31.36 -14.96
C GLY D 121 1.79 -31.66 -15.00
N LYS D 122 0.95 -30.81 -14.41
CA LYS D 122 -0.48 -31.10 -14.36
C LYS D 122 -1.07 -31.23 -15.75
N CYS D 123 -0.57 -30.43 -16.70
CA CYS D 123 -1.04 -30.56 -18.07
C CYS D 123 -0.48 -31.81 -18.72
N ILE D 124 0.60 -32.35 -18.17
CA ILE D 124 1.23 -33.52 -18.76
C ILE D 124 1.10 -34.75 -17.87
N THR D 125 0.88 -34.56 -16.57
CA THR D 125 0.79 -35.70 -15.66
C THR D 125 -0.42 -36.56 -15.97
N CYS D 126 -1.50 -35.95 -16.46
CA CYS D 126 -2.68 -36.72 -16.78
C CYS D 126 -2.83 -36.97 -18.27
N ALA D 127 -1.90 -36.46 -19.08
CA ALA D 127 -1.93 -36.76 -20.50
C ALA D 127 -1.46 -38.18 -20.76
N PHE D 128 -0.33 -38.56 -20.18
CA PHE D 128 0.28 -39.85 -20.43
C PHE D 128 0.26 -40.76 -19.22
N CYS D 129 -0.52 -40.40 -18.20
CA CYS D 129 -0.59 -41.23 -17.00
C CYS D 129 -1.03 -42.65 -17.28
N THR D 130 -1.80 -42.87 -18.36
CA THR D 130 -2.27 -44.19 -18.72
C THR D 130 -1.32 -44.90 -19.66
N SER D 131 -0.04 -44.57 -19.63
CA SER D 131 0.93 -45.18 -20.52
C SER D 131 2.23 -45.60 -19.86
N LEU D 132 2.53 -45.15 -18.65
CA LEU D 132 3.82 -45.44 -18.05
C LEU D 132 3.95 -46.93 -17.74
N PRO D 133 5.16 -47.40 -17.51
CA PRO D 133 5.34 -48.81 -17.15
C PRO D 133 5.26 -49.02 -15.65
N VAL D 134 4.53 -50.04 -15.23
CA VAL D 134 4.40 -50.33 -13.80
C VAL D 134 5.41 -51.38 -13.34
N GLU D 135 5.79 -52.30 -14.23
CA GLU D 135 6.74 -53.35 -13.89
C GLU D 135 8.20 -52.89 -13.98
N ALA D 136 8.44 -51.59 -14.03
CA ALA D 136 9.79 -51.05 -14.10
C ALA D 136 10.17 -50.24 -12.87
N LEU D 137 9.37 -49.23 -12.53
CA LEU D 137 9.61 -48.41 -11.35
C LEU D 137 8.58 -48.58 -10.26
N GLY D 138 7.40 -49.09 -10.59
CA GLY D 138 6.33 -49.25 -9.62
C GLY D 138 6.35 -50.58 -8.91
N ASN D 139 5.18 -51.15 -8.67
CA ASN D 139 5.06 -52.43 -7.98
C ASN D 139 5.37 -53.56 -8.95
N ALA D 140 5.06 -54.79 -8.55
CA ALA D 140 5.37 -55.96 -9.36
C ALA D 140 4.66 -55.90 -10.71
N SER D 141 5.02 -56.84 -11.59
CA SER D 141 4.49 -56.82 -12.95
C SER D 141 2.99 -57.11 -12.97
N HIS D 142 2.52 -58.03 -12.13
CA HIS D 142 1.11 -58.39 -12.13
C HIS D 142 0.70 -58.85 -10.74
N HIS D 143 -0.47 -58.37 -10.28
CA HIS D 143 -1.03 -58.76 -8.99
C HIS D 143 -2.46 -59.27 -9.12
N GLY D 144 -2.88 -59.69 -10.31
CA GLY D 144 -4.19 -60.27 -10.47
C GLY D 144 -5.23 -59.40 -11.13
N LEU D 145 -4.87 -58.68 -12.18
CA LEU D 145 -5.80 -57.85 -12.93
C LEU D 145 -5.58 -58.03 -14.41
N PRO D 146 -6.62 -57.98 -15.21
CA PRO D 146 -6.50 -58.19 -16.66
C PRO D 146 -5.79 -57.00 -17.32
N GLN D 147 -5.63 -57.09 -18.63
CA GLN D 147 -4.97 -56.06 -19.41
C GLN D 147 -5.89 -54.90 -19.77
N GLY D 148 -7.15 -54.95 -19.38
CA GLY D 148 -8.07 -53.87 -19.68
C GLY D 148 -8.25 -52.91 -18.52
N GLU D 149 -8.39 -53.45 -17.31
CA GLU D 149 -8.62 -52.60 -16.15
C GLU D 149 -7.40 -51.79 -15.77
N VAL D 150 -6.21 -52.19 -16.23
CA VAL D 150 -5.00 -51.42 -15.93
C VAL D 150 -5.17 -49.98 -16.41
N LYS D 151 -5.65 -49.80 -17.64
CA LYS D 151 -6.06 -48.47 -18.06
C LYS D 151 -7.19 -47.97 -17.17
N ARG D 152 -8.11 -48.85 -16.80
CA ARG D 152 -9.21 -48.44 -15.93
C ARG D 152 -8.70 -48.00 -14.57
N VAL D 153 -7.57 -48.56 -14.14
CA VAL D 153 -7.08 -48.25 -12.79
C VAL D 153 -5.98 -47.21 -12.83
N LEU D 154 -5.05 -47.31 -13.78
CA LEU D 154 -3.96 -46.34 -13.84
C LEU D 154 -4.48 -44.96 -14.16
N ALA D 155 -5.60 -44.87 -14.88
CA ALA D 155 -6.05 -43.58 -15.40
C ALA D 155 -6.34 -42.59 -14.29
N ARG D 156 -6.74 -43.07 -13.12
CA ARG D 156 -7.12 -42.17 -12.04
C ARG D 156 -5.94 -41.74 -11.18
N ILE D 157 -4.73 -41.75 -11.72
CA ILE D 157 -3.55 -41.40 -10.92
C ILE D 157 -3.62 -39.98 -10.38
N PRO D 158 -3.93 -38.98 -11.18
CA PRO D 158 -4.20 -37.66 -10.59
C PRO D 158 -5.53 -37.68 -9.86
N CYS D 159 -5.93 -36.58 -9.25
CA CYS D 159 -7.15 -36.54 -8.44
C CYS D 159 -7.03 -37.53 -7.28
N LYS D 160 -6.11 -37.20 -6.37
CA LYS D 160 -5.76 -38.09 -5.27
C LYS D 160 -6.83 -38.12 -4.19
N GLU D 161 -8.06 -38.47 -4.57
CA GLU D 161 -9.12 -38.73 -3.62
C GLU D 161 -9.90 -40.00 -3.92
N ILE D 162 -9.87 -40.49 -5.16
CA ILE D 162 -10.49 -41.75 -5.52
C ILE D 162 -9.47 -42.53 -6.36
N TYR D 163 -8.68 -43.37 -5.70
CA TYR D 163 -7.63 -44.12 -6.39
C TYR D 163 -7.69 -45.54 -5.87
N ASP D 164 -8.16 -46.46 -6.71
CA ASP D 164 -8.29 -47.87 -6.35
C ASP D 164 -7.10 -48.69 -6.79
N GLY D 165 -5.92 -48.09 -6.89
CA GLY D 165 -4.76 -48.83 -7.34
C GLY D 165 -3.56 -48.68 -6.42
N GLN D 166 -3.82 -48.54 -5.11
CA GLN D 166 -2.71 -48.41 -4.17
C GLN D 166 -1.86 -49.67 -4.14
N GLU D 167 -2.41 -50.80 -4.57
CA GLU D 167 -1.62 -52.02 -4.65
C GLU D 167 -0.73 -52.03 -5.88
N LEU D 168 -1.24 -51.54 -7.01
CA LEU D 168 -0.50 -51.67 -8.25
C LEU D 168 0.66 -50.68 -8.34
N ILE D 169 0.49 -49.48 -7.79
CA ILE D 169 1.58 -48.53 -7.71
C ILE D 169 1.21 -47.40 -6.77
N ALA D 170 2.18 -46.90 -6.01
CA ALA D 170 1.89 -45.86 -5.03
C ALA D 170 1.59 -44.56 -5.75
N ASN D 171 0.53 -43.88 -5.29
CA ASN D 171 0.16 -42.61 -5.91
C ASN D 171 1.23 -41.56 -5.69
N GLU D 172 1.97 -41.64 -4.58
CA GLU D 172 2.97 -40.62 -4.31
C GLU D 172 4.16 -40.75 -5.24
N VAL D 173 4.52 -41.97 -5.60
CA VAL D 173 5.70 -42.17 -6.46
C VAL D 173 5.36 -41.89 -7.91
N ALA D 174 4.21 -42.38 -8.38
CA ALA D 174 3.89 -42.28 -9.80
C ALA D 174 3.65 -40.83 -10.21
N VAL D 175 3.43 -39.93 -9.27
CA VAL D 175 3.36 -38.51 -9.59
C VAL D 175 4.76 -37.95 -9.76
N ARG D 176 5.72 -38.45 -8.96
CA ARG D 176 7.08 -37.96 -9.08
C ARG D 176 7.69 -38.33 -10.42
N TYR D 177 7.48 -39.57 -10.86
CA TYR D 177 8.08 -40.05 -12.10
C TYR D 177 7.61 -39.22 -13.29
N LEU D 178 6.35 -38.79 -13.30
CA LEU D 178 5.82 -38.06 -14.45
C LEU D 178 6.02 -36.56 -14.29
N ARG D 179 5.81 -36.04 -13.08
CA ARG D 179 6.04 -34.63 -12.85
C ARG D 179 7.49 -34.25 -13.10
N CYS D 180 8.40 -35.21 -12.96
CA CYS D 180 9.80 -34.98 -13.29
C CYS D 180 10.02 -34.92 -14.79
N ILE D 181 9.51 -35.92 -15.52
CA ILE D 181 9.72 -35.99 -16.97
C ILE D 181 9.21 -34.74 -17.66
N SER D 182 8.17 -34.12 -17.11
CA SER D 182 7.65 -32.88 -17.67
C SER D 182 8.71 -31.80 -17.67
N GLN D 183 9.31 -31.56 -16.51
CA GLN D 183 10.25 -30.45 -16.38
C GLN D 183 11.49 -30.66 -17.24
N ALA D 184 11.80 -31.92 -17.58
CA ALA D 184 12.85 -32.15 -18.56
C ALA D 184 12.48 -31.53 -19.91
N LEU D 185 11.28 -31.82 -20.39
CA LEU D 185 10.82 -31.16 -21.61
C LEU D 185 10.68 -29.67 -21.40
N GLY D 186 10.45 -29.24 -20.15
CA GLY D 186 10.34 -27.81 -19.89
C GLY D 186 11.62 -27.08 -20.21
N TRP D 187 12.71 -27.46 -19.56
CA TRP D 187 13.98 -26.79 -19.80
C TRP D 187 14.50 -27.08 -21.20
N CYS D 188 14.37 -28.32 -21.65
CA CYS D 188 14.84 -28.67 -22.99
C CYS D 188 14.07 -27.92 -24.06
N PHE D 189 12.84 -27.49 -23.76
CA PHE D 189 12.10 -26.66 -24.69
C PHE D 189 12.62 -25.23 -24.67
N VAL D 190 12.75 -24.66 -23.48
CA VAL D 190 13.19 -23.28 -23.36
C VAL D 190 14.60 -23.10 -23.92
N LEU D 191 15.41 -24.16 -23.87
CA LEU D 191 16.74 -24.07 -24.45
C LEU D 191 16.65 -23.97 -25.97
N LEU D 192 15.93 -24.90 -26.60
CA LEU D 192 15.78 -24.88 -28.05
C LEU D 192 15.06 -23.63 -28.53
N MET D 193 14.29 -22.99 -27.67
CA MET D 193 13.61 -21.76 -28.06
C MET D 193 14.58 -20.59 -28.07
N THR D 194 15.29 -20.39 -26.95
CA THR D 194 16.21 -19.26 -26.86
C THR D 194 17.35 -19.40 -27.86
N THR D 195 17.81 -20.63 -28.10
CA THR D 195 18.82 -20.83 -29.12
C THR D 195 18.31 -20.44 -30.49
N LEU D 196 17.00 -20.51 -30.72
CA LEU D 196 16.47 -20.10 -32.00
C LEU D 196 16.39 -18.58 -32.09
N ALA D 197 15.99 -17.93 -31.01
CA ALA D 197 15.96 -16.46 -31.00
C ALA D 197 17.36 -15.89 -31.17
N PHE D 198 18.34 -16.47 -30.49
CA PHE D 198 19.72 -16.00 -30.62
C PHE D 198 20.23 -16.19 -32.04
N LEU D 199 19.67 -17.15 -32.77
CA LEU D 199 20.18 -17.44 -34.10
C LEU D 199 19.57 -16.50 -35.14
N VAL D 200 18.26 -16.27 -35.07
CA VAL D 200 17.61 -15.40 -36.03
C VAL D 200 17.85 -13.95 -35.69
N ARG D 201 18.19 -13.65 -34.44
CA ARG D 201 18.40 -12.27 -34.04
C ARG D 201 19.73 -11.73 -34.56
N SER D 202 20.59 -12.59 -35.10
CA SER D 202 21.92 -12.17 -35.53
C SER D 202 22.31 -12.81 -36.84
N LEU D 203 21.41 -12.88 -37.80
CA LEU D 203 21.74 -13.54 -39.05
C LEU D 203 20.81 -13.05 -40.17
N ARG D 204 20.80 -13.81 -41.27
CA ARG D 204 20.26 -13.57 -42.61
C ARG D 204 18.76 -13.37 -42.85
N PRO D 205 17.83 -13.86 -41.99
CA PRO D 205 16.45 -14.07 -42.49
C PRO D 205 15.72 -12.79 -42.89
N CYS D 206 16.06 -12.28 -44.08
CA CYS D 206 15.45 -11.07 -44.62
C CYS D 206 15.74 -9.87 -43.73
N PHE D 207 17.03 -9.62 -43.51
CA PHE D 207 17.52 -8.56 -42.64
C PHE D 207 18.32 -7.51 -43.40
N THR D 208 18.29 -7.59 -44.74
CA THR D 208 19.15 -6.79 -45.59
C THR D 208 18.97 -5.30 -45.32
N GLN D 209 20.04 -4.54 -45.55
CA GLN D 209 20.03 -3.13 -45.19
C GLN D 209 19.10 -2.33 -46.10
N ALA D 210 19.15 -2.63 -47.40
CA ALA D 210 18.34 -1.87 -48.35
C ALA D 210 16.86 -2.02 -48.05
N VAL D 211 16.38 -3.27 -48.00
CA VAL D 211 14.95 -3.52 -47.82
C VAL D 211 14.48 -3.01 -46.47
N PHE D 212 15.39 -2.90 -45.50
CA PHE D 212 14.96 -2.44 -44.18
C PHE D 212 14.52 -1.00 -44.19
N LEU D 213 15.23 -0.14 -44.95
CA LEU D 213 14.88 1.27 -44.95
C LEU D 213 13.50 1.51 -45.53
N LYS D 214 13.11 0.72 -46.54
CA LYS D 214 11.78 0.86 -47.10
C LYS D 214 10.72 0.66 -46.03
N SER D 215 10.83 -0.42 -45.26
CA SER D 215 9.80 -0.72 -44.27
C SER D 215 9.73 0.37 -43.21
N ARG D 216 10.88 0.79 -42.68
CA ARG D 216 10.86 1.80 -41.64
C ARG D 216 10.35 3.13 -42.17
N TYR D 217 10.49 3.37 -43.48
CA TYR D 217 10.04 4.63 -44.03
C TYR D 217 8.54 4.64 -44.24
N TRP D 218 7.98 3.53 -44.71
CA TRP D 218 6.54 3.50 -44.95
C TRP D 218 5.74 3.52 -43.65
N SER D 219 6.39 3.24 -42.52
CA SER D 219 5.68 3.36 -41.26
C SER D 219 5.38 4.81 -40.93
N HIS D 220 6.38 5.69 -41.03
CA HIS D 220 6.17 7.10 -40.72
C HIS D 220 5.14 7.73 -41.65
N TYR D 221 5.13 7.31 -42.92
CA TYR D 221 4.13 7.79 -43.86
C TYR D 221 2.73 7.48 -43.35
N ILE D 222 2.53 6.28 -42.82
CA ILE D 222 1.21 5.92 -42.33
C ILE D 222 0.85 6.70 -41.08
N ASP D 223 1.84 7.06 -40.27
CA ASP D 223 1.51 7.69 -38.99
C ASP D 223 1.20 9.18 -39.17
N ILE D 224 2.09 9.93 -39.80
CA ILE D 224 1.85 11.35 -39.95
C ILE D 224 0.67 11.63 -40.87
N GLU D 225 0.27 10.65 -41.68
CA GLU D 225 -0.94 10.80 -42.47
C GLU D 225 -2.15 10.99 -41.57
N ARG D 226 -2.39 10.03 -40.67
CA ARG D 226 -3.55 10.11 -39.78
C ARG D 226 -3.50 11.36 -38.92
N LYS D 227 -2.31 11.73 -38.44
CA LYS D 227 -2.18 12.94 -37.64
C LYS D 227 -2.46 14.18 -38.46
N LEU D 228 -1.93 14.22 -39.69
CA LEU D 228 -2.13 15.41 -40.52
C LEU D 228 -3.54 15.50 -41.07
N PHE D 229 -4.23 14.38 -41.23
CA PHE D 229 -5.60 14.44 -41.76
C PHE D 229 -6.54 15.04 -40.72
N ASP D 230 -6.44 14.59 -39.47
CA ASP D 230 -7.32 15.08 -38.42
C ASP D 230 -7.19 16.58 -38.23
N GLU D 231 -6.01 17.14 -38.47
CA GLU D 231 -5.84 18.57 -38.32
C GLU D 231 -6.64 19.33 -39.36
N THR D 232 -6.60 18.89 -40.62
CA THR D 232 -7.27 19.66 -41.66
C THR D 232 -8.78 19.55 -41.54
N CYS D 233 -9.29 18.38 -41.19
CA CYS D 233 -10.74 18.22 -41.10
C CYS D 233 -11.31 19.08 -39.99
N ALA D 234 -10.75 18.98 -38.79
CA ALA D 234 -11.23 19.80 -37.67
C ALA D 234 -11.12 21.28 -37.99
N GLU D 235 -10.03 21.67 -38.64
CA GLU D 235 -9.88 23.08 -39.02
C GLU D 235 -10.91 23.48 -40.06
N HIS D 236 -11.40 22.53 -40.86
CA HIS D 236 -12.38 22.88 -41.88
C HIS D 236 -13.77 23.06 -41.26
N ALA D 237 -14.09 22.28 -40.24
CA ALA D 237 -15.39 22.40 -39.59
C ALA D 237 -15.51 23.73 -38.87
N LYS D 238 -14.49 24.09 -38.08
CA LYS D 238 -14.53 25.33 -37.30
C LYS D 238 -14.75 26.54 -38.19
N SER D 239 -14.23 26.51 -39.41
CA SER D 239 -14.53 27.58 -40.35
C SER D 239 -15.96 27.51 -40.85
N PHE D 240 -16.63 26.37 -40.67
CA PHE D 240 -17.97 26.20 -41.21
C PHE D 240 -19.07 26.18 -40.18
N ALA D 241 -18.79 25.71 -38.95
CA ALA D 241 -19.85 25.61 -37.97
C ALA D 241 -20.36 26.97 -37.53
N LYS D 242 -19.51 28.00 -37.59
CA LYS D 242 -19.89 29.31 -37.09
C LYS D 242 -21.10 29.88 -37.82
N VAL D 243 -21.31 29.49 -39.08
CA VAL D 243 -22.47 30.03 -39.79
C VAL D 243 -23.74 29.42 -39.26
N CYS D 244 -23.66 28.31 -38.53
CA CYS D 244 -24.86 27.69 -37.99
C CYS D 244 -25.20 28.22 -36.60
N ILE D 245 -24.20 28.51 -35.78
CA ILE D 245 -24.44 28.93 -34.42
C ILE D 245 -24.93 30.37 -34.32
N GLN D 246 -24.94 31.10 -35.43
CA GLN D 246 -25.54 32.42 -35.47
C GLN D 246 -26.98 32.39 -35.93
N GLN D 247 -27.61 31.22 -35.91
CA GLN D 247 -29.04 31.10 -36.18
C GLN D 247 -29.83 30.67 -34.97
N PHE D 248 -29.24 29.89 -34.07
CA PHE D 248 -29.86 29.66 -32.77
C PHE D 248 -29.82 30.92 -31.92
N PHE D 249 -28.67 31.60 -31.89
CA PHE D 249 -28.60 32.89 -31.25
C PHE D 249 -29.34 33.92 -32.09
N GLN D 250 -29.50 35.12 -31.52
CA GLN D 250 -30.18 36.26 -32.13
C GLN D 250 -31.58 35.92 -32.64
N GLY D 251 -32.16 34.79 -32.19
CA GLY D 251 -33.46 34.39 -32.63
C GLY D 251 -34.30 33.84 -31.50
N MET D 252 -33.70 33.70 -30.32
CA MET D 252 -34.46 33.21 -29.18
C MET D 252 -35.44 34.30 -28.75
N SER D 253 -34.92 35.41 -28.24
CA SER D 253 -35.69 36.62 -28.05
C SER D 253 -34.90 37.87 -28.39
N LYS D 254 -33.57 37.78 -28.54
CA LYS D 254 -32.64 38.90 -28.62
C LYS D 254 -32.54 39.68 -27.32
N ASP D 255 -33.20 39.23 -26.26
CA ASP D 255 -33.20 39.93 -24.98
C ASP D 255 -33.57 38.95 -23.88
N LEU D 256 -32.88 39.04 -22.75
CA LEU D 256 -33.20 38.24 -21.59
C LEU D 256 -34.31 38.92 -20.80
N THR D 257 -35.30 38.12 -20.40
CA THR D 257 -36.39 38.67 -19.59
C THR D 257 -36.04 38.75 -18.12
N ALA D 258 -35.05 37.96 -17.66
CA ALA D 258 -34.70 37.93 -16.25
C ALA D 258 -33.94 39.18 -15.80
N THR D 259 -33.64 40.11 -16.71
CA THR D 259 -32.93 41.32 -16.34
C THR D 259 -33.75 42.15 -15.35
N HIS D 260 -33.08 42.73 -14.38
CA HIS D 260 -33.75 43.52 -13.34
C HIS D 260 -34.06 44.92 -13.85
N ALA E 27 -15.40 -3.60 -19.82
CA ALA E 27 -15.03 -4.97 -20.17
C ALA E 27 -14.47 -5.71 -18.95
N LEU E 28 -13.57 -5.05 -18.23
CA LEU E 28 -12.99 -5.67 -17.04
C LEU E 28 -14.00 -5.82 -15.92
N ALA E 29 -14.98 -4.91 -15.84
CA ALA E 29 -16.03 -5.04 -14.83
C ALA E 29 -16.92 -6.25 -15.07
N SER E 30 -16.92 -6.78 -16.30
CA SER E 30 -17.71 -7.97 -16.60
C SER E 30 -17.18 -9.19 -15.87
N ALA E 31 -15.86 -9.28 -15.69
CA ALA E 31 -15.28 -10.44 -15.03
C ALA E 31 -15.36 -10.32 -13.51
N GLN E 32 -15.09 -9.13 -12.97
CA GLN E 32 -15.04 -8.97 -11.54
C GLN E 32 -16.43 -9.05 -10.90
N LEU E 33 -17.46 -8.63 -11.62
CA LEU E 33 -18.81 -8.72 -11.07
C LEU E 33 -19.26 -10.16 -10.89
N TYR E 34 -18.62 -11.10 -11.62
CA TYR E 34 -18.95 -12.50 -11.44
C TYR E 34 -18.61 -12.98 -10.03
N SER E 35 -17.56 -12.43 -9.44
CA SER E 35 -17.24 -12.80 -8.06
C SER E 35 -18.28 -12.27 -7.09
N ALA E 36 -18.84 -11.09 -7.36
CA ALA E 36 -19.86 -10.53 -6.49
C ALA E 36 -21.12 -11.40 -6.48
N PHE E 37 -21.56 -11.83 -7.66
CA PHE E 37 -22.67 -12.77 -7.74
C PHE E 37 -22.31 -14.07 -7.03
N ASP E 38 -23.29 -14.65 -6.35
CA ASP E 38 -23.09 -15.86 -5.56
C ASP E 38 -23.99 -16.95 -6.12
N PHE E 39 -23.46 -17.72 -7.07
CA PHE E 39 -24.25 -18.74 -7.73
C PHE E 39 -24.69 -19.82 -6.75
N ASN E 40 -25.89 -20.34 -6.98
CA ASN E 40 -26.41 -21.48 -6.22
C ASN E 40 -27.62 -22.04 -6.93
N CYS E 41 -27.61 -23.34 -7.24
CA CYS E 41 -28.60 -23.89 -8.13
C CYS E 41 -29.69 -24.61 -7.34
N PRO E 42 -30.93 -24.22 -7.48
CA PRO E 42 -32.00 -24.93 -6.78
C PRO E 42 -32.15 -26.34 -7.29
N CYS E 43 -31.81 -27.32 -6.47
CA CYS E 43 -31.80 -28.71 -6.89
C CYS E 43 -33.24 -29.20 -7.00
N LEU E 44 -33.88 -28.86 -8.10
CA LEU E 44 -35.21 -29.34 -8.42
C LEU E 44 -35.20 -29.89 -9.84
N PRO E 45 -36.16 -30.72 -10.18
CA PRO E 45 -36.13 -31.41 -11.48
C PRO E 45 -36.19 -30.48 -12.68
N ARG E 46 -37.21 -29.64 -12.79
CA ARG E 46 -37.43 -28.88 -14.01
C ARG E 46 -37.00 -27.43 -13.91
N TYR E 47 -36.55 -26.99 -12.74
CA TYR E 47 -36.14 -25.61 -12.59
C TYR E 47 -34.65 -25.40 -12.87
N ASN E 48 -33.85 -26.45 -12.73
CA ASN E 48 -32.42 -26.36 -13.04
C ASN E 48 -32.20 -25.82 -14.44
N LEU E 49 -32.82 -26.46 -15.43
CA LEU E 49 -32.64 -26.07 -16.82
C LEU E 49 -33.04 -24.62 -17.05
N ALA E 50 -33.99 -24.11 -16.27
CA ALA E 50 -34.34 -22.71 -16.37
C ALA E 50 -33.31 -21.83 -15.69
N TYR E 51 -33.04 -22.10 -14.41
CA TYR E 51 -32.15 -21.22 -13.65
C TYR E 51 -30.74 -21.25 -14.19
N GLY E 52 -30.33 -22.37 -14.79
CA GLY E 52 -28.99 -22.44 -15.33
C GLY E 52 -28.79 -21.54 -16.53
N LEU E 53 -29.57 -21.77 -17.59
CA LEU E 53 -29.44 -20.98 -18.80
C LEU E 53 -29.66 -19.50 -18.54
N GLY E 54 -30.59 -19.18 -17.64
CA GLY E 54 -30.88 -17.78 -17.37
C GLY E 54 -29.66 -17.02 -16.89
N VAL E 55 -28.88 -17.63 -16.00
CA VAL E 55 -27.64 -17.02 -15.59
C VAL E 55 -26.65 -16.96 -16.74
N LEU E 56 -26.83 -17.80 -17.76
CA LEU E 56 -25.89 -17.81 -18.88
C LEU E 56 -26.20 -16.75 -19.91
N LEU E 57 -27.48 -16.56 -20.25
CA LEU E 57 -27.86 -15.70 -21.36
C LEU E 57 -28.32 -14.30 -20.96
N VAL E 58 -29.07 -14.18 -19.87
CA VAL E 58 -29.66 -12.89 -19.52
C VAL E 58 -28.59 -11.84 -19.21
N PRO E 59 -27.63 -12.08 -18.32
CA PRO E 59 -26.58 -11.09 -18.05
C PRO E 59 -25.86 -10.65 -19.30
N PRO E 60 -25.62 -11.54 -20.28
CA PRO E 60 -25.17 -11.06 -21.58
C PRO E 60 -26.10 -10.03 -22.18
N LEU E 61 -27.40 -10.30 -22.21
CA LEU E 61 -28.35 -9.38 -22.85
C LEU E 61 -28.34 -8.02 -22.17
N ILE E 62 -28.08 -7.98 -20.87
CA ILE E 62 -27.97 -6.69 -20.17
C ILE E 62 -26.78 -5.92 -20.72
N LEU E 63 -25.62 -6.56 -20.77
CA LEU E 63 -24.42 -5.87 -21.20
C LEU E 63 -24.48 -5.47 -22.66
N PHE E 64 -25.30 -6.15 -23.46
CA PHE E 64 -25.47 -5.74 -24.84
C PHE E 64 -26.17 -4.39 -24.91
N LEU E 65 -27.38 -4.31 -24.37
CA LEU E 65 -28.10 -3.04 -24.35
C LEU E 65 -27.32 -1.97 -23.61
N LEU E 66 -26.63 -2.34 -22.54
CA LEU E 66 -25.82 -1.35 -21.82
C LEU E 66 -24.69 -0.83 -22.68
N GLY E 67 -24.28 -1.59 -23.70
CA GLY E 67 -23.24 -1.10 -24.59
C GLY E 67 -23.69 0.09 -25.42
N PHE E 68 -25.00 0.24 -25.62
CA PHE E 68 -25.50 1.32 -26.45
C PHE E 68 -25.64 2.61 -25.65
N VAL E 69 -26.29 2.53 -24.48
CA VAL E 69 -26.60 3.73 -23.72
C VAL E 69 -25.33 4.43 -23.28
N LEU E 70 -24.22 3.71 -23.15
CA LEU E 70 -22.97 4.38 -22.81
C LEU E 70 -22.37 5.08 -24.00
N ASN E 71 -22.70 4.64 -25.21
CA ASN E 71 -22.26 5.34 -26.40
C ASN E 71 -23.00 6.66 -26.53
N ASN E 72 -22.45 7.56 -27.35
CA ASN E 72 -23.05 8.87 -27.53
C ASN E 72 -23.74 9.05 -28.87
N ASN E 73 -23.32 8.32 -29.90
CA ASN E 73 -23.94 8.50 -31.19
C ASN E 73 -25.28 7.81 -31.32
N VAL E 74 -25.79 7.20 -30.26
CA VAL E 74 -27.03 6.42 -30.37
C VAL E 74 -28.19 7.32 -30.72
N SER E 75 -28.19 8.56 -30.22
CA SER E 75 -29.29 9.45 -30.50
C SER E 75 -29.37 9.81 -31.97
N MET E 76 -28.22 10.04 -32.60
CA MET E 76 -28.19 10.46 -34.01
C MET E 76 -28.88 9.44 -34.90
N LEU E 77 -28.68 8.16 -34.62
CA LEU E 77 -29.35 7.13 -35.40
C LEU E 77 -30.85 7.21 -35.24
N ALA E 78 -31.33 7.29 -34.00
CA ALA E 78 -32.77 7.34 -33.75
C ALA E 78 -33.37 8.62 -34.34
N GLU E 79 -32.72 9.76 -34.14
CA GLU E 79 -33.18 10.99 -34.74
C GLU E 79 -33.18 10.90 -36.26
N GLU E 80 -32.22 10.15 -36.81
CA GLU E 80 -32.12 10.02 -38.26
C GLU E 80 -33.00 8.89 -38.78
N TRP E 81 -32.87 7.71 -38.18
CA TRP E 81 -33.61 6.55 -38.67
C TRP E 81 -35.10 6.62 -38.39
N ARG E 82 -35.53 7.56 -37.53
CA ARG E 82 -36.94 7.66 -37.21
C ARG E 82 -37.77 8.00 -38.44
N ARG E 83 -37.32 8.96 -39.24
CA ARG E 83 -38.05 9.39 -40.42
C ARG E 83 -38.08 8.29 -41.45
N PRO E 84 -39.23 7.66 -41.72
CA PRO E 84 -39.33 6.66 -42.78
C PRO E 84 -39.70 7.27 -44.13
N GLN E 85 -39.00 8.35 -44.50
CA GLN E 85 -39.35 9.10 -45.70
C GLN E 85 -38.22 9.17 -46.72
N GLY E 86 -36.98 8.91 -46.34
CA GLY E 86 -35.89 8.89 -47.29
C GLY E 86 -35.15 10.19 -47.48
N GLN E 87 -35.57 11.28 -46.83
CA GLN E 87 -34.89 12.56 -46.91
C GLN E 87 -33.78 12.69 -45.88
N ARG E 88 -33.26 11.56 -45.41
CA ARG E 88 -32.26 11.55 -44.35
C ARG E 88 -31.05 12.40 -44.71
N GLN E 89 -30.46 13.03 -43.69
CA GLN E 89 -29.51 14.12 -43.93
C GLN E 89 -28.12 13.59 -44.24
N LYS E 90 -27.57 12.74 -43.38
CA LYS E 90 -26.16 12.37 -43.47
C LYS E 90 -25.82 11.68 -44.78
N ASP E 91 -26.35 10.47 -44.98
CA ASP E 91 -26.11 9.71 -46.20
C ASP E 91 -26.85 8.39 -46.09
N ALA E 92 -27.08 7.77 -47.23
CA ALA E 92 -27.67 6.43 -47.23
C ALA E 92 -26.67 5.37 -46.80
N ALA E 93 -25.37 5.61 -47.02
CA ALA E 93 -24.35 4.60 -46.77
C ALA E 93 -23.59 4.84 -45.48
N VAL E 94 -23.38 6.10 -45.09
CA VAL E 94 -22.60 6.39 -43.90
C VAL E 94 -23.29 5.83 -42.66
N LEU E 95 -24.62 5.93 -42.61
CA LEU E 95 -25.36 5.42 -41.47
C LEU E 95 -25.12 3.93 -41.29
N ARG E 96 -25.22 3.17 -42.39
CA ARG E 96 -25.02 1.73 -42.31
C ARG E 96 -23.65 1.40 -41.76
N TYR E 97 -22.64 2.21 -42.09
CA TYR E 97 -21.32 1.98 -41.53
C TYR E 97 -21.31 2.26 -40.03
N MET E 98 -21.79 3.45 -39.64
CA MET E 98 -21.72 3.83 -38.24
C MET E 98 -22.51 2.88 -37.36
N PHE E 99 -23.63 2.38 -37.87
CA PHE E 99 -24.39 1.38 -37.13
C PHE E 99 -23.59 0.09 -36.99
N CYS E 100 -23.09 -0.44 -38.10
CA CYS E 100 -22.37 -1.71 -38.05
C CYS E 100 -21.08 -1.58 -37.26
N SER E 101 -20.57 -0.37 -37.10
CA SER E 101 -19.38 -0.18 -36.27
C SER E 101 -19.74 -0.22 -34.80
N MET E 102 -20.82 0.45 -34.43
CA MET E 102 -21.18 0.52 -33.02
C MET E 102 -21.56 -0.84 -32.47
N VAL E 103 -22.18 -1.68 -33.30
CA VAL E 103 -22.56 -3.01 -32.84
C VAL E 103 -21.34 -3.85 -32.52
N GLN E 104 -20.24 -3.61 -33.23
CA GLN E 104 -19.04 -4.42 -32.99
C GLN E 104 -18.46 -4.13 -31.61
N ARG E 105 -18.29 -2.86 -31.26
CA ARG E 105 -17.71 -2.53 -29.98
C ARG E 105 -18.61 -2.89 -28.80
N ALA E 106 -19.84 -3.30 -29.06
CA ALA E 106 -20.73 -3.80 -28.02
C ALA E 106 -20.52 -5.27 -27.73
N MET E 107 -20.17 -6.06 -28.76
CA MET E 107 -20.04 -7.50 -28.58
C MET E 107 -18.95 -7.88 -27.60
N ILE E 108 -17.99 -7.00 -27.32
CA ILE E 108 -16.85 -7.37 -26.49
C ILE E 108 -17.29 -7.72 -25.08
N ALA E 109 -18.21 -6.94 -24.52
CA ALA E 109 -18.63 -7.18 -23.14
C ALA E 109 -19.33 -8.52 -22.99
N PRO E 110 -20.42 -8.81 -23.72
CA PRO E 110 -21.08 -10.11 -23.54
C PRO E 110 -20.22 -11.28 -23.96
N ALA E 111 -19.27 -11.07 -24.87
CA ALA E 111 -18.39 -12.17 -25.25
C ALA E 111 -17.52 -12.60 -24.08
N VAL E 112 -17.05 -11.65 -23.28
CA VAL E 112 -16.22 -12.01 -22.14
C VAL E 112 -17.05 -12.76 -21.10
N TRP E 113 -18.29 -12.35 -20.91
CA TRP E 113 -19.12 -12.97 -19.88
C TRP E 113 -19.39 -14.43 -20.22
N VAL E 114 -19.81 -14.70 -21.46
CA VAL E 114 -20.25 -16.05 -21.79
C VAL E 114 -19.09 -17.03 -21.76
N SER E 115 -17.85 -16.53 -21.90
CA SER E 115 -16.70 -17.41 -21.89
C SER E 115 -16.26 -17.70 -20.46
N VAL E 116 -15.97 -16.66 -19.69
CA VAL E 116 -15.42 -16.85 -18.35
C VAL E 116 -16.41 -17.58 -17.46
N THR E 117 -17.70 -17.48 -17.75
CA THR E 117 -18.66 -18.26 -17.00
C THR E 117 -18.71 -19.70 -17.49
N LEU E 118 -18.22 -19.96 -18.70
CA LEU E 118 -18.17 -21.32 -19.19
C LEU E 118 -16.91 -22.03 -18.74
N LEU E 119 -15.92 -21.28 -18.27
CA LEU E 119 -14.70 -21.88 -17.74
C LEU E 119 -14.80 -22.18 -16.26
N ASP E 120 -16.01 -22.29 -15.72
CA ASP E 120 -16.20 -22.65 -14.32
C ASP E 120 -17.10 -23.85 -14.13
N GLY E 121 -18.06 -24.09 -15.01
CA GLY E 121 -18.93 -25.24 -14.91
C GLY E 121 -20.14 -25.06 -14.03
N LYS E 122 -20.06 -24.19 -13.02
CA LYS E 122 -21.19 -24.04 -12.09
C LYS E 122 -22.44 -23.58 -12.83
N CYS E 123 -22.28 -22.73 -13.85
CA CYS E 123 -23.43 -22.32 -14.64
C CYS E 123 -23.89 -23.45 -15.54
N ILE E 124 -23.03 -24.42 -15.81
CA ILE E 124 -23.39 -25.51 -16.70
C ILE E 124 -23.51 -26.83 -15.96
N THR E 125 -22.88 -26.97 -14.79
CA THR E 125 -22.90 -28.23 -14.09
C THR E 125 -24.30 -28.57 -13.60
N CYS E 126 -25.09 -27.55 -13.29
CA CYS E 126 -26.45 -27.78 -12.83
C CYS E 126 -27.48 -27.55 -13.92
N ALA E 127 -27.05 -27.13 -15.11
CA ALA E 127 -27.99 -26.99 -16.22
C ALA E 127 -28.38 -28.36 -16.76
N PHE E 128 -27.39 -29.21 -17.03
CA PHE E 128 -27.64 -30.50 -17.66
C PHE E 128 -27.35 -31.67 -16.73
N CYS E 129 -27.20 -31.40 -15.43
CA CYS E 129 -26.93 -32.47 -14.48
C CYS E 129 -28.01 -33.54 -14.48
N THR E 130 -29.23 -33.21 -14.85
CA THR E 130 -30.33 -34.16 -14.89
C THR E 130 -30.46 -34.82 -16.25
N SER E 131 -29.38 -34.92 -17.00
CA SER E 131 -29.42 -35.51 -18.33
C SER E 131 -28.30 -36.48 -18.63
N LEU E 132 -27.22 -36.51 -17.85
CA LEU E 132 -26.08 -37.33 -18.19
C LEU E 132 -26.43 -38.81 -18.08
N PRO E 133 -25.62 -39.68 -18.68
CA PRO E 133 -25.89 -41.12 -18.56
C PRO E 133 -25.19 -41.71 -17.35
N VAL E 134 -25.92 -42.53 -16.60
CA VAL E 134 -25.34 -43.17 -15.42
C VAL E 134 -24.79 -44.56 -15.72
N GLU E 135 -25.39 -45.26 -16.68
CA GLU E 135 -24.95 -46.60 -17.05
C GLU E 135 -23.77 -46.60 -18.00
N ALA E 136 -23.08 -45.47 -18.15
CA ALA E 136 -21.91 -45.38 -19.02
C ALA E 136 -20.62 -45.10 -18.26
N LEU E 137 -20.59 -44.04 -17.46
CA LEU E 137 -19.42 -43.70 -16.66
C LEU E 137 -19.63 -43.85 -15.17
N GLY E 138 -20.88 -43.87 -14.72
CA GLY E 138 -21.18 -43.96 -13.30
C GLY E 138 -21.32 -45.38 -12.80
N ASN E 139 -22.28 -45.60 -11.91
CA ASN E 139 -22.51 -46.93 -11.34
C ASN E 139 -23.29 -47.77 -12.34
N ALA E 140 -23.82 -48.91 -11.88
CA ALA E 140 -24.52 -49.84 -12.74
C ALA E 140 -25.76 -49.18 -13.35
N SER E 141 -26.37 -49.90 -14.30
CA SER E 141 -27.50 -49.33 -15.04
C SER E 141 -28.71 -49.13 -14.13
N HIS E 142 -28.97 -50.07 -13.22
CA HIS E 142 -30.13 -49.96 -12.35
C HIS E 142 -29.85 -50.65 -11.03
N HIS E 143 -30.24 -50.00 -9.94
CA HIS E 143 -30.10 -50.55 -8.59
C HIS E 143 -31.41 -50.53 -7.82
N GLY E 144 -32.54 -50.45 -8.50
CA GLY E 144 -33.83 -50.54 -7.84
C GLY E 144 -34.58 -49.23 -7.67
N LEU E 145 -34.60 -48.40 -8.71
CA LEU E 145 -35.34 -47.14 -8.67
C LEU E 145 -36.07 -46.96 -9.98
N PRO E 146 -37.26 -46.36 -9.95
CA PRO E 146 -38.05 -46.18 -11.17
C PRO E 146 -37.41 -45.13 -12.08
N GLN E 147 -38.07 -44.88 -13.21
CA GLN E 147 -37.59 -43.93 -14.20
C GLN E 147 -37.97 -42.49 -13.86
N GLY E 148 -38.68 -42.26 -12.77
CA GLY E 148 -39.07 -40.92 -12.40
C GLY E 148 -38.16 -40.32 -11.35
N GLU E 149 -37.82 -41.10 -10.33
CA GLU E 149 -36.99 -40.59 -9.25
C GLU E 149 -35.55 -40.34 -9.68
N VAL E 150 -35.12 -40.93 -10.79
CA VAL E 150 -33.76 -40.69 -11.28
C VAL E 150 -33.55 -39.19 -11.49
N LYS E 151 -34.49 -38.53 -12.15
CA LYS E 151 -34.49 -37.08 -12.18
C LYS E 151 -34.58 -36.53 -10.76
N ARG E 152 -35.41 -37.16 -9.93
CA ARG E 152 -35.57 -36.70 -8.55
C ARG E 152 -34.25 -36.84 -7.80
N VAL E 153 -33.43 -37.82 -8.18
CA VAL E 153 -32.21 -38.07 -7.42
C VAL E 153 -31.01 -37.44 -8.09
N LEU E 154 -30.89 -37.55 -9.41
CA LEU E 154 -29.74 -36.98 -10.09
C LEU E 154 -29.72 -35.48 -9.97
N ALA E 155 -30.88 -34.86 -9.85
CA ALA E 155 -30.97 -33.40 -9.92
C ALA E 155 -30.16 -32.72 -8.83
N ARG E 156 -29.99 -33.37 -7.69
CA ARG E 156 -29.30 -32.74 -6.57
C ARG E 156 -27.79 -32.95 -6.61
N ILE E 157 -27.22 -33.18 -7.80
CA ILE E 157 -25.79 -33.45 -7.88
C ILE E 157 -24.95 -32.29 -7.37
N PRO E 158 -25.19 -31.06 -7.76
CA PRO E 158 -24.52 -29.94 -7.08
C PRO E 158 -25.08 -29.76 -5.68
N CYS E 159 -24.57 -28.81 -4.92
CA CYS E 159 -24.98 -28.64 -3.53
C CYS E 159 -24.66 -29.91 -2.73
N LYS E 160 -23.37 -30.15 -2.58
CA LYS E 160 -22.87 -31.38 -1.97
C LYS E 160 -23.06 -31.38 -0.45
N GLU E 161 -24.30 -31.22 -0.01
CA GLU E 161 -24.66 -31.40 1.40
C GLU E 161 -25.91 -32.23 1.59
N ILE E 162 -26.77 -32.33 0.59
CA ILE E 162 -27.95 -33.20 0.64
C ILE E 162 -28.00 -33.97 -0.68
N TYR E 163 -27.42 -35.17 -0.69
CA TYR E 163 -27.35 -35.97 -1.90
C TYR E 163 -27.69 -37.39 -1.52
N ASP E 164 -28.88 -37.84 -1.91
CA ASP E 164 -29.36 -39.18 -1.60
C ASP E 164 -29.09 -40.17 -2.72
N GLY E 165 -28.04 -39.95 -3.51
CA GLY E 165 -27.75 -40.85 -4.61
C GLY E 165 -26.32 -41.34 -4.63
N GLN E 166 -25.72 -41.51 -3.44
CA GLN E 166 -24.35 -42.00 -3.38
C GLN E 166 -24.24 -43.41 -3.94
N GLU E 167 -25.34 -44.15 -3.98
CA GLU E 167 -25.32 -45.47 -4.56
C GLU E 167 -25.38 -45.40 -6.08
N LEU E 168 -26.16 -44.48 -6.63
CA LEU E 168 -26.36 -44.47 -8.08
C LEU E 168 -25.17 -43.90 -8.82
N ILE E 169 -24.48 -42.92 -8.24
CA ILE E 169 -23.26 -42.40 -8.83
C ILE E 169 -22.54 -41.53 -7.81
N ALA E 170 -21.21 -41.59 -7.81
CA ALA E 170 -20.44 -40.84 -6.82
C ALA E 170 -20.51 -39.35 -7.14
N ASN E 171 -20.74 -38.55 -6.11
CA ASN E 171 -20.83 -37.11 -6.31
C ASN E 171 -19.50 -36.53 -6.76
N GLU E 172 -18.39 -37.15 -6.37
CA GLU E 172 -17.09 -36.61 -6.73
C GLU E 172 -16.79 -36.82 -8.21
N VAL E 173 -17.24 -37.94 -8.76
CA VAL E 173 -16.95 -38.23 -10.16
C VAL E 173 -17.89 -37.46 -11.08
N ALA E 174 -19.18 -37.42 -10.75
CA ALA E 174 -20.14 -36.83 -11.66
C ALA E 174 -19.95 -35.32 -11.79
N VAL E 175 -19.21 -34.71 -10.87
CA VAL E 175 -18.85 -33.30 -11.03
C VAL E 175 -17.70 -33.17 -12.01
N ARG E 176 -16.78 -34.14 -12.00
CA ARG E 176 -15.66 -34.08 -12.91
C ARG E 176 -16.11 -34.21 -14.36
N TYR E 177 -17.02 -35.16 -14.62
CA TYR E 177 -17.48 -35.42 -15.98
C TYR E 177 -18.12 -34.19 -16.59
N LEU E 178 -18.86 -33.41 -15.79
CA LEU E 178 -19.58 -32.26 -16.34
C LEU E 178 -18.73 -31.00 -16.29
N ARG E 179 -18.00 -30.81 -15.19
CA ARG E 179 -17.11 -29.66 -15.09
C ARG E 179 -16.05 -29.69 -16.19
N CYS E 180 -15.71 -30.88 -16.68
CA CYS E 180 -14.78 -30.99 -17.79
C CYS E 180 -15.43 -30.59 -19.10
N ILE E 181 -16.61 -31.13 -19.40
CA ILE E 181 -17.29 -30.85 -20.66
C ILE E 181 -17.53 -29.36 -20.84
N SER E 182 -17.72 -28.63 -19.73
CA SER E 182 -17.89 -27.19 -19.81
C SER E 182 -16.67 -26.53 -20.43
N GLN E 183 -15.50 -26.83 -19.88
CA GLN E 183 -14.28 -26.14 -20.32
C GLN E 183 -13.96 -26.46 -21.78
N ALA E 184 -14.44 -27.60 -22.28
CA ALA E 184 -14.33 -27.86 -23.71
C ALA E 184 -15.07 -26.79 -24.51
N LEU E 185 -16.33 -26.56 -24.16
CA LEU E 185 -17.06 -25.47 -24.80
C LEU E 185 -16.44 -24.13 -24.48
N GLY E 186 -15.73 -24.03 -23.35
CA GLY E 186 -15.07 -22.77 -23.03
C GLY E 186 -14.02 -22.40 -24.03
N TRP E 187 -13.03 -23.27 -24.23
CA TRP E 187 -11.97 -22.97 -25.17
C TRP E 187 -12.49 -22.99 -26.61
N CYS E 188 -13.35 -23.96 -26.93
CA CYS E 188 -13.88 -24.04 -28.28
C CYS E 188 -14.73 -22.81 -28.61
N PHE E 189 -15.27 -22.14 -27.60
CA PHE E 189 -15.98 -20.89 -27.84
C PHE E 189 -15.00 -19.75 -28.08
N VAL E 190 -14.00 -19.61 -27.21
CA VAL E 190 -13.04 -18.53 -27.35
C VAL E 190 -12.27 -18.64 -28.66
N LEU E 191 -12.09 -19.86 -29.16
CA LEU E 191 -11.43 -20.02 -30.44
C LEU E 191 -12.28 -19.47 -31.57
N LEU E 192 -13.54 -19.91 -31.64
CA LEU E 192 -14.44 -19.44 -32.68
C LEU E 192 -14.70 -17.95 -32.57
N MET E 193 -14.51 -17.37 -31.39
CA MET E 193 -14.72 -15.94 -31.22
C MET E 193 -13.54 -15.16 -31.79
N THR E 194 -12.32 -15.51 -31.35
CA THR E 194 -11.14 -14.80 -31.81
C THR E 194 -10.92 -14.99 -33.30
N THR E 195 -11.25 -16.17 -33.82
CA THR E 195 -11.15 -16.38 -35.26
C THR E 195 -12.12 -15.47 -36.01
N LEU E 196 -13.21 -15.08 -35.38
CA LEU E 196 -14.14 -14.18 -36.03
C LEU E 196 -13.62 -12.74 -36.00
N ALA E 197 -13.03 -12.33 -34.87
CA ALA E 197 -12.45 -11.00 -34.79
C ALA E 197 -11.30 -10.86 -35.77
N PHE E 198 -10.44 -11.87 -35.86
CA PHE E 198 -9.33 -11.83 -36.81
C PHE E 198 -9.82 -11.76 -38.25
N LEU E 199 -11.03 -12.25 -38.51
CA LEU E 199 -11.53 -12.29 -39.88
C LEU E 199 -12.16 -10.95 -40.28
N VAL E 200 -12.96 -10.37 -39.39
CA VAL E 200 -13.61 -9.10 -39.72
C VAL E 200 -12.64 -7.95 -39.55
N ARG E 201 -11.58 -8.13 -38.77
CA ARG E 201 -10.63 -7.06 -38.54
C ARG E 201 -9.73 -6.83 -39.75
N SER E 202 -9.76 -7.72 -40.73
CA SER E 202 -8.86 -7.62 -41.87
C SER E 202 -9.57 -7.95 -43.17
N LEU E 203 -10.79 -7.46 -43.37
CA LEU E 203 -11.51 -7.81 -44.58
C LEU E 203 -12.61 -6.77 -44.86
N ARG E 204 -13.54 -7.13 -45.73
CA ARG E 204 -14.57 -6.37 -46.44
C ARG E 204 -15.70 -5.66 -45.70
N PRO E 205 -16.11 -6.07 -44.46
CA PRO E 205 -17.46 -5.70 -44.00
C PRO E 205 -17.67 -4.20 -43.82
N CYS E 206 -17.88 -3.50 -44.94
CA CYS E 206 -18.12 -2.07 -44.94
C CYS E 206 -16.91 -1.32 -44.38
N PHE E 207 -15.75 -1.55 -45.00
CA PHE E 207 -14.48 -0.97 -44.57
C PHE E 207 -13.89 -0.05 -45.63
N THR E 208 -14.68 0.27 -46.66
CA THR E 208 -14.20 0.98 -47.83
C THR E 208 -13.56 2.31 -47.45
N GLN E 209 -12.60 2.74 -48.27
CA GLN E 209 -11.83 3.93 -47.93
C GLN E 209 -12.67 5.19 -48.04
N ALA E 210 -13.48 5.28 -49.09
CA ALA E 210 -14.28 6.48 -49.31
C ALA E 210 -15.25 6.71 -48.16
N VAL E 211 -16.08 5.71 -47.88
CA VAL E 211 -17.11 5.86 -46.86
C VAL E 211 -16.49 6.08 -45.48
N PHE E 212 -15.26 5.63 -45.28
CA PHE E 212 -14.64 5.80 -43.97
C PHE E 212 -14.37 7.25 -43.66
N LEU E 213 -13.92 8.03 -44.65
CA LEU E 213 -13.58 9.42 -44.39
C LEU E 213 -14.80 10.22 -43.98
N LYS E 214 -15.96 9.91 -44.55
CA LYS E 214 -17.19 10.60 -44.15
C LYS E 214 -17.45 10.44 -42.67
N SER E 215 -17.39 9.20 -42.18
CA SER E 215 -17.70 8.96 -40.77
C SER E 215 -16.72 9.67 -39.86
N ARG E 216 -15.43 9.55 -40.14
CA ARG E 216 -14.44 10.19 -39.28
C ARG E 216 -14.55 11.70 -39.32
N TYR E 217 -15.07 12.25 -40.42
CA TYR E 217 -15.18 13.69 -40.53
C TYR E 217 -16.38 14.21 -39.76
N TRP E 218 -17.51 13.51 -39.82
CA TRP E 218 -18.69 13.99 -39.12
C TRP E 218 -18.53 13.88 -37.61
N SER E 219 -17.56 13.11 -37.13
CA SER E 219 -17.31 13.07 -35.70
C SER E 219 -16.75 14.39 -35.20
N HIS E 220 -15.73 14.91 -35.87
CA HIS E 220 -15.13 16.16 -35.44
C HIS E 220 -16.12 17.31 -35.50
N TYR E 221 -17.00 17.30 -36.51
CA TYR E 221 -18.04 18.31 -36.60
C TYR E 221 -18.91 18.31 -35.36
N ILE E 222 -19.24 17.12 -34.86
CA ILE E 222 -20.09 17.05 -33.67
C ILE E 222 -19.33 17.53 -32.45
N ASP E 223 -18.02 17.33 -32.40
CA ASP E 223 -17.28 17.63 -31.18
C ASP E 223 -16.99 19.12 -31.07
N ILE E 224 -16.38 19.72 -32.09
CA ILE E 224 -16.05 21.13 -32.00
C ILE E 224 -17.30 22.00 -31.98
N GLU E 225 -18.43 21.46 -32.40
CA GLU E 225 -19.69 22.19 -32.26
C GLU E 225 -19.99 22.48 -30.80
N ARG E 226 -20.06 21.42 -29.98
CA ARG E 226 -20.37 21.59 -28.56
C ARG E 226 -19.34 22.47 -27.88
N LYS E 227 -18.07 22.31 -28.22
CA LYS E 227 -17.02 23.13 -27.63
C LYS E 227 -17.17 24.58 -28.06
N LEU E 228 -17.45 24.82 -29.34
CA LEU E 228 -17.55 26.19 -29.82
C LEU E 228 -18.84 26.86 -29.38
N PHE E 229 -19.90 26.09 -29.12
CA PHE E 229 -21.14 26.72 -28.67
C PHE E 229 -21.00 27.26 -27.26
N ASP E 230 -20.42 26.46 -26.36
CA ASP E 230 -20.28 26.87 -24.97
C ASP E 230 -19.45 28.15 -24.84
N GLU E 231 -18.51 28.35 -25.75
CA GLU E 231 -17.71 29.56 -25.68
C GLU E 231 -18.55 30.80 -25.96
N THR E 232 -19.39 30.74 -27.00
CA THR E 232 -20.13 31.94 -27.37
C THR E 232 -21.21 32.27 -26.34
N CYS E 233 -21.86 31.26 -25.79
CA CYS E 233 -22.93 31.53 -24.83
C CYS E 233 -22.38 32.17 -23.57
N ALA E 234 -21.34 31.57 -22.97
CA ALA E 234 -20.73 32.14 -21.78
C ALA E 234 -20.21 33.55 -22.04
N GLU E 235 -19.62 33.75 -23.21
CA GLU E 235 -19.14 35.09 -23.55
C GLU E 235 -20.30 36.07 -23.71
N HIS E 236 -21.48 35.58 -24.08
CA HIS E 236 -22.62 36.48 -24.24
C HIS E 236 -23.19 36.89 -22.90
N ALA E 237 -23.18 35.99 -21.92
CA ALA E 237 -23.71 36.31 -20.60
C ALA E 237 -22.85 37.36 -19.91
N LYS E 238 -21.53 37.15 -19.92
CA LYS E 238 -20.61 38.06 -19.24
C LYS E 238 -20.76 39.48 -19.75
N SER E 239 -21.07 39.64 -21.03
CA SER E 239 -21.36 40.97 -21.54
C SER E 239 -22.71 41.49 -21.04
N PHE E 240 -23.56 40.61 -20.52
CA PHE E 240 -24.90 41.01 -20.13
C PHE E 240 -25.12 41.04 -18.63
N ALA E 241 -24.45 40.18 -17.87
CA ALA E 241 -24.71 40.13 -16.44
C ALA E 241 -24.27 41.39 -15.72
N LYS E 242 -23.28 42.09 -16.27
CA LYS E 242 -22.71 43.25 -15.60
C LYS E 242 -23.75 44.34 -15.39
N VAL E 243 -24.77 44.42 -16.26
CA VAL E 243 -25.77 45.46 -16.07
C VAL E 243 -26.65 45.15 -14.89
N CYS E 244 -26.64 43.90 -14.41
CA CYS E 244 -27.48 43.55 -13.26
C CYS E 244 -26.74 43.74 -11.95
N ILE E 245 -25.43 43.46 -11.93
CA ILE E 245 -24.68 43.54 -10.68
C ILE E 245 -24.39 44.96 -10.26
N GLN E 246 -24.71 45.94 -11.09
CA GLN E 246 -24.61 47.34 -10.70
C GLN E 246 -25.92 47.88 -10.17
N GLN E 247 -26.85 47.01 -9.80
CA GLN E 247 -28.07 47.40 -9.13
C GLN E 247 -28.15 46.91 -7.71
N PHE E 248 -27.56 45.77 -7.40
CA PHE E 248 -27.39 45.37 -6.00
C PHE E 248 -26.36 46.27 -5.32
N PHE E 249 -25.23 46.52 -5.99
CA PHE E 249 -24.29 47.50 -5.47
C PHE E 249 -24.87 48.90 -5.63
N GLN E 250 -24.16 49.87 -5.04
CA GLN E 250 -24.52 51.29 -5.05
C GLN E 250 -25.95 51.55 -4.60
N GLY E 251 -26.58 50.58 -3.93
CA GLY E 251 -27.95 50.73 -3.48
C GLY E 251 -28.15 50.16 -2.10
N MET E 252 -27.11 49.52 -1.55
CA MET E 252 -27.24 48.98 -0.20
C MET E 252 -27.26 50.14 0.78
N SER E 253 -26.14 50.85 0.90
CA SER E 253 -26.09 52.14 1.57
C SER E 253 -25.19 53.13 0.86
N LYS E 254 -24.34 52.68 -0.08
CA LYS E 254 -23.27 53.44 -0.69
C LYS E 254 -22.15 53.75 0.30
N ASP E 255 -22.21 53.24 1.52
CA ASP E 255 -21.22 53.51 2.55
C ASP E 255 -21.30 52.42 3.60
N LEU E 256 -20.13 51.97 4.06
CA LEU E 256 -20.05 51.01 5.15
C LEU E 256 -20.13 51.74 6.48
N THR E 257 -20.95 51.22 7.38
CA THR E 257 -21.07 51.79 8.70
C THR E 257 -19.96 51.34 9.64
N ALA E 258 -19.32 50.20 9.36
CA ALA E 258 -18.29 49.66 10.24
C ALA E 258 -16.99 50.44 10.17
N THR E 259 -16.90 51.45 9.30
CA THR E 259 -15.67 52.24 9.21
C THR E 259 -15.38 52.96 10.51
N HIS E 260 -14.10 53.00 10.89
CA HIS E 260 -13.69 53.63 12.12
C HIS E 260 -13.61 55.15 11.98
N ALA F 27 -23.62 7.08 -6.08
CA ALA F 27 -24.12 5.82 -6.63
C ALA F 27 -23.35 4.64 -6.06
N LEU F 28 -22.02 4.75 -6.04
CA LEU F 28 -21.19 3.67 -5.50
C LEU F 28 -21.36 3.52 -4.00
N ALA F 29 -21.65 4.61 -3.29
CA ALA F 29 -21.89 4.54 -1.85
C ALA F 29 -23.17 3.78 -1.53
N SER F 30 -24.08 3.64 -2.51
CA SER F 30 -25.31 2.90 -2.29
C SER F 30 -25.03 1.41 -2.09
N ALA F 31 -24.01 0.88 -2.78
CA ALA F 31 -23.72 -0.55 -2.67
C ALA F 31 -22.88 -0.85 -1.43
N GLN F 32 -21.88 0.01 -1.14
CA GLN F 32 -20.99 -0.28 -0.03
C GLN F 32 -21.67 -0.12 1.32
N LEU F 33 -22.64 0.79 1.43
CA LEU F 33 -23.33 0.96 2.69
C LEU F 33 -24.16 -0.27 3.05
N TYR F 34 -24.49 -1.10 2.06
CA TYR F 34 -25.22 -2.33 2.34
C TYR F 34 -24.39 -3.26 3.21
N SER F 35 -23.07 -3.25 3.05
CA SER F 35 -22.23 -4.08 3.90
C SER F 35 -22.22 -3.57 5.34
N ALA F 36 -22.29 -2.24 5.51
CA ALA F 36 -22.30 -1.67 6.86
C ALA F 36 -23.56 -2.08 7.61
N PHE F 37 -24.71 -2.00 6.96
CA PHE F 37 -25.95 -2.49 7.54
C PHE F 37 -25.84 -3.99 7.82
N ASP F 38 -26.41 -4.41 8.96
CA ASP F 38 -26.33 -5.80 9.39
C ASP F 38 -27.74 -6.36 9.48
N PHE F 39 -28.20 -6.95 8.38
CA PHE F 39 -29.56 -7.45 8.32
C PHE F 39 -29.78 -8.57 9.33
N ASN F 40 -30.99 -8.62 9.87
CA ASN F 40 -31.41 -9.71 10.74
C ASN F 40 -32.92 -9.64 10.93
N CYS F 41 -33.62 -10.73 10.63
CA CYS F 41 -35.06 -10.69 10.54
C CYS F 41 -35.70 -11.23 11.80
N PRO F 42 -36.52 -10.46 12.48
CA PRO F 42 -37.18 -10.98 13.67
C PRO F 42 -38.17 -12.07 13.32
N CYS F 43 -37.87 -13.30 13.71
CA CYS F 43 -38.67 -14.45 13.33
C CYS F 43 -39.97 -14.42 14.12
N LEU F 44 -40.91 -13.60 13.67
CA LEU F 44 -42.24 -13.54 14.23
C LEU F 44 -43.25 -13.64 13.10
N PRO F 45 -44.49 -14.01 13.40
CA PRO F 45 -45.46 -14.26 12.34
C PRO F 45 -45.78 -13.06 11.48
N ARG F 46 -46.24 -11.95 12.07
CA ARG F 46 -46.76 -10.85 11.28
C ARG F 46 -45.79 -9.69 11.15
N TYR F 47 -44.63 -9.76 11.80
CA TYR F 47 -43.67 -8.67 11.69
C TYR F 47 -42.67 -8.86 10.57
N ASN F 48 -42.46 -10.10 10.12
CA ASN F 48 -41.56 -10.36 9.00
C ASN F 48 -41.96 -9.53 7.79
N LEU F 49 -43.23 -9.65 7.38
CA LEU F 49 -43.71 -8.95 6.20
C LEU F 49 -43.52 -7.45 6.32
N ALA F 50 -43.55 -6.92 7.55
CA ALA F 50 -43.28 -5.50 7.73
C ALA F 50 -41.79 -5.21 7.65
N TYR F 51 -40.99 -5.91 8.46
CA TYR F 51 -39.57 -5.59 8.54
C TYR F 51 -38.86 -5.91 7.24
N GLY F 52 -39.38 -6.86 6.47
CA GLY F 52 -38.74 -7.19 5.22
C GLY F 52 -38.89 -6.08 4.19
N LEU F 53 -40.13 -5.76 3.85
CA LEU F 53 -40.37 -4.73 2.84
C LEU F 53 -39.79 -3.40 3.24
N GLY F 54 -39.82 -3.07 4.53
CA GLY F 54 -39.29 -1.79 4.98
C GLY F 54 -37.83 -1.61 4.61
N VAL F 55 -37.03 -2.67 4.80
CA VAL F 55 -35.66 -2.60 4.36
C VAL F 55 -35.56 -2.52 2.85
N LEU F 56 -36.60 -2.95 2.14
CA LEU F 56 -36.56 -2.92 0.68
C LEU F 56 -36.91 -1.55 0.11
N LEU F 57 -37.93 -0.89 0.65
CA LEU F 57 -38.48 0.32 0.05
C LEU F 57 -38.00 1.60 0.70
N VAL F 58 -37.89 1.64 2.03
CA VAL F 58 -37.57 2.90 2.71
C VAL F 58 -36.19 3.43 2.33
N PRO F 59 -35.11 2.66 2.41
CA PRO F 59 -33.80 3.17 2.01
C PRO F 59 -33.79 3.71 0.59
N PRO F 60 -34.53 3.11 -0.35
CA PRO F 60 -34.73 3.78 -1.63
C PRO F 60 -35.31 5.18 -1.48
N LEU F 61 -36.37 5.32 -0.70
CA LEU F 61 -37.01 6.63 -0.57
C LEU F 61 -36.07 7.67 0.00
N ILE F 62 -35.15 7.27 0.86
CA ILE F 62 -34.14 8.20 1.37
C ILE F 62 -33.27 8.70 0.24
N LEU F 63 -32.74 7.77 -0.56
CA LEU F 63 -31.81 8.15 -1.61
C LEU F 63 -32.50 8.95 -2.69
N PHE F 64 -33.82 8.82 -2.83
CA PHE F 64 -34.54 9.63 -3.79
C PHE F 64 -34.53 11.10 -3.36
N LEU F 65 -35.06 11.38 -2.18
CA LEU F 65 -35.04 12.74 -1.67
C LEU F 65 -33.63 13.28 -1.54
N LEU F 66 -32.68 12.42 -1.14
CA LEU F 66 -31.29 12.86 -1.06
C LEU F 66 -30.74 13.24 -2.41
N GLY F 67 -31.33 12.72 -3.49
CA GLY F 67 -30.88 13.11 -4.82
C GLY F 67 -31.17 14.55 -5.14
N PHE F 68 -32.16 15.15 -4.47
CA PHE F 68 -32.53 16.53 -4.77
C PHE F 68 -31.65 17.51 -4.02
N VAL F 69 -31.49 17.29 -2.70
CA VAL F 69 -30.79 18.26 -1.86
C VAL F 69 -29.34 18.39 -2.28
N LEU F 70 -28.78 17.37 -2.91
CA LEU F 70 -27.41 17.49 -3.39
C LEU F 70 -27.35 18.30 -4.68
N ASN F 71 -28.44 18.33 -5.42
CA ASN F 71 -28.49 19.17 -6.61
C ASN F 71 -28.54 20.63 -6.20
N ASN F 72 -28.24 21.52 -7.15
CA ASN F 72 -28.22 22.95 -6.87
C ASN F 72 -29.38 23.70 -7.48
N ASN F 73 -29.96 23.20 -8.57
CA ASN F 73 -31.05 23.93 -9.19
C ASN F 73 -32.37 23.74 -8.47
N VAL F 74 -32.40 23.03 -7.34
CA VAL F 74 -33.67 22.73 -6.69
C VAL F 74 -34.34 24.02 -6.21
N SER F 75 -33.54 24.99 -5.77
CA SER F 75 -34.12 26.23 -5.26
C SER F 75 -34.84 27.00 -6.35
N MET F 76 -34.27 27.03 -7.56
CA MET F 76 -34.85 27.81 -8.65
C MET F 76 -36.27 27.35 -8.95
N LEU F 77 -36.51 26.04 -8.91
CA LEU F 77 -37.85 25.53 -9.15
C LEU F 77 -38.81 26.01 -8.06
N ALA F 78 -38.44 25.87 -6.80
CA ALA F 78 -39.31 26.30 -5.72
C ALA F 78 -39.55 27.80 -5.74
N GLU F 79 -38.48 28.57 -5.96
CA GLU F 79 -38.64 30.02 -6.08
C GLU F 79 -39.51 30.36 -7.28
N GLU F 80 -39.45 29.55 -8.33
CA GLU F 80 -40.24 29.82 -9.54
C GLU F 80 -41.62 29.20 -9.44
N TRP F 81 -41.69 27.92 -9.08
CA TRP F 81 -42.98 27.24 -9.06
C TRP F 81 -43.85 27.67 -7.90
N ARG F 82 -43.30 28.41 -6.93
CA ARG F 82 -44.11 28.84 -5.79
C ARG F 82 -45.24 29.75 -6.23
N ARG F 83 -44.95 30.71 -7.09
CA ARG F 83 -45.96 31.67 -7.54
C ARG F 83 -47.02 30.97 -8.38
N PRO F 84 -48.25 30.81 -7.88
CA PRO F 84 -49.34 30.25 -8.68
C PRO F 84 -50.09 31.31 -9.48
N GLN F 85 -49.34 32.18 -10.17
CA GLN F 85 -49.94 33.31 -10.86
C GLN F 85 -49.69 33.33 -12.36
N GLY F 86 -48.68 32.61 -12.85
CA GLY F 86 -48.42 32.52 -14.28
C GLY F 86 -47.46 33.54 -14.84
N GLN F 87 -46.96 34.46 -14.02
CA GLN F 87 -45.98 35.45 -14.46
C GLN F 87 -44.56 34.93 -14.36
N ARG F 88 -44.37 33.61 -14.34
CA ARG F 88 -43.07 32.99 -14.14
C ARG F 88 -42.05 33.49 -15.15
N GLN F 89 -40.80 33.60 -14.70
CA GLN F 89 -39.80 34.36 -15.44
C GLN F 89 -39.19 33.56 -16.57
N LYS F 90 -38.67 32.37 -16.28
CA LYS F 90 -37.85 31.63 -17.24
C LYS F 90 -38.64 31.27 -18.49
N ASP F 91 -39.63 30.39 -18.37
CA ASP F 91 -40.45 29.98 -19.50
C ASP F 91 -41.47 28.97 -18.99
N ALA F 92 -42.54 28.81 -19.76
CA ALA F 92 -43.51 27.77 -19.44
C ALA F 92 -43.00 26.38 -19.78
N ALA F 93 -42.08 26.26 -20.74
CA ALA F 93 -41.62 24.96 -21.22
C ALA F 93 -40.26 24.58 -20.68
N VAL F 94 -39.37 25.56 -20.46
CA VAL F 94 -38.03 25.23 -20.00
C VAL F 94 -38.07 24.58 -18.63
N LEU F 95 -38.96 25.07 -17.76
CA LEU F 95 -39.07 24.50 -16.43
C LEU F 95 -39.42 23.02 -16.50
N ARG F 96 -40.42 22.68 -17.31
CA ARG F 96 -40.83 21.28 -17.43
C ARG F 96 -39.66 20.40 -17.87
N TYR F 97 -38.79 20.93 -18.73
CA TYR F 97 -37.62 20.16 -19.12
C TYR F 97 -36.68 19.98 -17.95
N MET F 98 -36.31 21.10 -17.31
CA MET F 98 -35.31 21.03 -16.24
C MET F 98 -35.80 20.15 -15.10
N PHE F 99 -37.09 20.18 -14.82
CA PHE F 99 -37.64 19.29 -13.80
C PHE F 99 -37.52 17.84 -14.22
N CYS F 100 -38.00 17.53 -15.43
CA CYS F 100 -37.97 16.14 -15.90
C CYS F 100 -36.56 15.64 -16.09
N SER F 101 -35.59 16.54 -16.23
CA SER F 101 -34.21 16.11 -16.32
C SER F 101 -33.66 15.76 -14.94
N MET F 102 -33.96 16.59 -13.94
CA MET F 102 -33.40 16.36 -12.62
C MET F 102 -33.93 15.08 -12.01
N VAL F 103 -35.19 14.74 -12.30
CA VAL F 103 -35.78 13.52 -11.76
C VAL F 103 -35.06 12.30 -12.30
N GLN F 104 -34.56 12.37 -13.53
CA GLN F 104 -33.90 11.22 -14.11
C GLN F 104 -32.60 10.90 -13.39
N ARG F 105 -31.75 11.91 -13.19
CA ARG F 105 -30.48 11.66 -12.53
C ARG F 105 -30.63 11.27 -11.06
N ALA F 106 -31.82 11.35 -10.51
CA ALA F 106 -32.08 10.86 -9.16
C ALA F 106 -32.40 9.38 -9.13
N MET F 107 -33.05 8.86 -10.17
CA MET F 107 -33.45 7.45 -10.17
C MET F 107 -32.28 6.49 -10.09
N ILE F 108 -31.06 6.93 -10.44
CA ILE F 108 -29.95 6.00 -10.52
C ILE F 108 -29.62 5.42 -9.16
N ALA F 109 -29.64 6.24 -8.12
CA ALA F 109 -29.28 5.76 -6.79
C ALA F 109 -30.27 4.71 -6.28
N PRO F 110 -31.56 4.98 -6.18
CA PRO F 110 -32.48 3.95 -5.68
C PRO F 110 -32.59 2.75 -6.59
N ALA F 111 -32.32 2.91 -7.88
CA ALA F 111 -32.35 1.76 -8.77
C ALA F 111 -31.27 0.76 -8.41
N VAL F 112 -30.08 1.25 -8.05
CA VAL F 112 -28.99 0.35 -7.68
C VAL F 112 -29.32 -0.37 -6.39
N TRP F 113 -29.95 0.32 -5.44
CA TRP F 113 -30.23 -0.29 -4.16
C TRP F 113 -31.22 -1.44 -4.30
N VAL F 114 -32.33 -1.20 -5.01
CA VAL F 114 -33.39 -2.20 -5.06
C VAL F 114 -32.93 -3.44 -5.80
N SER F 115 -31.92 -3.32 -6.65
CA SER F 115 -31.45 -4.48 -7.39
C SER F 115 -30.46 -5.30 -6.56
N VAL F 116 -29.39 -4.65 -6.10
CA VAL F 116 -28.33 -5.37 -5.41
C VAL F 116 -28.84 -5.99 -4.12
N THR F 117 -29.90 -5.42 -3.54
CA THR F 117 -30.51 -6.06 -2.38
C THR F 117 -31.40 -7.21 -2.79
N LEU F 118 -31.82 -7.24 -4.05
CA LEU F 118 -32.64 -8.36 -4.51
C LEU F 118 -31.78 -9.52 -4.98
N LEU F 119 -30.49 -9.28 -5.20
CA LEU F 119 -29.56 -10.34 -5.56
C LEU F 119 -28.93 -11.00 -4.37
N ASP F 120 -29.54 -10.89 -3.19
CA ASP F 120 -29.06 -11.57 -2.00
C ASP F 120 -30.10 -12.43 -1.32
N GLY F 121 -31.39 -12.11 -1.42
CA GLY F 121 -32.42 -12.92 -0.84
C GLY F 121 -32.74 -12.63 0.60
N LYS F 122 -31.76 -12.17 1.38
CA LYS F 122 -32.00 -11.94 2.81
C LYS F 122 -33.10 -10.93 3.04
N CYS F 123 -33.21 -9.93 2.17
CA CYS F 123 -34.30 -8.97 2.28
C CYS F 123 -35.61 -9.59 1.83
N ILE F 124 -35.54 -10.67 1.06
CA ILE F 124 -36.75 -11.29 0.54
C ILE F 124 -36.98 -12.67 1.14
N THR F 125 -35.92 -13.31 1.64
CA THR F 125 -36.08 -14.65 2.17
C THR F 125 -36.95 -14.67 3.41
N CYS F 126 -36.93 -13.59 4.18
CA CYS F 126 -37.75 -13.53 5.38
C CYS F 126 -39.00 -12.69 5.18
N ALA F 127 -39.18 -12.10 4.01
CA ALA F 127 -40.40 -11.37 3.72
C ALA F 127 -41.55 -12.34 3.50
N PHE F 128 -41.35 -13.34 2.64
CA PHE F 128 -42.41 -14.25 2.25
C PHE F 128 -42.17 -15.67 2.76
N CYS F 129 -41.24 -15.85 3.69
CA CYS F 129 -40.96 -17.17 4.22
C CYS F 129 -42.18 -17.82 4.86
N THR F 130 -43.13 -17.03 5.35
CA THR F 130 -44.33 -17.54 5.97
C THR F 130 -45.46 -17.73 4.96
N SER F 131 -45.13 -17.93 3.69
CA SER F 131 -46.15 -18.07 2.67
C SER F 131 -45.92 -19.21 1.69
N LEU F 132 -44.71 -19.79 1.62
CA LEU F 132 -44.44 -20.78 0.61
C LEU F 132 -45.24 -22.06 0.87
N PRO F 133 -45.35 -22.91 -0.13
CA PRO F 133 -46.07 -24.18 0.06
C PRO F 133 -45.15 -25.27 0.56
N VAL F 134 -45.60 -26.02 1.56
CA VAL F 134 -44.79 -27.11 2.11
C VAL F 134 -45.13 -28.44 1.48
N GLU F 135 -46.39 -28.63 1.08
CA GLU F 135 -46.84 -29.87 0.46
C GLU F 135 -46.52 -29.97 -1.02
N ALA F 136 -45.63 -29.11 -1.52
CA ALA F 136 -45.24 -29.12 -2.93
C ALA F 136 -43.78 -29.48 -3.13
N LEU F 137 -42.87 -28.76 -2.48
CA LEU F 137 -41.44 -29.04 -2.58
C LEU F 137 -40.83 -29.53 -1.28
N GLY F 138 -41.49 -29.30 -0.15
CA GLY F 138 -40.95 -29.69 1.13
C GLY F 138 -41.36 -31.09 1.56
N ASN F 139 -41.64 -31.26 2.85
CA ASN F 139 -42.04 -32.56 3.38
C ASN F 139 -43.52 -32.79 3.06
N ALA F 140 -44.11 -33.80 3.71
CA ALA F 140 -45.49 -34.18 3.44
C ALA F 140 -46.44 -33.04 3.76
N SER F 141 -47.71 -33.22 3.38
CA SER F 141 -48.69 -32.15 3.52
C SER F 141 -48.98 -31.86 4.99
N HIS F 142 -49.05 -32.89 5.83
CA HIS F 142 -49.36 -32.70 7.24
C HIS F 142 -48.71 -33.79 8.07
N HIS F 143 -48.10 -33.38 9.19
CA HIS F 143 -47.48 -34.32 10.13
C HIS F 143 -47.99 -34.12 11.55
N GLY F 144 -49.15 -33.50 11.73
CA GLY F 144 -49.75 -33.39 13.05
C GLY F 144 -49.65 -32.03 13.71
N LEU F 145 -49.89 -30.96 12.94
CA LEU F 145 -49.89 -29.61 13.47
C LEU F 145 -51.07 -28.83 12.91
N PRO F 146 -51.65 -27.94 13.70
CA PRO F 146 -52.82 -27.19 13.24
C PRO F 146 -52.43 -26.17 12.17
N GLN F 147 -53.43 -25.43 11.71
CA GLN F 147 -53.24 -24.42 10.67
C GLN F 147 -52.72 -23.09 11.22
N GLY F 148 -52.54 -22.98 12.54
CA GLY F 148 -52.06 -21.75 13.12
C GLY F 148 -50.56 -21.78 13.39
N GLU F 149 -50.08 -22.89 13.94
CA GLU F 149 -48.67 -22.99 14.29
C GLU F 149 -47.77 -23.06 13.06
N VAL F 150 -48.31 -23.43 11.91
CA VAL F 150 -47.52 -23.47 10.68
C VAL F 150 -46.85 -22.12 10.44
N LYS F 151 -47.62 -21.05 10.53
CA LYS F 151 -47.02 -19.72 10.57
C LYS F 151 -46.09 -19.59 11.76
N ARG F 152 -46.48 -20.15 12.91
CA ARG F 152 -45.63 -20.08 14.08
C ARG F 152 -44.33 -20.83 13.85
N VAL F 153 -44.35 -21.85 13.00
CA VAL F 153 -43.16 -22.67 12.83
C VAL F 153 -42.40 -22.28 11.57
N LEU F 154 -43.11 -22.03 10.47
CA LEU F 154 -42.43 -21.67 9.24
C LEU F 154 -41.70 -20.34 9.37
N ALA F 155 -42.22 -19.46 10.22
CA ALA F 155 -41.72 -18.08 10.27
C ALA F 155 -40.25 -18.03 10.64
N ARG F 156 -39.75 -19.00 11.41
CA ARG F 156 -38.38 -18.96 11.87
C ARG F 156 -37.40 -19.59 10.88
N ILE F 157 -37.76 -19.65 9.59
CA ILE F 157 -36.87 -20.30 8.62
C ILE F 157 -35.50 -19.64 8.54
N PRO F 158 -35.38 -18.33 8.44
CA PRO F 158 -34.05 -17.73 8.58
C PRO F 158 -33.62 -17.80 10.03
N CYS F 159 -32.42 -17.30 10.34
CA CYS F 159 -31.87 -17.42 11.70
C CYS F 159 -31.73 -18.89 12.08
N LYS F 160 -30.81 -19.55 11.36
CA LYS F 160 -30.62 -20.99 11.49
C LYS F 160 -29.92 -21.36 12.79
N GLU F 161 -30.50 -20.98 13.93
CA GLU F 161 -30.05 -21.43 15.23
C GLU F 161 -31.18 -21.86 16.15
N ILE F 162 -32.41 -21.41 15.89
CA ILE F 162 -33.59 -21.84 16.63
C ILE F 162 -34.68 -22.15 15.60
N TYR F 163 -34.77 -23.41 15.20
CA TYR F 163 -35.72 -23.82 14.16
C TYR F 163 -36.35 -25.13 14.63
N ASP F 164 -37.61 -25.06 15.05
CA ASP F 164 -38.33 -26.22 15.55
C ASP F 164 -39.18 -26.88 14.47
N GLY F 165 -38.77 -26.78 13.20
CA GLY F 165 -39.54 -27.35 12.13
C GLY F 165 -38.73 -28.24 11.20
N GLN F 166 -37.71 -28.91 11.75
CA GLN F 166 -36.89 -29.78 10.92
C GLN F 166 -37.71 -30.95 10.37
N GLU F 167 -38.83 -31.27 11.01
CA GLU F 167 -39.70 -32.31 10.49
C GLU F 167 -40.55 -31.80 9.33
N LEU F 168 -41.04 -30.56 9.43
CA LEU F 168 -41.98 -30.08 8.42
C LEU F 168 -41.30 -29.70 7.11
N ILE F 169 -40.07 -29.19 7.18
CA ILE F 169 -39.31 -28.93 5.97
C ILE F 169 -37.85 -28.65 6.35
N ALA F 170 -36.93 -29.11 5.52
CA ALA F 170 -35.52 -28.94 5.84
C ALA F 170 -35.12 -27.47 5.69
N ASN F 171 -34.38 -26.97 6.67
CA ASN F 171 -33.96 -25.57 6.62
C ASN F 171 -33.01 -25.33 5.47
N GLU F 172 -32.25 -26.34 5.05
CA GLU F 172 -31.29 -26.15 3.98
C GLU F 172 -31.98 -26.00 2.64
N VAL F 173 -33.09 -26.72 2.44
CA VAL F 173 -33.78 -26.68 1.16
C VAL F 173 -34.63 -25.43 1.05
N ALA F 174 -35.37 -25.10 2.11
CA ALA F 174 -36.33 -23.99 2.03
C ALA F 174 -35.62 -22.66 1.87
N VAL F 175 -34.32 -22.58 2.14
CA VAL F 175 -33.58 -21.37 1.84
C VAL F 175 -33.23 -21.32 0.37
N ARG F 176 -32.97 -22.48 -0.23
CA ARG F 176 -32.65 -22.52 -1.66
C ARG F 176 -33.83 -22.08 -2.50
N TYR F 177 -35.02 -22.58 -2.16
CA TYR F 177 -36.21 -22.30 -2.96
C TYR F 177 -36.51 -20.80 -2.99
N LEU F 178 -36.28 -20.10 -1.88
CA LEU F 178 -36.61 -18.69 -1.80
C LEU F 178 -35.44 -17.82 -2.25
N ARG F 179 -34.23 -18.17 -1.84
CA ARG F 179 -33.06 -17.43 -2.29
C ARG F 179 -32.92 -17.47 -3.80
N CYS F 180 -33.45 -18.51 -4.43
CA CYS F 180 -33.45 -18.58 -5.89
C CYS F 180 -34.47 -17.63 -6.50
N ILE F 181 -35.71 -17.69 -6.00
CA ILE F 181 -36.78 -16.86 -6.56
C ILE F 181 -36.44 -15.39 -6.49
N SER F 182 -35.66 -14.99 -5.48
CA SER F 182 -35.22 -13.60 -5.39
C SER F 182 -34.42 -13.20 -6.60
N GLN F 183 -33.38 -13.98 -6.92
CA GLN F 183 -32.48 -13.60 -8.00
C GLN F 183 -33.19 -13.57 -9.34
N ALA F 184 -34.28 -14.31 -9.48
CA ALA F 184 -35.10 -14.17 -10.68
C ALA F 184 -35.64 -12.76 -10.79
N LEU F 185 -36.26 -12.25 -9.73
CA LEU F 185 -36.68 -10.86 -9.73
C LEU F 185 -35.49 -9.92 -9.83
N GLY F 186 -34.32 -10.36 -9.38
CA GLY F 186 -33.15 -9.52 -9.48
C GLY F 186 -32.79 -9.21 -10.93
N TRP F 187 -32.55 -10.25 -11.72
CA TRP F 187 -32.18 -10.03 -13.12
C TRP F 187 -33.36 -9.49 -13.90
N CYS F 188 -34.57 -10.01 -13.66
CA CYS F 188 -35.74 -9.53 -14.38
C CYS F 188 -36.02 -8.06 -14.06
N PHE F 189 -35.56 -7.58 -12.92
CA PHE F 189 -35.69 -6.16 -12.61
C PHE F 189 -34.65 -5.36 -13.38
N VAL F 190 -33.39 -5.77 -13.31
CA VAL F 190 -32.32 -5.04 -13.98
C VAL F 190 -32.54 -5.01 -15.47
N LEU F 191 -33.19 -6.02 -16.02
CA LEU F 191 -33.49 -6.02 -17.45
C LEU F 191 -34.51 -4.93 -17.78
N LEU F 192 -35.64 -4.93 -17.06
CA LEU F 192 -36.67 -3.92 -17.30
C LEU F 192 -36.18 -2.52 -16.99
N MET F 193 -35.15 -2.39 -16.17
CA MET F 193 -34.61 -1.08 -15.87
C MET F 193 -33.74 -0.57 -17.01
N THR F 194 -32.78 -1.38 -17.44
CA THR F 194 -31.88 -0.97 -18.51
C THR F 194 -32.63 -0.78 -19.81
N THR F 195 -33.65 -1.60 -20.07
CA THR F 195 -34.46 -1.40 -21.25
C THR F 195 -35.20 -0.08 -21.20
N LEU F 196 -35.47 0.44 -20.00
CA LEU F 196 -36.13 1.73 -19.91
C LEU F 196 -35.14 2.86 -20.15
N ALA F 197 -33.92 2.73 -19.62
CA ALA F 197 -32.90 3.74 -19.88
C ALA F 197 -32.56 3.80 -21.36
N PHE F 198 -32.42 2.65 -22.00
CA PHE F 198 -32.13 2.62 -23.43
C PHE F 198 -33.24 3.24 -24.24
N LEU F 199 -34.46 3.24 -23.71
CA LEU F 199 -35.60 3.75 -24.48
C LEU F 199 -35.72 5.27 -24.35
N VAL F 200 -35.56 5.79 -23.13
CA VAL F 200 -35.68 7.23 -22.93
C VAL F 200 -34.41 7.94 -23.35
N ARG F 201 -33.29 7.22 -23.42
CA ARG F 201 -32.03 7.83 -23.80
C ARG F 201 -31.95 8.12 -25.29
N SER F 202 -32.89 7.60 -26.08
CA SER F 202 -32.84 7.76 -27.52
C SER F 202 -34.22 8.04 -28.10
N LEU F 203 -35.00 8.90 -27.47
CA LEU F 203 -36.34 9.16 -27.98
C LEU F 203 -36.85 10.51 -27.47
N ARG F 204 -38.16 10.73 -27.60
CA ARG F 204 -38.97 11.93 -27.48
C ARG F 204 -39.08 12.70 -26.16
N PRO F 205 -38.86 12.11 -24.96
CA PRO F 205 -39.42 12.72 -23.75
C PRO F 205 -38.85 14.09 -23.41
N CYS F 206 -39.33 15.11 -24.13
CA CYS F 206 -38.90 16.48 -23.93
C CYS F 206 -37.40 16.64 -24.23
N PHE F 207 -37.01 16.25 -25.43
CA PHE F 207 -35.63 16.26 -25.88
C PHE F 207 -35.41 17.23 -27.03
N THR F 208 -36.41 18.05 -27.34
CA THR F 208 -36.42 18.89 -28.52
C THR F 208 -35.20 19.80 -28.58
N GLN F 209 -34.78 20.13 -29.81
CA GLN F 209 -33.54 20.87 -29.98
C GLN F 209 -33.69 22.30 -29.49
N ALA F 210 -34.82 22.93 -29.80
CA ALA F 210 -35.00 24.33 -29.43
C ALA F 210 -34.98 24.51 -27.92
N VAL F 211 -35.83 23.77 -27.21
CA VAL F 211 -35.94 23.93 -25.76
C VAL F 211 -34.64 23.54 -25.07
N PHE F 212 -33.83 22.71 -25.70
CA PHE F 212 -32.59 22.29 -25.06
C PHE F 212 -31.61 23.45 -24.92
N LEU F 213 -31.53 24.29 -25.95
CA LEU F 213 -30.55 25.39 -25.91
C LEU F 213 -30.86 26.37 -24.80
N LYS F 214 -32.15 26.61 -24.53
CA LYS F 214 -32.53 27.49 -23.43
C LYS F 214 -31.95 27.00 -22.12
N SER F 215 -32.15 25.71 -21.81
CA SER F 215 -31.70 25.19 -20.54
C SER F 215 -30.19 25.27 -20.41
N ARG F 216 -29.46 24.85 -21.44
CA ARG F 216 -28.01 24.88 -21.36
C ARG F 216 -27.48 26.30 -21.28
N TYR F 217 -28.25 27.27 -21.77
CA TYR F 217 -27.78 28.65 -21.75
C TYR F 217 -27.99 29.27 -20.38
N TRP F 218 -29.13 28.99 -19.75
CA TRP F 218 -29.39 29.58 -18.44
C TRP F 218 -28.49 29.00 -17.37
N SER F 219 -27.84 27.87 -17.63
CA SER F 219 -26.90 27.35 -16.67
C SER F 219 -25.66 28.23 -16.58
N HIS F 220 -25.08 28.58 -17.73
CA HIS F 220 -23.88 29.42 -17.72
C HIS F 220 -24.16 30.78 -17.11
N TYR F 221 -25.35 31.33 -17.34
CA TYR F 221 -25.74 32.59 -16.73
C TYR F 221 -25.66 32.50 -15.22
N ILE F 222 -26.13 31.38 -14.65
CA ILE F 222 -26.09 31.24 -13.21
C ILE F 222 -24.67 31.08 -12.71
N ASP F 223 -23.79 30.49 -13.50
CA ASP F 223 -22.45 30.20 -13.00
C ASP F 223 -21.56 31.43 -13.03
N ILE F 224 -21.45 32.07 -14.19
CA ILE F 224 -20.56 33.23 -14.28
C ILE F 224 -21.08 34.39 -13.46
N GLU F 225 -22.37 34.37 -13.09
CA GLU F 225 -22.89 35.38 -12.17
C GLU F 225 -22.18 35.30 -10.83
N ARG F 226 -22.21 34.13 -10.18
CA ARG F 226 -21.57 33.98 -8.88
C ARG F 226 -20.08 34.26 -8.95
N LYS F 227 -19.42 33.83 -10.03
CA LYS F 227 -18.00 34.10 -10.18
C LYS F 227 -17.74 35.58 -10.37
N LEU F 228 -18.56 36.24 -11.19
CA LEU F 228 -18.33 37.65 -11.45
C LEU F 228 -18.73 38.54 -10.28
N PHE F 229 -19.67 38.09 -9.44
CA PHE F 229 -20.05 38.91 -8.30
C PHE F 229 -18.94 38.94 -7.25
N ASP F 230 -18.35 37.79 -6.95
CA ASP F 230 -17.30 37.72 -5.94
C ASP F 230 -16.11 38.59 -6.31
N GLU F 231 -15.85 38.76 -7.59
CA GLU F 231 -14.73 39.59 -8.00
C GLU F 231 -14.98 41.04 -7.64
N THR F 232 -16.18 41.55 -7.93
CA THR F 232 -16.43 42.97 -7.71
C THR F 232 -16.49 43.30 -6.24
N CYS F 233 -17.08 42.42 -5.42
CA CYS F 233 -17.21 42.71 -4.00
C CYS F 233 -15.84 42.78 -3.34
N ALA F 234 -15.01 41.75 -3.55
CA ALA F 234 -13.67 41.74 -2.97
C ALA F 234 -12.86 42.92 -3.45
N GLU F 235 -13.00 43.27 -4.72
CA GLU F 235 -12.29 44.43 -5.23
C GLU F 235 -12.80 45.72 -4.61
N HIS F 236 -14.05 45.74 -4.17
CA HIS F 236 -14.59 46.95 -3.55
C HIS F 236 -14.08 47.12 -2.14
N ALA F 237 -13.91 46.01 -1.41
CA ALA F 237 -13.42 46.10 -0.04
C ALA F 237 -11.98 46.59 0.01
N LYS F 238 -11.13 46.00 -0.83
CA LYS F 238 -9.71 46.35 -0.85
C LYS F 238 -9.50 47.83 -1.10
N SER F 239 -10.37 48.44 -1.89
CA SER F 239 -10.31 49.88 -2.06
C SER F 239 -10.79 50.62 -0.82
N PHE F 240 -11.48 49.93 0.08
CA PHE F 240 -12.06 50.59 1.24
C PHE F 240 -11.38 50.26 2.55
N ALA F 241 -10.82 49.05 2.70
CA ALA F 241 -10.24 48.67 3.97
C ALA F 241 -9.00 49.48 4.29
N LYS F 242 -8.30 49.97 3.28
CA LYS F 242 -7.03 50.66 3.50
C LYS F 242 -7.21 51.91 4.34
N VAL F 243 -8.39 52.53 4.30
CA VAL F 243 -8.58 53.73 5.11
C VAL F 243 -8.68 53.38 6.58
N CYS F 244 -8.93 52.11 6.90
CA CYS F 244 -9.04 51.72 8.30
C CYS F 244 -7.69 51.30 8.87
N ILE F 245 -6.86 50.63 8.07
CA ILE F 245 -5.60 50.11 8.57
C ILE F 245 -4.56 51.20 8.78
N GLN F 246 -4.84 52.43 8.35
CA GLN F 246 -3.98 53.55 8.66
C GLN F 246 -4.40 54.30 9.91
N GLN F 247 -5.23 53.67 10.74
CA GLN F 247 -5.57 54.21 12.04
C GLN F 247 -5.04 53.39 13.19
N PHE F 248 -4.91 52.07 13.00
CA PHE F 248 -4.18 51.27 13.97
C PHE F 248 -2.69 51.58 13.90
N PHE F 249 -2.14 51.65 12.69
CA PHE F 249 -0.77 52.10 12.53
C PHE F 249 -0.69 53.59 12.82
N GLN F 250 0.54 54.10 12.88
CA GLN F 250 0.87 55.50 13.15
C GLN F 250 0.20 56.05 14.41
N GLY F 251 -0.29 55.16 15.28
CA GLY F 251 -0.94 55.59 16.49
C GLY F 251 -0.56 54.73 17.68
N MET F 252 0.22 53.68 17.43
CA MET F 252 0.65 52.84 18.55
C MET F 252 1.67 53.62 19.37
N SER F 253 2.84 53.89 18.79
CA SER F 253 3.77 54.85 19.33
C SER F 253 4.44 55.68 18.24
N LYS F 254 4.34 55.29 16.98
CA LYS F 254 5.10 55.82 15.84
C LYS F 254 6.58 55.48 15.93
N ASP F 255 6.99 54.68 16.91
CA ASP F 255 8.39 54.34 17.10
C ASP F 255 8.49 53.06 17.93
N LEU F 256 9.38 52.17 17.54
CA LEU F 256 9.64 50.96 18.30
C LEU F 256 10.64 51.27 19.42
N THR F 257 10.32 50.78 20.62
CA THR F 257 11.22 50.97 21.75
C THR F 257 12.34 49.96 21.78
N ALA F 258 12.17 48.80 21.11
CA ALA F 258 13.18 47.76 21.14
C ALA F 258 14.41 48.08 20.29
N THR F 259 14.42 49.22 19.59
CA THR F 259 15.57 49.59 18.78
C THR F 259 16.80 49.77 19.66
N HIS F 260 17.94 49.32 19.14
CA HIS F 260 19.20 49.41 19.88
C HIS F 260 19.80 50.81 19.77
N ALA G 27 -17.47 15.32 10.15
CA ALA G 27 -18.65 14.48 9.97
C ALA G 27 -18.27 13.01 9.90
N LEU G 28 -17.25 12.70 9.11
CA LEU G 28 -16.79 11.32 8.98
C LEU G 28 -16.15 10.81 10.27
N ALA G 29 -15.52 11.69 11.03
CA ALA G 29 -14.94 11.28 12.31
C ALA G 29 -16.01 10.90 13.33
N SER G 30 -17.25 11.32 13.11
CA SER G 30 -18.33 10.96 14.02
C SER G 30 -18.63 9.46 13.94
N ALA G 31 -18.50 8.87 12.75
CA ALA G 31 -18.81 7.45 12.60
C ALA G 31 -17.64 6.57 13.05
N GLN G 32 -16.42 6.96 12.70
CA GLN G 32 -15.27 6.12 12.99
C GLN G 32 -14.94 6.09 14.49
N LEU G 33 -15.22 7.18 15.20
CA LEU G 33 -14.95 7.19 16.64
C LEU G 33 -15.86 6.22 17.38
N TYR G 34 -17.00 5.85 16.78
CA TYR G 34 -17.87 4.87 17.40
C TYR G 34 -17.19 3.52 17.55
N SER G 35 -16.31 3.18 16.59
CA SER G 35 -15.58 1.92 16.72
C SER G 35 -14.56 1.99 17.85
N ALA G 36 -13.97 3.16 18.08
CA ALA G 36 -13.00 3.30 19.17
C ALA G 36 -13.66 3.10 20.53
N PHE G 37 -14.83 3.71 20.72
CA PHE G 37 -15.61 3.47 21.93
C PHE G 37 -15.99 2.00 22.03
N ASP G 38 -15.95 1.47 23.25
CA ASP G 38 -16.22 0.06 23.50
C ASP G 38 -17.43 -0.04 24.42
N PHE G 39 -18.62 -0.13 23.81
CA PHE G 39 -19.84 -0.15 24.60
C PHE G 39 -19.92 -1.39 25.47
N ASN G 40 -20.51 -1.22 26.65
CA ASN G 40 -20.79 -2.33 27.56
C ASN G 40 -21.75 -1.87 28.63
N CYS G 41 -22.87 -2.57 28.80
CA CYS G 41 -23.95 -2.05 29.61
C CYS G 41 -23.94 -2.71 30.98
N PRO G 42 -23.84 -1.95 32.05
CA PRO G 42 -23.88 -2.56 33.37
C PRO G 42 -25.24 -3.15 33.66
N CYS G 43 -25.31 -4.47 33.74
CA CYS G 43 -26.59 -5.16 33.90
C CYS G 43 -27.08 -4.96 35.33
N LEU G 44 -27.67 -3.80 35.58
CA LEU G 44 -28.30 -3.51 36.84
C LEU G 44 -29.70 -2.96 36.58
N PRO G 45 -30.58 -3.01 37.56
CA PRO G 45 -31.97 -2.65 37.33
C PRO G 45 -32.19 -1.21 36.89
N ARG G 46 -31.73 -0.23 37.67
CA ARG G 46 -32.09 1.15 37.41
C ARG G 46 -30.98 1.95 36.75
N TYR G 47 -29.81 1.35 36.55
CA TYR G 47 -28.72 2.07 35.92
C TYR G 47 -28.70 1.92 34.40
N ASN G 48 -29.30 0.85 33.88
CA ASN G 48 -29.38 0.66 32.43
C ASN G 48 -29.99 1.88 31.77
N LEU G 49 -31.18 2.27 32.21
CA LEU G 49 -31.89 3.39 31.61
C LEU G 49 -31.06 4.67 31.65
N ALA G 50 -30.20 4.81 32.64
CA ALA G 50 -29.31 5.96 32.68
C ALA G 50 -28.16 5.78 31.71
N TYR G 51 -27.42 4.68 31.83
CA TYR G 51 -26.22 4.52 31.02
C TYR G 51 -26.55 4.39 29.55
N GLY G 52 -27.73 3.89 29.23
CA GLY G 52 -28.10 3.75 27.83
C GLY G 52 -28.32 5.09 27.16
N LEU G 53 -29.28 5.87 27.67
CA LEU G 53 -29.59 7.15 27.07
C LEU G 53 -28.38 8.08 27.07
N GLY G 54 -27.57 8.02 28.11
CA GLY G 54 -26.41 8.90 28.19
C GLY G 54 -25.47 8.72 27.00
N VAL G 55 -25.22 7.47 26.62
CA VAL G 55 -24.44 7.23 25.43
C VAL G 55 -25.18 7.70 24.19
N LEU G 56 -26.49 7.84 24.25
CA LEU G 56 -27.25 8.26 23.08
C LEU G 56 -27.26 9.77 22.90
N LEU G 57 -27.44 10.53 23.99
CA LEU G 57 -27.65 11.96 23.89
C LEU G 57 -26.41 12.81 24.16
N VAL G 58 -25.59 12.43 25.13
CA VAL G 58 -24.47 13.28 25.52
C VAL G 58 -23.46 13.45 24.39
N PRO G 59 -22.95 12.41 23.75
CA PRO G 59 -22.00 12.57 22.64
C PRO G 59 -22.55 13.46 21.55
N PRO G 60 -23.86 13.41 21.25
CA PRO G 60 -24.43 14.45 20.39
C PRO G 60 -24.19 15.85 20.91
N LEU G 61 -24.47 16.09 22.19
CA LEU G 61 -24.33 17.44 22.74
C LEU G 61 -22.90 17.93 22.64
N ILE G 62 -21.92 17.03 22.73
CA ILE G 62 -20.52 17.43 22.55
C ILE G 62 -20.31 17.94 21.13
N LEU G 63 -20.74 17.16 20.14
CA LEU G 63 -20.50 17.53 18.76
C LEU G 63 -21.27 18.77 18.37
N PHE G 64 -22.35 19.09 19.07
CA PHE G 64 -23.07 20.32 18.80
C PHE G 64 -22.22 21.52 19.17
N LEU G 65 -21.83 21.62 20.44
CA LEU G 65 -20.98 22.71 20.88
C LEU G 65 -19.66 22.72 20.13
N LEU G 66 -19.11 21.55 19.82
CA LEU G 66 -17.87 21.50 19.05
C LEU G 66 -18.06 22.06 17.66
N GLY G 67 -19.29 22.06 17.15
CA GLY G 67 -19.53 22.65 15.85
C GLY G 67 -19.33 24.15 15.82
N PHE G 68 -19.43 24.80 16.98
CA PHE G 68 -19.29 26.25 17.03
C PHE G 68 -17.83 26.67 17.12
N VAL G 69 -17.09 26.06 18.05
CA VAL G 69 -15.72 26.48 18.30
C VAL G 69 -14.84 26.28 17.08
N LEU G 70 -15.20 25.35 16.21
CA LEU G 70 -14.42 25.18 14.99
C LEU G 70 -14.76 26.26 13.97
N ASN G 71 -15.95 26.84 14.06
CA ASN G 71 -16.28 27.95 13.19
C ASN G 71 -15.49 29.18 13.60
N ASN G 72 -15.43 30.16 12.70
CA ASN G 72 -14.67 31.38 12.96
C ASN G 72 -15.53 32.59 13.23
N ASN G 73 -16.76 32.62 12.71
CA ASN G 73 -17.60 33.79 12.93
C ASN G 73 -18.25 33.82 14.30
N VAL G 74 -17.93 32.87 15.17
CA VAL G 74 -18.62 32.80 16.47
C VAL G 74 -18.30 34.02 17.30
N SER G 75 -17.08 34.55 17.19
CA SER G 75 -16.71 35.71 17.99
C SER G 75 -17.51 36.93 17.61
N MET G 76 -17.75 37.13 16.31
CA MET G 76 -18.45 38.32 15.84
C MET G 76 -19.84 38.42 16.46
N LEU G 77 -20.52 37.29 16.59
CA LEU G 77 -21.84 37.30 17.22
C LEU G 77 -21.74 37.73 18.67
N ALA G 78 -20.83 37.14 19.43
CA ALA G 78 -20.70 37.48 20.85
C ALA G 78 -20.25 38.93 21.02
N GLU G 79 -19.27 39.37 20.22
CA GLU G 79 -18.87 40.76 20.27
C GLU G 79 -20.02 41.68 19.90
N GLU G 80 -20.88 41.22 18.99
CA GLU G 80 -22.01 42.04 18.55
C GLU G 80 -23.21 41.88 19.46
N TRP G 81 -23.60 40.63 19.73
CA TRP G 81 -24.81 40.39 20.52
C TRP G 81 -24.62 40.73 21.99
N ARG G 82 -23.38 40.95 22.43
CA ARG G 82 -23.15 41.27 23.84
C ARG G 82 -23.85 42.57 24.23
N ARG G 83 -23.71 43.61 23.41
CA ARG G 83 -24.30 44.90 23.72
C ARG G 83 -25.81 44.82 23.69
N PRO G 84 -26.49 44.93 24.83
CA PRO G 84 -27.96 44.96 24.85
C PRO G 84 -28.51 46.38 24.73
N GLN G 85 -27.99 47.14 23.77
CA GLN G 85 -28.34 48.55 23.63
C GLN G 85 -28.97 48.90 22.29
N GLY G 86 -28.81 48.08 21.26
CA GLY G 86 -29.44 48.33 19.99
C GLY G 86 -28.63 49.12 18.98
N GLN G 87 -27.43 49.58 19.34
CA GLN G 87 -26.56 50.30 18.43
C GLN G 87 -25.68 49.37 17.62
N ARG G 88 -26.09 48.11 17.47
CA ARG G 88 -25.29 47.10 16.80
C ARG G 88 -24.90 47.52 15.39
N GLN G 89 -23.70 47.11 14.98
CA GLN G 89 -23.07 47.71 13.81
C GLN G 89 -23.59 47.11 12.51
N LYS G 90 -23.53 45.79 12.38
CA LYS G 90 -23.78 45.14 11.10
C LYS G 90 -25.18 45.40 10.57
N ASP G 91 -26.20 44.88 11.26
CA ASP G 91 -27.58 45.06 10.86
C ASP G 91 -28.46 44.32 11.85
N ALA G 92 -29.73 44.71 11.90
CA ALA G 92 -30.69 43.97 12.71
C ALA G 92 -31.07 42.65 12.08
N ALA G 93 -30.99 42.53 10.75
CA ALA G 93 -31.46 41.35 10.04
C ALA G 93 -30.34 40.44 9.61
N VAL G 94 -29.17 40.99 9.28
CA VAL G 94 -28.08 40.16 8.78
C VAL G 94 -27.62 39.19 9.87
N LEU G 95 -27.58 39.65 11.12
CA LEU G 95 -27.16 38.80 12.22
C LEU G 95 -28.07 37.58 12.33
N ARG G 96 -29.38 37.79 12.28
CA ARG G 96 -30.32 36.68 12.39
C ARG G 96 -30.08 35.66 11.30
N TYR G 97 -29.70 36.11 10.11
CA TYR G 97 -29.39 35.17 9.05
C TYR G 97 -28.13 34.39 9.37
N MET G 98 -27.04 35.11 9.69
CA MET G 98 -25.77 34.44 9.91
C MET G 98 -25.86 33.46 11.08
N PHE G 99 -26.62 33.80 12.10
CA PHE G 99 -26.83 32.87 13.20
C PHE G 99 -27.58 31.64 12.74
N CYS G 100 -28.72 31.84 12.08
CA CYS G 100 -29.53 30.70 11.65
C CYS G 100 -28.82 29.87 10.61
N SER G 101 -27.83 30.43 9.93
CA SER G 101 -27.04 29.64 8.99
C SER G 101 -26.04 28.78 9.72
N MET G 102 -25.36 29.34 10.71
CA MET G 102 -24.32 28.59 11.40
C MET G 102 -24.90 27.41 12.17
N VAL G 103 -26.11 27.58 12.70
CA VAL G 103 -26.74 26.48 13.44
C VAL G 103 -27.02 25.30 12.53
N GLN G 104 -27.30 25.58 11.26
CA GLN G 104 -27.64 24.48 10.34
C GLN G 104 -26.42 23.60 10.09
N ARG G 105 -25.28 24.19 9.77
CA ARG G 105 -24.09 23.40 9.49
C ARG G 105 -23.55 22.67 10.72
N ALA G 106 -24.09 22.95 11.90
CA ALA G 106 -23.73 22.21 13.10
C ALA G 106 -24.56 20.95 13.27
N MET G 107 -25.81 20.96 12.83
CA MET G 107 -26.69 19.81 13.03
C MET G 107 -26.19 18.55 12.32
N ILE G 108 -25.32 18.68 11.32
CA ILE G 108 -24.94 17.52 10.53
C ILE G 108 -24.20 16.50 11.37
N ALA G 109 -23.30 16.97 12.23
CA ALA G 109 -22.51 16.04 13.04
C ALA G 109 -23.38 15.25 14.01
N PRO G 110 -24.15 15.86 14.90
CA PRO G 110 -24.96 15.06 15.82
C PRO G 110 -26.03 14.25 15.13
N ALA G 111 -26.48 14.68 13.96
CA ALA G 111 -27.48 13.90 13.23
C ALA G 111 -26.90 12.56 12.80
N VAL G 112 -25.64 12.54 12.37
CA VAL G 112 -25.03 11.29 11.96
C VAL G 112 -24.85 10.36 13.15
N TRP G 113 -24.49 10.92 14.30
CA TRP G 113 -24.24 10.09 15.48
C TRP G 113 -25.52 9.39 15.93
N VAL G 114 -26.61 10.14 16.05
CA VAL G 114 -27.81 9.56 16.64
C VAL G 114 -28.41 8.50 15.74
N SER G 115 -28.10 8.54 14.45
CA SER G 115 -28.64 7.56 13.53
C SER G 115 -27.81 6.29 13.54
N VAL G 116 -26.51 6.41 13.26
CA VAL G 116 -25.66 5.24 13.13
C VAL G 116 -25.58 4.47 14.43
N THR G 117 -25.79 5.14 15.56
CA THR G 117 -25.85 4.42 16.82
C THR G 117 -27.21 3.76 17.01
N LEU G 118 -28.22 4.22 16.28
CA LEU G 118 -29.52 3.57 16.38
C LEU G 118 -29.63 2.39 15.45
N LEU G 119 -28.72 2.29 14.48
CA LEU G 119 -28.69 1.14 13.59
C LEU G 119 -27.85 0.00 14.11
N ASP G 120 -27.60 -0.04 15.42
CA ASP G 120 -26.87 -1.14 16.03
C ASP G 120 -27.61 -1.80 17.17
N GLY G 121 -28.46 -1.09 17.90
CA GLY G 121 -29.23 -1.67 18.96
C GLY G 121 -28.54 -1.72 20.30
N LYS G 122 -27.21 -1.81 20.33
CA LYS G 122 -26.51 -1.94 21.60
C LYS G 122 -26.77 -0.75 22.51
N CYS G 123 -26.90 0.44 21.92
CA CYS G 123 -27.24 1.61 22.72
C CYS G 123 -28.69 1.57 23.15
N ILE G 124 -29.52 0.79 22.46
CA ILE G 124 -30.93 0.74 22.78
C ILE G 124 -31.34 -0.62 23.33
N THR G 125 -30.57 -1.67 23.07
CA THR G 125 -30.94 -3.00 23.52
C THR G 125 -30.90 -3.09 25.03
N CYS G 126 -30.01 -2.33 25.68
CA CYS G 126 -29.92 -2.36 27.12
C CYS G 126 -30.59 -1.17 27.76
N ALA G 127 -31.12 -0.24 26.98
CA ALA G 127 -31.86 0.87 27.54
C ALA G 127 -33.22 0.41 28.04
N PHE G 128 -33.96 -0.32 27.20
CA PHE G 128 -35.32 -0.72 27.52
C PHE G 128 -35.45 -2.23 27.72
N CYS G 129 -34.33 -2.93 27.86
CA CYS G 129 -34.38 -4.37 28.05
C CYS G 129 -35.19 -4.77 29.29
N THR G 130 -35.28 -3.90 30.29
CA THR G 130 -36.03 -4.18 31.50
C THR G 130 -37.47 -3.72 31.40
N SER G 131 -38.02 -3.64 30.20
CA SER G 131 -39.38 -3.17 30.01
C SER G 131 -40.22 -4.00 29.06
N LEU G 132 -39.62 -4.88 28.25
CA LEU G 132 -40.40 -5.58 27.24
C LEU G 132 -41.35 -6.56 27.88
N PRO G 133 -42.35 -7.03 27.15
CA PRO G 133 -43.28 -8.02 27.70
C PRO G 133 -42.79 -9.43 27.47
N VAL G 134 -42.87 -10.26 28.51
CA VAL G 134 -42.44 -11.65 28.39
C VAL G 134 -43.59 -12.58 28.07
N GLU G 135 -44.80 -12.25 28.52
CA GLU G 135 -45.97 -13.08 28.27
C GLU G 135 -46.59 -12.83 26.90
N ALA G 136 -45.88 -12.19 25.99
CA ALA G 136 -46.37 -11.92 24.65
C ALA G 136 -45.57 -12.64 23.57
N LEU G 137 -44.25 -12.44 23.54
CA LEU G 137 -43.39 -13.10 22.57
C LEU G 137 -42.44 -14.10 23.19
N GLY G 138 -42.19 -14.01 24.49
CA GLY G 138 -41.26 -14.90 25.17
C GLY G 138 -41.90 -16.16 25.70
N ASN G 139 -41.47 -16.59 26.88
CA ASN G 139 -42.00 -17.80 27.50
C ASN G 139 -43.34 -17.48 28.15
N ALA G 140 -43.83 -18.40 28.99
CA ALA G 140 -45.14 -18.25 29.61
C ALA G 140 -45.19 -17.01 30.49
N SER G 141 -46.38 -16.69 30.97
CA SER G 141 -46.58 -15.45 31.73
C SER G 141 -45.86 -15.51 33.08
N HIS G 142 -45.87 -16.67 33.74
CA HIS G 142 -45.24 -16.79 35.04
C HIS G 142 -44.76 -18.22 35.25
N HIS G 143 -43.54 -18.35 35.78
CA HIS G 143 -42.96 -19.65 36.10
C HIS G 143 -42.46 -19.72 37.54
N GLY G 144 -42.96 -18.86 38.41
CA GLY G 144 -42.60 -18.95 39.82
C GLY G 144 -41.60 -17.92 40.32
N LEU G 145 -41.77 -16.66 39.91
CA LEU G 145 -40.90 -15.58 40.38
C LEU G 145 -41.75 -14.36 40.69
N PRO G 146 -41.37 -13.59 41.71
CA PRO G 146 -42.16 -12.42 42.10
C PRO G 146 -42.04 -11.31 41.06
N GLN G 147 -42.71 -10.20 41.34
CA GLN G 147 -42.73 -9.05 40.45
C GLN G 147 -41.51 -8.15 40.61
N GLY G 148 -40.60 -8.48 41.53
CA GLY G 148 -39.42 -7.67 41.73
C GLY G 148 -38.21 -8.23 41.02
N GLU G 149 -38.01 -9.54 41.12
CA GLU G 149 -36.83 -10.16 40.51
C GLU G 149 -36.89 -10.16 38.99
N VAL G 150 -38.08 -9.99 38.41
CA VAL G 150 -38.19 -9.93 36.95
C VAL G 150 -37.28 -8.84 36.40
N LYS G 151 -37.35 -7.65 36.99
CA LYS G 151 -36.34 -6.63 36.70
C LYS G 151 -34.96 -7.14 37.06
N ARG G 152 -34.84 -7.85 38.17
CA ARG G 152 -33.55 -8.38 38.59
C ARG G 152 -33.04 -9.39 37.57
N VAL G 153 -33.95 -10.08 36.88
CA VAL G 153 -33.52 -11.14 35.97
C VAL G 153 -33.50 -10.65 34.54
N LEU G 154 -34.51 -9.90 34.11
CA LEU G 154 -34.54 -9.44 32.73
C LEU G 154 -33.41 -8.49 32.45
N ALA G 155 -32.94 -7.77 33.46
CA ALA G 155 -31.99 -6.68 33.23
C ALA G 155 -30.69 -7.18 32.63
N ARG G 156 -30.32 -8.43 32.88
CA ARG G 156 -29.04 -8.95 32.39
C ARG G 156 -29.14 -9.54 31.00
N ILE G 157 -30.12 -9.12 30.20
CA ILE G 157 -30.30 -9.70 28.87
C ILE G 157 -29.07 -9.51 27.99
N PRO G 158 -28.51 -8.32 27.87
CA PRO G 158 -27.21 -8.21 27.19
C PRO G 158 -26.13 -8.81 28.06
N CYS G 159 -24.87 -8.81 27.59
CA CYS G 159 -23.78 -9.47 28.30
C CYS G 159 -24.08 -10.97 28.46
N LYS G 160 -24.08 -11.65 27.31
CA LYS G 160 -24.47 -13.05 27.24
C LYS G 160 -23.40 -13.97 27.81
N GLU G 161 -23.04 -13.75 29.08
CA GLU G 161 -22.17 -14.68 29.81
C GLU G 161 -22.68 -14.98 31.21
N ILE G 162 -23.51 -14.13 31.78
CA ILE G 162 -24.14 -14.37 33.08
C ILE G 162 -25.62 -14.03 32.93
N TYR G 163 -26.44 -15.04 32.62
CA TYR G 163 -27.86 -14.83 32.39
C TYR G 163 -28.60 -15.95 33.09
N ASP G 164 -29.25 -15.62 34.20
CA ASP G 164 -29.99 -16.60 34.99
C ASP G 164 -31.47 -16.64 34.64
N GLY G 165 -31.83 -16.31 33.40
CA GLY G 165 -33.22 -16.31 33.02
C GLY G 165 -33.50 -17.09 31.76
N GLN G 166 -32.74 -18.17 31.53
CA GLN G 166 -32.97 -18.98 30.34
C GLN G 166 -34.34 -19.63 30.37
N GLU G 167 -34.94 -19.76 31.55
CA GLU G 167 -36.29 -20.30 31.64
C GLU G 167 -37.32 -19.25 31.28
N LEU G 168 -37.11 -18.00 31.69
CA LEU G 168 -38.15 -16.99 31.52
C LEU G 168 -38.22 -16.49 30.08
N ILE G 169 -37.09 -16.41 29.38
CA ILE G 169 -37.08 -16.07 27.98
C ILE G 169 -35.71 -16.36 27.39
N ALA G 170 -35.69 -16.83 26.14
CA ALA G 170 -34.42 -17.19 25.53
C ALA G 170 -33.61 -15.94 25.22
N ASN G 171 -32.32 -15.98 25.56
CA ASN G 171 -31.47 -14.83 25.30
C ASN G 171 -31.31 -14.56 23.82
N GLU G 172 -31.41 -15.60 22.99
CA GLU G 172 -31.22 -15.41 21.55
C GLU G 172 -32.41 -14.69 20.94
N VAL G 173 -33.61 -14.96 21.44
CA VAL G 173 -34.80 -14.34 20.85
C VAL G 173 -34.97 -12.91 21.36
N ALA G 174 -34.78 -12.69 22.66
CA ALA G 174 -35.06 -11.38 23.21
C ALA G 174 -34.08 -10.32 22.71
N VAL G 175 -32.96 -10.73 22.12
CA VAL G 175 -32.08 -9.77 21.47
C VAL G 175 -32.63 -9.41 20.10
N ARG G 176 -33.25 -10.38 19.43
CA ARG G 176 -33.80 -10.10 18.11
C ARG G 176 -34.95 -9.11 18.19
N TYR G 177 -35.84 -9.30 19.18
CA TYR G 177 -37.02 -8.46 19.30
C TYR G 177 -36.63 -7.00 19.51
N LEU G 178 -35.57 -6.75 20.26
CA LEU G 178 -35.18 -5.37 20.58
C LEU G 178 -34.23 -4.81 19.54
N ARG G 179 -33.27 -5.62 19.10
CA ARG G 179 -32.35 -5.18 18.06
C ARG G 179 -33.10 -4.82 16.78
N CYS G 180 -34.27 -5.43 16.57
CA CYS G 180 -35.10 -5.09 15.42
C CYS G 180 -35.78 -3.74 15.61
N ILE G 181 -36.43 -3.55 16.76
CA ILE G 181 -37.17 -2.32 17.02
C ILE G 181 -36.27 -1.10 16.92
N SER G 182 -34.99 -1.26 17.24
CA SER G 182 -34.04 -0.15 17.10
C SER G 182 -33.96 0.31 15.65
N GLN G 183 -33.71 -0.63 14.74
CA GLN G 183 -33.49 -0.26 13.35
C GLN G 183 -34.73 0.37 12.73
N ALA G 184 -35.92 0.06 13.27
CA ALA G 184 -37.11 0.78 12.85
C ALA G 184 -36.98 2.27 13.14
N LEU G 185 -36.63 2.61 14.38
CA LEU G 185 -36.37 4.01 14.70
C LEU G 185 -35.17 4.53 13.92
N GLY G 186 -34.25 3.64 13.52
CA GLY G 186 -33.11 4.08 12.74
C GLY G 186 -33.52 4.66 11.41
N TRP G 187 -34.21 3.87 10.60
CA TRP G 187 -34.62 4.34 9.28
C TRP G 187 -35.69 5.43 9.41
N CYS G 188 -36.64 5.25 10.33
CA CYS G 188 -37.69 6.25 10.50
C CYS G 188 -37.12 7.57 10.98
N PHE G 189 -35.95 7.55 11.62
CA PHE G 189 -35.28 8.80 11.99
C PHE G 189 -34.62 9.42 10.78
N VAL G 190 -33.84 8.63 10.03
CA VAL G 190 -33.14 9.17 8.88
C VAL G 190 -34.10 9.69 7.83
N LEU G 191 -35.31 9.12 7.77
CA LEU G 191 -36.31 9.63 6.84
C LEU G 191 -36.76 11.02 7.24
N LEU G 192 -37.19 11.16 8.50
CA LEU G 192 -37.66 12.45 8.99
C LEU G 192 -36.55 13.49 8.98
N MET G 193 -35.30 13.06 8.99
CA MET G 193 -34.19 14.01 8.95
C MET G 193 -33.99 14.53 7.54
N THR G 194 -33.85 13.61 6.57
CA THR G 194 -33.63 14.03 5.19
C THR G 194 -34.81 14.80 4.64
N THR G 195 -36.02 14.43 5.04
CA THR G 195 -37.19 15.19 4.62
C THR G 195 -37.15 16.60 5.17
N LEU G 196 -36.47 16.82 6.29
CA LEU G 196 -36.36 18.16 6.82
C LEU G 196 -35.31 18.96 6.06
N ALA G 197 -34.19 18.32 5.71
CA ALA G 197 -33.17 19.00 4.92
C ALA G 197 -33.71 19.37 3.55
N PHE G 198 -34.45 18.46 2.91
CA PHE G 198 -35.03 18.75 1.61
C PHE G 198 -36.03 19.89 1.69
N LEU G 199 -36.62 20.11 2.87
CA LEU G 199 -37.66 21.13 2.98
C LEU G 199 -37.05 22.51 3.21
N VAL G 200 -36.05 22.59 4.09
CA VAL G 200 -35.43 23.89 4.37
C VAL G 200 -34.45 24.26 3.28
N ARG G 201 -33.97 23.29 2.51
CA ARG G 201 -33.01 23.57 1.46
C ARG G 201 -33.67 24.23 0.25
N SER G 202 -34.98 24.27 0.20
CA SER G 202 -35.69 24.80 -0.96
C SER G 202 -36.89 25.64 -0.56
N LEU G 203 -36.75 26.49 0.45
CA LEU G 203 -37.89 27.27 0.89
C LEU G 203 -37.42 28.51 1.64
N ARG G 204 -38.35 29.13 2.37
CA ARG G 204 -38.38 30.45 3.01
C ARG G 204 -37.41 30.81 4.13
N PRO G 205 -36.83 29.86 4.92
CA PRO G 205 -36.32 30.25 6.24
C PRO G 205 -35.15 31.23 6.20
N CYS G 206 -35.48 32.50 5.98
CA CYS G 206 -34.49 33.57 5.92
C CYS G 206 -33.50 33.34 4.78
N PHE G 207 -34.04 33.21 3.57
CA PHE G 207 -33.27 32.92 2.36
C PHE G 207 -33.36 34.07 1.35
N THR G 208 -33.91 35.21 1.77
CA THR G 208 -34.23 36.30 0.87
C THR G 208 -32.99 36.76 0.10
N GLN G 209 -33.23 37.29 -1.10
CA GLN G 209 -32.12 37.64 -1.97
C GLN G 209 -31.36 38.85 -1.45
N ALA G 210 -32.08 39.85 -0.97
CA ALA G 210 -31.45 41.08 -0.51
C ALA G 210 -30.51 40.80 0.66
N VAL G 211 -31.06 40.19 1.72
CA VAL G 211 -30.27 39.96 2.92
C VAL G 211 -29.11 39.02 2.66
N PHE G 212 -29.21 38.19 1.63
CA PHE G 212 -28.13 37.25 1.35
C PHE G 212 -26.87 37.97 0.89
N LEU G 213 -27.02 39.00 0.06
CA LEU G 213 -25.84 39.68 -0.46
C LEU G 213 -25.05 40.36 0.64
N LYS G 214 -25.74 40.89 1.66
CA LYS G 214 -25.04 41.50 2.78
C LYS G 214 -24.11 40.50 3.44
N SER G 215 -24.61 39.31 3.75
CA SER G 215 -23.80 38.33 4.46
C SER G 215 -22.59 37.91 3.63
N ARG G 216 -22.81 37.60 2.35
CA ARG G 216 -21.70 37.16 1.52
C ARG G 216 -20.68 38.27 1.31
N TYR G 217 -21.11 39.53 1.42
CA TYR G 217 -20.19 40.63 1.22
C TYR G 217 -19.34 40.87 2.44
N TRP G 218 -19.93 40.79 3.63
CA TRP G 218 -19.16 41.04 4.84
C TRP G 218 -18.15 39.94 5.10
N SER G 219 -18.29 38.78 4.46
CA SER G 219 -17.28 37.74 4.60
C SER G 219 -15.98 38.15 3.94
N HIS G 220 -16.04 38.62 2.70
CA HIS G 220 -14.83 39.01 2.00
C HIS G 220 -14.13 40.17 2.70
N TYR G 221 -14.90 41.09 3.27
CA TYR G 221 -14.32 42.18 4.03
C TYR G 221 -13.46 41.65 5.18
N ILE G 222 -13.96 40.61 5.86
CA ILE G 222 -13.20 40.06 6.97
C ILE G 222 -11.95 39.35 6.48
N ASP G 223 -11.99 38.76 5.29
CA ASP G 223 -10.87 37.94 4.85
C ASP G 223 -9.73 38.81 4.32
N ILE G 224 -10.01 39.69 3.36
CA ILE G 224 -8.95 40.49 2.79
C ILE G 224 -8.39 41.48 3.81
N GLU G 225 -9.13 41.75 4.88
CA GLU G 225 -8.59 42.56 5.96
C GLU G 225 -7.35 41.90 6.57
N ARG G 226 -7.51 40.66 7.06
CA ARG G 226 -6.40 39.96 7.68
C ARG G 226 -5.24 39.79 6.71
N LYS G 227 -5.54 39.49 5.44
CA LYS G 227 -4.48 39.35 4.46
C LYS G 227 -3.78 40.67 4.20
N LEU G 228 -4.55 41.76 4.09
CA LEU G 228 -3.94 43.04 3.79
C LEU G 228 -3.22 43.63 5.00
N PHE G 229 -3.63 43.27 6.22
CA PHE G 229 -2.94 43.81 7.38
C PHE G 229 -1.54 43.22 7.51
N ASP G 230 -1.43 41.90 7.35
CA ASP G 230 -0.14 41.23 7.50
C ASP G 230 0.89 41.77 6.50
N GLU G 231 0.43 42.20 5.33
CA GLU G 231 1.36 42.73 4.35
C GLU G 231 1.98 44.04 4.84
N THR G 232 1.16 44.94 5.37
CA THR G 232 1.69 46.24 5.76
C THR G 232 2.60 46.15 6.97
N CYS G 233 2.25 45.30 7.94
CA CYS G 233 3.06 45.20 9.13
C CYS G 233 4.45 44.65 8.81
N ALA G 234 4.50 43.52 8.10
CA ALA G 234 5.79 42.94 7.72
C ALA G 234 6.61 43.91 6.89
N GLU G 235 5.95 44.63 5.99
CA GLU G 235 6.67 45.62 5.19
C GLU G 235 7.18 46.76 6.05
N HIS G 236 6.51 47.04 7.17
CA HIS G 236 6.97 48.14 8.02
C HIS G 236 8.18 47.72 8.84
N ALA G 237 8.25 46.47 9.25
CA ALA G 237 9.39 46.01 10.04
C ALA G 237 10.65 46.00 9.20
N LYS G 238 10.57 45.44 7.99
CA LYS G 238 11.74 45.33 7.12
C LYS G 238 12.36 46.70 6.85
N SER G 239 11.54 47.73 6.78
CA SER G 239 12.09 49.08 6.66
C SER G 239 12.74 49.54 7.96
N PHE G 240 12.45 48.87 9.08
CA PHE G 240 12.94 49.32 10.37
C PHE G 240 14.02 48.43 10.96
N ALA G 241 14.00 47.13 10.69
CA ALA G 241 14.98 46.25 11.31
C ALA G 241 16.38 46.52 10.83
N LYS G 242 16.53 47.03 9.62
CA LYS G 242 17.86 47.21 9.03
C LYS G 242 18.71 48.17 9.86
N VAL G 243 18.09 49.11 10.58
CA VAL G 243 18.90 50.02 11.37
C VAL G 243 19.49 49.32 12.57
N CYS G 244 18.95 48.15 12.93
CA CYS G 244 19.49 47.43 14.09
C CYS G 244 20.60 46.47 13.69
N ILE G 245 20.49 45.85 12.52
CA ILE G 245 21.47 44.84 12.11
C ILE G 245 22.78 45.46 11.67
N GLN G 246 22.85 46.78 11.56
CA GLN G 246 24.11 47.46 11.30
C GLN G 246 24.80 47.91 12.57
N GLN G 247 24.41 47.36 13.71
CA GLN G 247 25.09 47.59 14.97
C GLN G 247 25.77 46.35 15.51
N PHE G 248 25.22 45.17 15.24
CA PHE G 248 25.96 43.94 15.52
C PHE G 248 27.12 43.78 14.55
N PHE G 249 26.87 44.03 13.26
CA PHE G 249 27.97 44.07 12.32
C PHE G 249 28.81 45.32 12.55
N GLN G 250 29.94 45.39 11.85
CA GLN G 250 30.91 46.48 11.90
C GLN G 250 31.34 46.82 13.33
N GLY G 251 31.10 45.92 14.29
CA GLY G 251 31.47 46.17 15.66
C GLY G 251 32.05 44.95 16.32
N MET G 252 32.04 43.81 15.61
CA MET G 252 32.62 42.61 16.19
C MET G 252 34.13 42.78 16.23
N SER G 253 34.76 42.83 15.06
CA SER G 253 36.15 43.27 14.94
C SER G 253 36.38 44.12 13.71
N LYS G 254 35.44 44.16 12.75
CA LYS G 254 35.59 44.73 11.43
C LYS G 254 36.57 43.94 10.57
N ASP G 255 37.08 42.82 11.05
CA ASP G 255 38.05 42.02 10.32
C ASP G 255 38.05 40.60 10.87
N LEU G 256 38.12 39.63 9.98
CA LEU G 256 38.23 38.23 10.37
C LEU G 256 39.69 37.89 10.64
N THR G 257 39.92 37.20 11.77
CA THR G 257 41.27 36.79 12.10
C THR G 257 41.68 35.51 11.38
N ALA G 258 40.71 34.71 10.93
CA ALA G 258 41.03 33.44 10.30
C ALA G 258 41.59 33.60 8.89
N THR G 259 41.67 34.83 8.37
CA THR G 259 42.22 35.04 7.04
C THR G 259 43.67 34.59 6.96
N HIS G 260 44.02 33.98 5.84
CA HIS G 260 45.38 33.47 5.65
C HIS G 260 46.34 34.59 5.24
N ALA H 27 -0.64 16.35 19.36
CA ALA H 27 -1.94 16.00 19.93
C ALA H 27 -2.32 14.57 19.59
N LEU H 28 -2.15 14.20 18.31
CA LEU H 28 -2.46 12.84 17.89
C LEU H 28 -1.50 11.81 18.47
N ALA H 29 -0.25 12.21 18.71
CA ALA H 29 0.71 11.30 19.33
C ALA H 29 0.33 10.98 20.78
N SER H 30 -0.50 11.81 21.41
CA SER H 30 -0.94 11.54 22.76
C SER H 30 -1.82 10.31 22.85
N ALA H 31 -2.62 10.06 21.81
CA ALA H 31 -3.52 8.91 21.83
C ALA H 31 -2.79 7.63 21.42
N GLN H 32 -1.94 7.71 20.39
CA GLN H 32 -1.30 6.51 19.88
C GLN H 32 -0.26 5.96 20.85
N LEU H 33 0.40 6.83 21.63
CA LEU H 33 1.39 6.35 22.58
C LEU H 33 0.75 5.53 23.69
N TYR H 34 -0.56 5.71 23.91
CA TYR H 34 -1.27 4.92 24.91
C TYR H 34 -1.24 3.43 24.54
N SER H 35 -1.28 3.13 23.25
CA SER H 35 -1.21 1.73 22.83
C SER H 35 0.19 1.15 23.09
N ALA H 36 1.23 1.97 22.95
CA ALA H 36 2.58 1.50 23.20
C ALA H 36 2.77 1.13 24.67
N PHE H 37 2.29 1.99 25.57
CA PHE H 37 2.30 1.66 26.99
C PHE H 37 1.48 0.41 27.25
N ASP H 38 1.96 -0.43 28.16
CA ASP H 38 1.31 -1.70 28.47
C ASP H 38 0.90 -1.68 29.95
N PHE H 39 -0.32 -1.23 30.21
CA PHE H 39 -0.79 -1.10 31.58
C PHE H 39 -0.87 -2.46 32.26
N ASN H 40 -0.57 -2.45 33.56
CA ASN H 40 -0.74 -3.64 34.40
C ASN H 40 -0.64 -3.23 35.86
N CYS H 41 -1.65 -3.57 36.65
CA CYS H 41 -1.77 -3.00 37.98
C CYS H 41 -1.28 -4.00 39.02
N PRO H 42 -0.29 -3.64 39.83
CA PRO H 42 0.16 -4.56 40.87
C PRO H 42 -0.91 -4.77 41.91
N CYS H 43 -1.47 -5.96 41.97
CA CYS H 43 -2.59 -6.25 42.86
C CYS H 43 -2.08 -6.33 44.29
N LEU H 44 -1.87 -5.17 44.89
CA LEU H 44 -1.51 -5.06 46.30
C LEU H 44 -2.44 -4.07 46.97
N PRO H 45 -2.54 -4.13 48.28
CA PRO H 45 -3.54 -3.30 48.99
C PRO H 45 -3.34 -1.81 48.83
N ARG H 46 -2.17 -1.27 49.20
CA ARG H 46 -2.00 0.17 49.27
C ARG H 46 -1.23 0.74 48.09
N TYR H 47 -0.76 -0.11 47.17
CA TYR H 47 -0.01 0.40 46.03
C TYR H 47 -0.89 0.69 44.83
N ASN H 48 -2.06 0.05 44.76
CA ASN H 48 -3.00 0.31 43.66
C ASN H 48 -3.31 1.79 43.56
N LEU H 49 -3.75 2.38 44.67
CA LEU H 49 -4.13 3.78 44.68
C LEU H 49 -2.99 4.68 44.24
N ALA H 50 -1.75 4.27 44.49
CA ALA H 50 -0.61 5.03 44.01
C ALA H 50 -0.39 4.80 42.52
N TYR H 51 -0.25 3.53 42.12
CA TYR H 51 0.11 3.25 40.74
C TYR H 51 -1.01 3.66 39.78
N GLY H 52 -2.24 3.65 40.25
CA GLY H 52 -3.34 4.04 39.38
C GLY H 52 -3.31 5.51 39.05
N LEU H 53 -3.39 6.37 40.07
CA LEU H 53 -3.42 7.80 39.84
C LEU H 53 -2.17 8.28 39.12
N GLY H 54 -1.02 7.67 39.43
CA GLY H 54 0.22 8.10 38.79
C GLY H 54 0.17 7.99 37.29
N VAL H 55 -0.39 6.89 36.78
CA VAL H 55 -0.58 6.77 35.35
C VAL H 55 -1.61 7.78 34.85
N LEU H 56 -2.47 8.29 35.74
CA LEU H 56 -3.48 9.23 35.30
C LEU H 56 -2.96 10.66 35.23
N LEU H 57 -2.18 11.09 36.21
CA LEU H 57 -1.79 12.49 36.33
C LEU H 57 -0.40 12.80 35.79
N VAL H 58 0.58 11.93 36.03
CA VAL H 58 1.96 12.25 35.67
C VAL H 58 2.14 12.42 34.16
N PRO H 59 1.72 11.50 33.31
CA PRO H 59 1.85 11.68 31.86
C PRO H 59 1.21 12.97 31.37
N PRO H 60 0.10 13.40 31.95
CA PRO H 60 -0.36 14.76 31.68
C PRO H 60 0.67 15.81 31.99
N LEU H 61 1.29 15.75 33.17
CA LEU H 61 2.25 16.78 33.56
C LEU H 61 3.43 16.83 32.62
N ILE H 62 3.82 15.68 32.04
CA ILE H 62 4.89 15.68 31.06
C ILE H 62 4.47 16.47 29.83
N LEU H 63 3.29 16.18 29.30
CA LEU H 63 2.85 16.83 28.07
C LEU H 63 2.59 18.31 28.28
N PHE H 64 2.33 18.73 29.52
CA PHE H 64 2.18 20.14 29.79
C PHE H 64 3.50 20.87 29.60
N LEU H 65 4.51 20.48 30.37
CA LEU H 65 5.83 21.09 30.22
C LEU H 65 6.37 20.91 28.81
N LEU H 66 6.11 19.76 28.18
CA LEU H 66 6.56 19.56 26.81
C LEU H 66 5.88 20.52 25.86
N GLY H 67 4.71 21.04 26.23
CA GLY H 67 4.06 22.03 25.38
C GLY H 67 4.82 23.33 25.29
N PHE H 68 5.65 23.63 26.29
CA PHE H 68 6.38 24.89 26.29
C PHE H 68 7.66 24.79 25.47
N VAL H 69 8.46 23.75 25.71
CA VAL H 69 9.77 23.65 25.08
C VAL H 69 9.64 23.54 23.57
N LEU H 70 8.51 23.05 23.07
CA LEU H 70 8.32 23.02 21.63
C LEU H 70 7.97 24.38 21.08
N ASN H 71 7.40 25.25 21.91
CA ASN H 71 7.14 26.61 21.48
C ASN H 71 8.45 27.37 21.36
N ASN H 72 8.41 28.50 20.65
CA ASN H 72 9.60 29.30 20.42
C ASN H 72 9.62 30.58 21.22
N ASN H 73 8.47 31.14 21.58
CA ASN H 73 8.47 32.39 22.31
C ASN H 73 8.78 32.22 23.78
N VAL H 74 9.09 31.02 24.24
CA VAL H 74 9.27 30.80 25.67
C VAL H 74 10.48 31.57 26.18
N SER H 75 11.51 31.71 25.35
CA SER H 75 12.70 32.42 25.79
C SER H 75 12.42 33.89 26.04
N MET H 76 11.61 34.51 25.18
CA MET H 76 11.35 35.94 25.29
C MET H 76 10.73 36.28 26.64
N LEU H 77 9.84 35.42 27.12
CA LEU H 77 9.24 35.65 28.43
C LEU H 77 10.29 35.60 29.53
N ALA H 78 11.13 34.56 29.53
CA ALA H 78 12.14 34.43 30.57
C ALA H 78 13.16 35.57 30.49
N GLU H 79 13.60 35.89 29.27
CA GLU H 79 14.50 37.03 29.11
C GLU H 79 13.84 38.32 29.56
N GLU H 80 12.53 38.42 29.38
CA GLU H 80 11.82 39.63 29.75
C GLU H 80 11.38 39.59 31.20
N TRP H 81 10.73 38.51 31.62
CA TRP H 81 10.20 38.42 32.97
C TRP H 81 11.29 38.26 34.02
N ARG H 82 12.53 37.96 33.62
CA ARG H 82 13.60 37.78 34.59
C ARG H 82 13.86 39.06 35.37
N ARG H 83 13.93 40.19 34.67
CA ARG H 83 14.21 41.46 35.33
C ARG H 83 13.07 41.86 36.25
N PRO H 84 13.25 41.83 37.56
CA PRO H 84 12.21 42.31 38.49
C PRO H 84 12.34 43.79 38.79
N GLN H 85 12.50 44.60 37.74
CA GLN H 85 12.75 46.03 37.91
C GLN H 85 11.71 46.92 37.27
N GLY H 86 10.92 46.42 36.33
CA GLY H 86 9.85 47.21 35.73
C GLY H 86 10.21 47.96 34.47
N GLN H 87 11.47 47.91 34.03
CA GLN H 87 11.89 48.56 32.81
C GLN H 87 11.69 47.68 31.59
N ARG H 88 10.79 46.70 31.67
CA ARG H 88 10.58 45.73 30.62
C ARG H 88 10.26 46.40 29.29
N GLN H 89 10.73 45.78 28.21
CA GLN H 89 10.78 46.46 26.92
C GLN H 89 9.44 46.44 26.20
N LYS H 90 8.86 45.26 26.01
CA LYS H 90 7.70 45.11 25.14
C LYS H 90 6.50 45.93 25.61
N ASP H 91 5.93 45.56 26.75
CA ASP H 91 4.79 46.26 27.31
C ASP H 91 4.39 45.57 28.60
N ALA H 92 3.66 46.30 29.45
CA ALA H 92 3.12 45.69 30.64
C ALA H 92 1.94 44.78 30.34
N ALA H 93 1.22 45.04 29.26
CA ALA H 93 0.00 44.30 28.95
C ALA H 93 0.19 43.25 27.87
N VAL H 94 1.08 43.49 26.91
CA VAL H 94 1.25 42.55 25.81
C VAL H 94 1.78 41.22 26.34
N LEU H 95 2.69 41.27 27.31
CA LEU H 95 3.24 40.06 27.89
C LEU H 95 2.15 39.19 28.48
N ARG H 96 1.26 39.80 29.27
CA ARG H 96 0.18 39.04 29.90
C ARG H 96 -0.67 38.35 28.86
N TYR H 97 -0.87 38.99 27.70
CA TYR H 97 -1.63 38.34 26.64
C TYR H 97 -0.86 37.15 26.09
N MET H 98 0.39 37.38 25.69
CA MET H 98 1.17 36.32 25.05
C MET H 98 1.34 35.13 25.97
N PHE H 99 1.50 35.38 27.26
CA PHE H 99 1.58 34.29 28.23
C PHE H 99 0.26 33.53 28.28
N CYS H 100 -0.84 34.24 28.48
CA CYS H 100 -2.14 33.58 28.61
C CYS H 100 -2.54 32.90 27.32
N SER H 101 -1.97 33.30 26.19
CA SER H 101 -2.26 32.62 24.94
C SER H 101 -1.48 31.31 24.85
N MET H 102 -0.21 31.34 25.22
CA MET H 102 0.61 30.14 25.09
C MET H 102 0.12 29.03 26.02
N VAL H 103 -0.39 29.40 27.18
CA VAL H 103 -0.88 28.38 28.12
C VAL H 103 -2.08 27.65 27.53
N GLN H 104 -2.87 28.35 26.73
CA GLN H 104 -4.07 27.72 26.18
C GLN H 104 -3.71 26.62 25.19
N ARG H 105 -2.81 26.90 24.25
CA ARG H 105 -2.44 25.90 23.27
C ARG H 105 -1.67 24.73 23.86
N ALA H 106 -1.29 24.81 25.13
CA ALA H 106 -0.68 23.68 25.82
C ALA H 106 -1.70 22.73 26.42
N MET H 107 -2.85 23.26 26.85
CA MET H 107 -3.85 22.42 27.51
C MET H 107 -4.40 21.33 26.61
N ILE H 108 -4.27 21.46 25.29
CA ILE H 108 -4.92 20.52 24.39
C ILE H 108 -4.33 19.12 24.55
N ALA H 109 -3.01 19.03 24.68
CA ALA H 109 -2.38 17.72 24.79
C ALA H 109 -2.80 16.99 26.05
N PRO H 110 -2.61 17.52 27.25
CA PRO H 110 -3.02 16.78 28.45
C PRO H 110 -4.52 16.57 28.54
N ALA H 111 -5.31 17.43 27.92
CA ALA H 111 -6.75 17.23 27.94
C ALA H 111 -7.13 15.96 27.20
N VAL H 112 -6.46 15.68 26.08
CA VAL H 112 -6.77 14.47 25.33
C VAL H 112 -6.37 13.24 26.12
N TRP H 113 -5.25 13.31 26.82
CA TRP H 113 -4.76 12.14 27.54
C TRP H 113 -5.72 11.76 28.67
N VAL H 114 -6.12 12.75 29.48
CA VAL H 114 -6.91 12.42 30.67
C VAL H 114 -8.28 11.89 30.28
N SER H 115 -8.76 12.20 29.08
CA SER H 115 -10.06 11.73 28.66
C SER H 115 -9.98 10.32 28.10
N VAL H 116 -9.14 10.12 27.09
CA VAL H 116 -9.09 8.83 26.40
C VAL H 116 -8.63 7.73 27.35
N THR H 117 -7.88 8.09 28.39
CA THR H 117 -7.53 7.10 29.38
C THR H 117 -8.68 6.85 30.35
N LEU H 118 -9.62 7.79 30.43
CA LEU H 118 -10.77 7.57 31.29
C LEU H 118 -11.86 6.79 30.58
N LEU H 119 -11.78 6.70 29.26
CA LEU H 119 -12.73 5.90 28.50
C LEU H 119 -12.31 4.46 28.34
N ASP H 120 -11.42 3.98 29.21
CA ASP H 120 -11.01 2.58 29.20
C ASP H 120 -11.19 1.87 30.52
N GLY H 121 -11.10 2.57 31.65
CA GLY H 121 -11.31 1.98 32.93
C GLY H 121 -10.09 1.34 33.56
N LYS H 122 -9.15 0.85 32.75
CA LYS H 122 -8.00 0.15 33.30
C LYS H 122 -7.20 1.05 34.21
N CYS H 123 -7.11 2.35 33.89
CA CYS H 123 -6.43 3.28 34.77
C CYS H 123 -7.26 3.57 36.01
N ILE H 124 -8.56 3.31 35.94
CA ILE H 124 -9.42 3.60 37.07
C ILE H 124 -9.98 2.33 37.71
N THR H 125 -10.01 1.22 36.98
CA THR H 125 -10.58 0.00 37.52
C THR H 125 -9.75 -0.54 38.67
N CYS H 126 -8.44 -0.30 38.65
CA CYS H 126 -7.59 -0.76 39.72
C CYS H 126 -7.21 0.34 40.69
N ALA H 127 -7.65 1.57 40.44
CA ALA H 127 -7.41 2.65 41.38
C ALA H 127 -8.32 2.50 42.60
N PHE H 128 -9.60 2.29 42.38
CA PHE H 128 -10.58 2.25 43.45
C PHE H 128 -11.19 0.87 43.63
N CYS H 129 -10.60 -0.15 43.02
CA CYS H 129 -11.12 -1.50 43.15
C CYS H 129 -11.19 -1.97 44.60
N THR H 130 -10.35 -1.43 45.47
CA THR H 130 -10.33 -1.80 46.88
C THR H 130 -11.23 -0.92 47.72
N SER H 131 -12.27 -0.34 47.11
CA SER H 131 -13.15 0.55 47.83
C SER H 131 -14.63 0.33 47.58
N LEU H 132 -15.02 -0.42 46.54
CA LEU H 132 -16.42 -0.54 46.20
C LEU H 132 -17.16 -1.32 47.27
N PRO H 133 -18.48 -1.24 47.29
CA PRO H 133 -19.26 -2.00 48.27
C PRO H 133 -19.62 -3.37 47.73
N VAL H 134 -19.45 -4.40 48.56
CA VAL H 134 -19.77 -5.76 48.15
C VAL H 134 -21.18 -6.16 48.58
N GLU H 135 -21.67 -5.63 49.69
CA GLU H 135 -22.99 -5.95 50.20
C GLU H 135 -24.09 -5.15 49.52
N ALA H 136 -23.81 -4.52 48.39
CA ALA H 136 -24.81 -3.75 47.65
C ALA H 136 -25.11 -4.33 46.29
N LEU H 137 -24.10 -4.54 45.45
CA LEU H 137 -24.29 -5.13 44.13
C LEU H 137 -23.67 -6.51 43.99
N GLY H 138 -22.73 -6.87 44.86
CA GLY H 138 -22.06 -8.15 44.77
C GLY H 138 -22.74 -9.26 45.54
N ASN H 139 -21.96 -10.12 46.17
CA ASN H 139 -22.51 -11.22 46.95
C ASN H 139 -22.98 -10.71 48.31
N ALA H 140 -23.26 -11.64 49.23
CA ALA H 140 -23.80 -11.28 50.53
C ALA H 140 -22.82 -10.39 51.30
N SER H 141 -23.29 -9.87 52.43
CA SER H 141 -22.50 -8.91 53.19
C SER H 141 -21.25 -9.57 53.80
N HIS H 142 -21.39 -10.80 54.28
CA HIS H 142 -20.25 -11.48 54.91
C HIS H 142 -20.38 -12.98 54.72
N HIS H 143 -19.27 -13.62 54.37
CA HIS H 143 -19.20 -15.07 54.20
C HIS H 143 -18.09 -15.69 55.03
N GLY H 144 -17.60 -15.01 56.05
CA GLY H 144 -16.59 -15.59 56.92
C GLY H 144 -15.18 -15.10 56.74
N LEU H 145 -15.00 -13.79 56.56
CA LEU H 145 -13.66 -13.21 56.43
C LEU H 145 -13.60 -11.93 57.25
N PRO H 146 -12.45 -11.64 57.84
CA PRO H 146 -12.31 -10.45 58.68
C PRO H 146 -12.35 -9.18 57.83
N GLN H 147 -12.21 -8.04 58.51
CA GLN H 147 -12.23 -6.74 57.87
C GLN H 147 -10.90 -6.34 57.26
N GLY H 148 -9.87 -7.17 57.42
CA GLY H 148 -8.57 -6.85 56.87
C GLY H 148 -8.31 -7.53 55.54
N GLU H 149 -8.66 -8.81 55.44
CA GLU H 149 -8.40 -9.56 54.21
C GLU H 149 -9.29 -9.11 53.06
N VAL H 150 -10.40 -8.43 53.34
CA VAL H 150 -11.26 -7.93 52.28
C VAL H 150 -10.46 -7.05 51.31
N LYS H 151 -9.68 -6.12 51.86
CA LYS H 151 -8.70 -5.42 51.05
C LYS H 151 -7.71 -6.40 50.45
N ARG H 152 -7.29 -7.40 51.24
CA ARG H 152 -6.37 -8.40 50.73
C ARG H 152 -6.97 -9.18 49.58
N VAL H 153 -8.30 -9.33 49.58
CA VAL H 153 -8.94 -10.16 48.57
C VAL H 153 -9.51 -9.32 47.44
N LEU H 154 -10.16 -8.21 47.77
CA LEU H 154 -10.75 -7.38 46.72
C LEU H 154 -9.70 -6.79 45.83
N ALA H 155 -8.50 -6.56 46.37
CA ALA H 155 -7.49 -5.80 45.64
C ALA H 155 -7.10 -6.48 44.34
N ARG H 156 -7.20 -7.80 44.26
CA ARG H 156 -6.77 -8.52 43.07
C ARG H 156 -7.86 -8.63 42.02
N ILE H 157 -8.83 -7.71 42.01
CA ILE H 157 -9.94 -7.82 41.05
C ILE H 157 -9.46 -7.76 39.61
N PRO H 158 -8.62 -6.82 39.22
CA PRO H 158 -8.01 -6.93 37.89
C PRO H 158 -7.00 -8.05 37.86
N CYS H 159 -6.36 -8.30 36.72
CA CYS H 159 -5.45 -9.43 36.58
C CYS H 159 -6.21 -10.74 36.83
N LYS H 160 -7.12 -11.03 35.90
CA LYS H 160 -8.01 -12.17 36.04
C LYS H 160 -7.31 -13.50 35.79
N GLU H 161 -6.26 -13.77 36.56
CA GLU H 161 -5.61 -15.08 36.56
C GLU H 161 -5.33 -15.60 37.96
N ILE H 162 -5.25 -14.73 38.96
CA ILE H 162 -5.09 -15.14 40.35
C ILE H 162 -6.12 -14.34 41.17
N TYR H 163 -7.29 -14.91 41.39
CA TYR H 163 -8.36 -14.22 42.10
C TYR H 163 -8.97 -15.22 43.07
N ASP H 164 -8.69 -15.04 44.36
CA ASP H 164 -9.18 -15.92 45.41
C ASP H 164 -10.46 -15.41 46.04
N GLY H 165 -11.27 -14.65 45.31
CA GLY H 165 -12.50 -14.12 45.87
C GLY H 165 -13.72 -14.38 45.03
N GLN H 166 -13.74 -15.53 44.34
CA GLN H 166 -14.90 -15.86 43.52
C GLN H 166 -16.15 -16.04 44.38
N GLU H 167 -15.98 -16.31 45.66
CA GLU H 167 -17.13 -16.41 46.55
C GLU H 167 -17.64 -15.04 46.95
N LEU H 168 -16.73 -14.09 47.19
CA LEU H 168 -17.18 -12.81 47.73
C LEU H 168 -17.81 -11.93 46.67
N ILE H 169 -17.34 -12.00 45.42
CA ILE H 169 -17.98 -11.28 44.34
C ILE H 169 -17.43 -11.80 43.02
N ALA H 170 -18.29 -11.88 42.01
CA ALA H 170 -17.87 -12.42 40.72
C ALA H 170 -16.93 -11.45 40.03
N ASN H 171 -15.84 -11.97 39.48
CA ASN H 171 -14.88 -11.11 38.80
C ASN H 171 -15.48 -10.49 37.55
N GLU H 172 -16.44 -11.17 36.92
CA GLU H 172 -17.01 -10.64 35.69
C GLU H 172 -17.92 -9.45 35.97
N VAL H 173 -18.63 -9.47 37.10
CA VAL H 173 -19.54 -8.38 37.41
C VAL H 173 -18.80 -7.18 37.96
N ALA H 174 -17.85 -7.40 38.86
CA ALA H 174 -17.19 -6.28 39.53
C ALA H 174 -16.33 -5.47 38.56
N VAL H 175 -16.02 -6.02 37.39
CA VAL H 175 -15.34 -5.23 36.37
C VAL H 175 -16.35 -4.35 35.65
N ARG H 176 -17.57 -4.85 35.47
CA ARG H 176 -18.60 -4.05 34.80
C ARG H 176 -18.96 -2.82 35.62
N TYR H 177 -19.14 -3.01 36.92
CA TYR H 177 -19.57 -1.92 37.78
C TYR H 177 -18.56 -0.77 37.77
N LEU H 178 -17.27 -1.08 37.70
CA LEU H 178 -16.25 -0.03 37.77
C LEU H 178 -15.90 0.48 36.37
N ARG H 179 -15.79 -0.42 35.41
CA ARG H 179 -15.52 0.00 34.04
C ARG H 179 -16.63 0.91 33.51
N CYS H 180 -17.84 0.77 34.05
CA CYS H 180 -18.92 1.66 33.67
C CYS H 180 -18.76 3.04 34.31
N ILE H 181 -18.51 3.09 35.62
CA ILE H 181 -18.39 4.35 36.33
C ILE H 181 -17.29 5.22 35.73
N SER H 182 -16.25 4.60 35.18
CA SER H 182 -15.20 5.35 34.52
C SER H 182 -15.74 6.16 33.36
N GLN H 183 -16.45 5.49 32.46
CA GLN H 183 -16.91 6.16 31.25
C GLN H 183 -17.89 7.28 31.55
N ALA H 184 -18.57 7.21 32.70
CA ALA H 184 -19.37 8.34 33.13
C ALA H 184 -18.49 9.57 33.33
N LEU H 185 -17.41 9.42 34.10
CA LEU H 185 -16.47 10.53 34.24
C LEU H 185 -15.82 10.86 32.91
N GLY H 186 -15.74 9.88 32.00
CA GLY H 186 -15.17 10.16 30.69
C GLY H 186 -15.96 11.18 29.92
N TRP H 187 -17.24 10.91 29.68
CA TRP H 187 -18.07 11.85 28.94
C TRP H 187 -18.31 13.12 29.74
N CYS H 188 -18.56 12.98 31.04
CA CYS H 188 -18.82 14.15 31.86
C CYS H 188 -17.59 15.05 31.93
N PHE H 189 -16.40 14.49 31.71
CA PHE H 189 -15.20 15.32 31.63
C PHE H 189 -15.13 16.03 30.29
N VAL H 190 -15.30 15.29 29.19
CA VAL H 190 -15.21 15.88 27.86
C VAL H 190 -16.27 16.96 27.67
N LEU H 191 -17.41 16.82 28.35
CA LEU H 191 -18.44 17.85 28.26
C LEU H 191 -17.98 19.14 28.92
N LEU H 192 -17.53 19.04 30.18
CA LEU H 192 -17.05 20.22 30.89
C LEU H 192 -15.83 20.83 30.23
N MET H 193 -15.09 20.05 29.44
CA MET H 193 -13.92 20.59 28.76
C MET H 193 -14.35 21.40 27.55
N THR H 194 -15.16 20.81 26.68
CA THR H 194 -15.58 21.51 25.47
C THR H 194 -16.43 22.72 25.80
N THR H 195 -17.24 22.64 26.86
CA THR H 195 -18.00 23.81 27.28
C THR H 195 -17.08 24.93 27.73
N LEU H 196 -15.88 24.60 28.20
CA LEU H 196 -14.94 25.63 28.60
C LEU H 196 -14.28 26.26 27.38
N ALA H 197 -13.93 25.44 26.40
CA ALA H 197 -13.35 25.97 25.16
C ALA H 197 -14.34 26.86 24.44
N PHE H 198 -15.60 26.44 24.37
CA PHE H 198 -16.63 27.24 23.71
C PHE H 198 -16.83 28.56 24.44
N LEU H 199 -16.52 28.61 25.74
CA LEU H 199 -16.78 29.82 26.51
C LEU H 199 -15.64 30.82 26.36
N VAL H 200 -14.39 30.34 26.44
CA VAL H 200 -13.26 31.25 26.32
C VAL H 200 -13.00 31.60 24.87
N ARG H 201 -13.48 30.79 23.93
CA ARG H 201 -13.24 31.05 22.53
C ARG H 201 -14.12 32.20 22.01
N SER H 202 -15.09 32.65 22.79
CA SER H 202 -16.01 33.68 22.34
C SER H 202 -16.31 34.69 23.43
N LEU H 203 -15.29 35.13 24.16
CA LEU H 203 -15.56 36.06 25.25
C LEU H 203 -14.28 36.84 25.59
N ARG H 204 -14.30 37.48 26.76
CA ARG H 204 -13.42 38.50 27.33
C ARG H 204 -11.94 38.21 27.62
N PRO H 205 -11.49 36.95 27.84
CA PRO H 205 -10.22 36.77 28.57
C PRO H 205 -9.00 37.32 27.85
N CYS H 206 -8.82 38.64 27.92
CA CYS H 206 -7.70 39.32 27.30
C CYS H 206 -7.72 39.14 25.79
N PHE H 207 -8.83 39.54 25.17
CA PHE H 207 -9.06 39.39 23.75
C PHE H 207 -9.21 40.73 23.04
N THR H 208 -8.90 41.81 23.75
CA THR H 208 -9.17 43.16 23.30
C THR H 208 -8.51 43.43 21.95
N GLN H 209 -9.13 44.32 21.17
CA GLN H 209 -8.67 44.55 19.80
C GLN H 209 -7.33 45.27 19.79
N ALA H 210 -7.17 46.27 20.66
CA ALA H 210 -5.94 47.06 20.66
C ALA H 210 -4.74 46.19 20.99
N VAL H 211 -4.80 45.49 22.13
CA VAL H 211 -3.65 44.70 22.58
C VAL H 211 -3.36 43.58 21.61
N PHE H 212 -4.35 43.14 20.83
CA PHE H 212 -4.11 42.04 19.91
C PHE H 212 -3.16 42.44 18.80
N LEU H 213 -3.29 43.66 18.28
CA LEU H 213 -2.46 44.07 17.16
C LEU H 213 -0.98 44.13 17.57
N LYS H 214 -0.70 44.53 18.81
CA LYS H 214 0.67 44.56 19.28
C LYS H 214 1.30 43.17 19.17
N SER H 215 0.62 42.16 19.68
CA SER H 215 1.19 40.82 19.70
C SER H 215 1.43 40.31 18.29
N ARG H 216 0.43 40.45 17.41
CA ARG H 216 0.59 39.95 16.05
C ARG H 216 1.68 40.71 15.30
N TYR H 217 1.95 41.95 15.70
CA TYR H 217 2.96 42.74 15.01
C TYR H 217 4.35 42.34 15.45
N TRP H 218 4.55 42.11 16.74
CA TRP H 218 5.87 41.76 17.22
C TRP H 218 6.29 40.37 16.75
N SER H 219 5.35 39.56 16.29
CA SER H 219 5.72 38.26 15.74
C SER H 219 6.47 38.42 14.43
N HIS H 220 5.94 39.22 13.51
CA HIS H 220 6.59 39.41 12.22
C HIS H 220 7.96 40.04 12.38
N TYR H 221 8.10 40.96 13.34
CA TYR H 221 9.40 41.55 13.62
C TYR H 221 10.42 40.48 13.96
N ILE H 222 10.02 39.50 14.77
CA ILE H 222 10.95 38.45 15.15
C ILE H 222 11.28 37.56 13.96
N ASP H 223 10.35 37.38 13.03
CA ASP H 223 10.58 36.42 11.96
C ASP H 223 11.47 37.01 10.86
N ILE H 224 11.09 38.17 10.33
CA ILE H 224 11.89 38.73 9.25
C ILE H 224 13.26 39.18 9.74
N GLU H 225 13.44 39.34 11.05
CA GLU H 225 14.76 39.61 11.59
C GLU H 225 15.71 38.46 11.27
N ARG H 226 15.36 37.24 11.71
CA ARG H 226 16.22 36.08 11.48
C ARG H 226 16.44 35.85 9.98
N LYS H 227 15.41 36.04 9.17
CA LYS H 227 15.56 35.86 7.74
C LYS H 227 16.47 36.93 7.15
N LEU H 228 16.31 38.18 7.59
CA LEU H 228 17.12 39.25 7.03
C LEU H 228 18.55 39.22 7.54
N PHE H 229 18.78 38.67 8.73
CA PHE H 229 20.15 38.62 9.23
C PHE H 229 20.98 37.62 8.45
N ASP H 230 20.43 36.42 8.20
CA ASP H 230 21.16 35.39 7.48
C ASP H 230 21.58 35.85 6.10
N GLU H 231 20.77 36.71 5.48
CA GLU H 231 21.12 37.19 4.16
C GLU H 231 22.38 38.05 4.20
N THR H 232 22.47 38.97 5.16
CA THR H 232 23.59 39.89 5.18
C THR H 232 24.88 39.18 5.56
N CYS H 233 24.81 38.24 6.50
CA CYS H 233 26.03 37.56 6.93
C CYS H 233 26.62 36.72 5.80
N ALA H 234 25.80 35.89 5.17
CA ALA H 234 26.28 35.07 4.05
C ALA H 234 26.81 35.95 2.93
N GLU H 235 26.14 37.05 2.66
CA GLU H 235 26.62 37.96 1.62
C GLU H 235 27.94 38.61 2.03
N HIS H 236 28.20 38.74 3.33
CA HIS H 236 29.45 39.36 3.75
C HIS H 236 30.61 38.38 3.62
N ALA H 237 30.36 37.10 3.86
CA ALA H 237 31.44 36.11 3.74
C ALA H 237 31.88 35.96 2.30
N LYS H 238 30.92 35.81 1.38
CA LYS H 238 31.23 35.61 -0.03
C LYS H 238 32.10 36.74 -0.58
N SER H 239 31.90 37.95 -0.09
CA SER H 239 32.79 39.03 -0.47
C SER H 239 34.17 38.89 0.17
N PHE H 240 34.30 38.05 1.20
CA PHE H 240 35.56 37.94 1.92
C PHE H 240 36.29 36.65 1.68
N ALA H 241 35.59 35.54 1.43
CA ALA H 241 36.27 34.26 1.28
C ALA H 241 37.14 34.22 0.04
N LYS H 242 36.79 34.98 -0.99
CA LYS H 242 37.50 34.91 -2.26
C LYS H 242 38.96 35.29 -2.11
N VAL H 243 39.30 36.13 -1.12
CA VAL H 243 40.70 36.49 -0.97
C VAL H 243 41.50 35.33 -0.42
N CYS H 244 40.83 34.32 0.15
CA CYS H 244 41.55 33.18 0.69
C CYS H 244 41.74 32.08 -0.35
N ILE H 245 40.75 31.88 -1.22
CA ILE H 245 40.82 30.79 -2.18
C ILE H 245 41.78 31.07 -3.32
N GLN H 246 42.32 32.28 -3.40
CA GLN H 246 43.37 32.59 -4.36
C GLN H 246 44.75 32.42 -3.78
N GLN H 247 44.87 31.73 -2.65
CA GLN H 247 46.16 31.37 -2.09
C GLN H 247 46.44 29.88 -2.13
N PHE H 248 45.40 29.05 -2.04
CA PHE H 248 45.57 27.63 -2.33
C PHE H 248 45.80 27.41 -3.82
N PHE H 249 45.02 28.08 -4.67
CA PHE H 249 45.31 28.04 -6.09
C PHE H 249 46.55 28.86 -6.38
N GLN H 250 47.02 28.78 -7.63
CA GLN H 250 48.21 29.46 -8.14
C GLN H 250 49.45 29.24 -7.28
N GLY H 251 49.43 28.22 -6.42
CA GLY H 251 50.56 27.94 -5.56
C GLY H 251 50.84 26.46 -5.45
N MET H 252 49.96 25.64 -6.04
CA MET H 252 50.21 24.20 -6.00
C MET H 252 51.40 23.88 -6.89
N SER H 253 51.23 24.07 -8.20
CA SER H 253 52.33 24.08 -9.14
C SER H 253 52.17 25.14 -10.21
N LYS H 254 50.99 25.72 -10.38
CA LYS H 254 50.59 26.58 -11.49
C LYS H 254 50.50 25.81 -12.80
N ASP H 255 50.67 24.50 -12.79
CA ASP H 255 50.64 23.68 -13.99
C ASP H 255 50.35 22.24 -13.61
N LEU H 256 49.50 21.58 -14.39
CA LEU H 256 49.22 20.17 -14.21
C LEU H 256 50.28 19.34 -14.91
N THR H 257 50.78 18.32 -14.20
CA THR H 257 51.77 17.44 -14.79
C THR H 257 51.14 16.36 -15.65
N ALA H 258 49.87 16.05 -15.43
CA ALA H 258 49.20 14.98 -16.17
C ALA H 258 48.90 15.36 -17.62
N THR H 259 49.19 16.59 -18.03
CA THR H 259 48.93 17.00 -19.41
C THR H 259 49.75 16.18 -20.39
N HIS H 260 49.14 15.83 -21.51
CA HIS H 260 49.79 15.01 -22.52
C HIS H 260 50.73 15.85 -23.38
N POV I . 13.37 19.50 21.63
P POV I . 17.96 20.13 23.76
C1 POV I . 18.00 19.11 26.14
C2 POV I . 17.36 17.74 26.42
C3 POV I . 18.42 16.68 26.63
C210 POV I . 9.13 8.38 25.59
C310 POV I . 21.88 7.98 30.78
C11 POV I . 15.62 20.10 22.60
O11 POV I . 18.67 19.14 24.91
C211 POV I . 8.73 8.55 24.14
C311 POV I . 22.51 7.50 32.11
C12 POV I . 14.31 19.36 22.72
O12 POV I . 16.51 19.45 23.42
C212 POV I . 8.21 7.22 23.60
C312 POV I . 21.39 7.03 33.04
C13 POV I . 13.79 18.75 20.45
O13 POV I . 17.76 21.51 24.33
C213 POV I . 7.72 7.35 22.16
C313 POV I . 21.94 6.51 34.37
C14 POV I . 13.15 20.87 21.23
O14 POV I . 18.78 20.22 22.51
C214 POV I . 8.91 7.33 21.21
C314 POV I . 20.86 6.56 35.47
C15 POV I . 12.12 18.92 22.07
C215 POV I . 8.44 7.47 19.77
C315 POV I . 19.84 5.42 35.28
C216 POV I . 8.75 6.22 18.92
C316 POV I . 18.53 5.76 35.99
C217 POV I . 8.89 6.59 17.44
C218 POV I . 8.16 5.58 16.57
C21 POV I . 15.58 16.31 25.59
O21 POV I . 16.52 17.35 25.35
C22 POV I . 14.22 16.31 24.84
O22 POV I . 15.84 15.41 26.32
C23 POV I . 13.46 14.97 24.99
C24 POV I . 12.95 14.73 26.43
C25 POV I . 12.92 13.20 26.68
C26 POV I . 11.88 12.55 25.77
C27 POV I . 11.28 11.34 26.48
C28 POV I . 10.23 10.66 25.59
C29 POV I . 9.82 9.33 26.24
C31 POV I . 19.57 17.38 28.59
O31 POV I . 19.60 17.15 27.20
C32 POV I . 19.38 16.22 29.57
O32 POV I . 19.69 18.48 28.98
C33 POV I . 20.71 15.84 30.26
C34 POV I . 20.38 14.96 31.49
C35 POV I . 21.41 13.82 31.71
C36 POV I . 20.69 12.47 31.49
C37 POV I . 21.69 11.30 31.50
C38 POV I . 21.51 10.46 30.23
C39 POV I . 22.50 9.28 30.24
H29 POV I . 10.04 9.18 27.14
H1 POV I . 18.62 19.35 26.85
H1A POV I . 17.30 19.77 26.11
H2 POV I . 16.83 17.79 27.23
H3 POV I . 18.04 15.98 27.18
H3A POV I . 18.61 16.30 25.76
H310 POV I . 22.03 7.29 30.12
H31A POV I . 20.94 8.09 30.92
H210 POV I . 8.91 7.60 26.03
H11 POV I . 15.52 21.02 22.88
H11A POV I . 15.94 20.08 21.69
H211 POV I . 9.49 8.82 23.61
H21A POV I . 8.03 9.22 24.07
H311 POV I . 23.00 8.20 32.56
H31B POV I . 23.10 6.75 31.93
H12 POV I . 14.51 18.42 22.83
H12A POV I . 13.88 19.67 23.54
H22 POV I . 13.66 17.04 25.18
H212 POV I . 8.93 6.57 23.65
H22A POV I . 14.37 16.46 23.91
H21B POV I . 7.48 6.91 24.17
H32 POV I . 18.73 16.49 30.24
H312 POV I . 20.89 6.32 32.60
H32A POV I . 19.05 15.44 29.11
H31C POV I . 20.80 7.78 33.21
H13 POV I . 13.91 17.81 20.69
H13A POV I . 14.63 19.11 20.12
H13B POV I . 13.12 18.83 19.75
H23 POV I . 14.05 14.25 24.73
H213 POV I . 7.14 6.60 21.94
H23A POV I . 12.70 15.00 24.39
H21C POV I . 7.22 8.18 22.06
H33 POV I . 21.17 16.65 30.54
H313 POV I . 22.22 5.59 34.26
H33A POV I . 21.26 15.36 29.63
H31D POV I . 22.71 7.05 34.64
H14 POV I . 13.94 21.23 20.80
H14A POV I . 12.94 21.39 22.02
H14B POV I . 12.42 20.91 20.61
H24 POV I . 13.54 15.14 27.07
H214 POV I . 9.49 8.08 21.41
H24A POV I . 12.06 15.08 26.51
H21D POV I . 9.40 6.51 21.33
H34 POV I . 19.50 14.57 31.38
H314 POV I . 20.41 7.43 35.44
H34A POV I . 20.37 15.53 32.29
H31E POV I . 21.30 6.47 36.32
H15 POV I . 11.48 18.90 21.35
H15A POV I . 11.77 19.45 22.80
H15B POV I . 12.28 18.02 22.40
H25 POV I . 13.79 12.83 26.50
H215 POV I . 7.48 7.62 19.77
H25A POV I . 12.69 13.04 27.60
H21E POV I . 8.88 8.24 19.38
H35 POV I . 22.15 13.91 31.10
H315 POV I . 20.19 4.60 35.67
H35A POV I . 21.74 13.86 32.62
H31F POV I . 19.66 5.28 34.34
H26 POV I . 12.31 12.26 24.95
H216 POV I . 9.57 5.81 19.22
H26A POV I . 11.18 13.19 25.56
H21F POV I . 8.02 5.58 19.02
H36 POV I . 20.22 12.48 30.63
H316 POV I . 18.71 6.36 36.73
H36A POV I . 20.03 12.34 32.20
H31G POV I . 18.12 4.94 36.32
H31H POV I . 17.93 6.19 35.36
H27 POV I . 11.99 10.72 26.70
H217 POV I . 9.84 6.57 17.21
H27A POV I . 10.86 11.65 27.30
H21G POV I . 8.54 7.48 17.27
H37 POV I . 21.53 10.73 32.28
H37A POV I . 22.59 11.65 31.53
H28 POV I . 10.62 10.50 24.72
H218 POV I . 7.20 5.64 16.73
H28A POV I . 9.46 11.24 25.50
H21H POV I . 8.33 5.78 15.63
H21J POV I . 8.46 4.68 16.76
H38 POV I . 20.60 10.15 30.16
H38A POV I . 21.71 11.01 29.45
H39 POV I . 22.80 9.13 29.34
H39A POV I . 23.27 9.54 30.78
N POV J . 29.71 7.50 9.35
P POV J . 34.48 6.07 8.21
C1 POV J . 35.40 4.45 10.01
C2 POV J . 34.53 3.32 10.56
C3 POV J . 34.95 1.98 10.03
C210 POV J . 24.24 -2.44 14.68
C310 POV J . 36.16 -8.16 10.81
C11 POV J . 32.13 7.09 8.73
O11 POV J . 35.22 4.63 8.62
C211 POV J . 23.20 -1.76 13.79
C311 POV J . 37.14 -9.17 11.44
C12 POV J . 30.94 6.78 9.63
O12 POV J . 32.96 5.99 8.81
C212 POV J . 21.99 -2.66 13.65
C312 POV J . 36.65 -9.52 12.84
C13 POV J . 29.06 7.03 8.14
O13 POV J . 35.21 7.23 8.83
C213 POV J . 20.89 -1.98 12.83
C313 POV J . 37.57 -10.54 13.53
C14 POV J . 29.91 8.93 9.23
O14 POV J . 34.42 6.26 6.71
C214 POV J . 21.22 -2.08 11.34
C314 POV J . 37.43 -10.48 15.06
C15 POV J . 28.83 7.23 10.45
C215 POV J . 20.14 -1.41 10.52
C315 POV J . 36.10 -11.16 15.50
C216 POV J . 19.36 -2.39 9.61
C316 POV J . 35.69 -10.64 16.89
C217 POV J . 18.81 -1.68 8.38
C218 POV J . 17.37 -2.12 8.12
C21 POV J . 32.18 2.80 10.96
O21 POV J . 33.16 3.53 10.23
C22 POV J . 30.79 3.43 11.23
O22 POV J . 32.39 1.70 11.34
C23 POV J . 29.77 2.40 11.76
C24 POV J . 30.09 1.93 13.20
C25 POV J . 29.58 0.47 13.35
C26 POV J . 28.05 0.46 13.26
C27 POV J . 27.51 -0.66 14.16
C28 POV J . 25.98 -0.71 14.08
C29 POV J . 25.49 -1.98 14.79
C31 POV J . 37.16 1.71 10.87
O31 POV J . 36.32 1.88 9.76
C32 POV J . 37.09 0.43 11.73
O32 POV J . 37.94 2.56 11.16
C33 POV J . 38.27 -0.51 11.42
C34 POV J . 38.36 -1.56 12.56
C35 POV J . 38.74 -2.98 12.05
C36 POV J . 37.54 -3.92 12.27
C37 POV J . 37.79 -5.30 11.61
C38 POV J . 36.60 -5.65 10.69
C39 POV J . 36.84 -7.02 10.05
H29 POV J . 26.07 -2.44 15.35
H1 POV J . 36.34 4.28 10.18
H1A POV J . 35.15 5.28 10.43
H2 POV J . 34.61 3.30 11.52
H3 POV J . 34.70 1.31 10.68
H3A POV J . 34.47 1.82 9.21
H310 POV J . 35.60 -8.65 10.17
H31A POV J . 35.59 -7.82 11.51
H210 POV J . 24.00 -3.21 15.14
H11 POV J . 32.59 7.87 9.06
H11A POV J . 31.85 7.23 7.82
H211 POV J . 23.59 -1.59 12.92
H21A POV J . 22.94 -0.91 14.21
H311 POV J . 38.03 -8.81 11.50
H31B POV J . 37.16 -9.98 10.90
H12 POV J . 30.77 5.84 9.56
H12A POV J . 31.22 6.95 10.54
H22 POV J . 30.87 4.16 11.87
H212 POV J . 22.25 -3.48 13.21
H22A POV J . 30.43 3.78 10.41
H21B POV J . 21.64 -2.87 14.54
H32 POV J . 37.10 0.68 12.65
H312 POV J . 35.75 -9.89 12.79
H32A POV J . 36.27 -0.04 11.53
H31C POV J . 36.63 -8.71 13.37
H13 POV J . 28.88 6.08 8.23
H13A POV J . 29.62 7.18 7.38
H13B POV J . 28.22 7.50 8.01
H23 POV J . 29.75 1.64 11.17
H213 POV J . 20.04 -2.42 12.99
H23A POV J . 28.89 2.83 11.77
H21C POV J . 20.82 -1.05 13.08
H33 POV J . 39.09 0.00 11.39
H313 POV J . 37.33 -11.43 13.23
H33A POV J . 38.13 -0.94 10.56
H31D POV J . 38.50 -10.36 13.28
H14 POV J . 30.39 9.14 8.42
H14A POV J . 30.41 9.24 10.00
H14B POV J . 29.05 9.36 9.20
H24 POV J . 31.04 1.94 13.35
H214 POV J . 22.06 -1.63 11.17
H24A POV J . 29.65 2.50 13.83
H21D POV J . 21.30 -3.01 11.11
H34 POV J . 37.49 -1.62 13.00
H314 POV J . 37.43 -9.55 15.34
H34A POV J . 39.01 -1.27 13.20
H31E POV J . 38.17 -10.94 15.45
H15 POV J . 27.96 7.60 10.28
H15A POV J . 29.18 7.62 11.28
H15B POV J . 28.75 6.26 10.57
H25 POV J . 29.96 -0.08 12.66
H215 POV J . 19.50 -0.97 11.11
H25A POV J . 29.85 0.13 14.21
H21E POV J . 20.56 -0.73 9.97
H35 POV J . 38.98 -2.95 11.10
H315 POV J . 36.23 -12.12 15.55
H35A POV J . 39.51 -3.30 12.56
H31F POV J . 35.40 -10.97 14.87
H26 POV J . 27.79 0.30 12.35
H216 POV J . 19.96 -3.10 9.32
H26A POV J . 27.69 1.31 13.56
H21F POV J . 18.63 -2.78 10.12
H36 POV J . 36.74 -3.52 11.89
H316 POV J . 36.48 -10.39 17.39
H36A POV J . 37.40 -4.05 13.23
H31G POV J . 35.22 -11.35 17.37
H31H POV J . 35.10 -9.88 16.78
H27 POV J . 27.89 -1.50 13.86
H217 POV J . 19.36 -1.92 7.61
H27A POV J . 27.78 -0.49 15.06
H21G POV J . 18.82 -0.72 8.49
H37 POV J . 37.86 -5.99 12.29
H37A POV J . 38.60 -5.26 11.09
H28 POV J . 25.71 -0.72 13.14
H218 POV J . 16.80 -1.83 8.85
H28A POV J . 25.60 0.08 14.50
H21H POV J . 17.07 -1.73 7.28
H21J POV J . 17.33 -3.09 8.05
H38 POV J . 35.78 -5.63 11.20
H38A POV J . 36.54 -4.98 9.99
H39 POV J . 36.49 -7.00 9.15
H39A POV J . 37.80 -7.17 9.99
N POV K . 29.76 -4.88 -10.85
P POV K . 31.96 -7.31 -14.76
C1 POV K . 32.95 -9.57 -13.98
C2 POV K . 32.16 -10.49 -13.05
C3 POV K . 31.63 -11.70 -13.79
C210 POV K . 24.61 -13.77 -3.65
C310 POV K . 28.71 -21.50 -14.30
C11 POV K . 30.99 -5.82 -12.85
O11 POV K . 32.13 -8.96 -14.95
C211 POV K . 23.68 -12.59 -3.68
C311 POV K . 29.35 -22.90 -14.45
C12 POV K . 30.49 -5.99 -11.43
O12 POV K . 31.16 -7.09 -13.35
C212 POV K . 22.34 -12.99 -3.07
C312 POV K . 29.63 -23.46 -13.06
C13 POV K . 28.42 -4.77 -11.41
O13 POV K . 33.32 -6.66 -14.70
C213 POV K . 21.37 -11.81 -3.00
C313 POV K . 30.25 -24.87 -13.14
C14 POV K . 30.42 -3.61 -11.02
O14 POV K . 31.17 -6.69 -15.89
C214 POV K . 20.74 -11.59 -4.37
C314 POV K . 31.02 -25.20 -11.84
C15 POV K . 29.61 -5.18 -9.44
C215 POV K . 19.78 -10.40 -4.32
C315 POV K . 30.03 -25.54 -10.70
C216 POV K . 18.32 -10.80 -4.59
C316 POV K . 30.71 -25.34 -9.34
C217 POV K . 17.53 -9.64 -5.19
C218 POV K . 16.16 -9.53 -4.52
C21 POV K . 30.48 -10.37 -11.30
O21 POV K . 31.09 -9.80 -12.45
C22 POV K . 29.88 -9.44 -10.20
O22 POV K . 30.39 -11.54 -11.17
C23 POV K . 29.01 -10.22 -9.19
C24 POV K . 29.84 -11.16 -8.29
C25 POV K . 28.96 -12.37 -7.90
C26 POV K . 27.80 -11.89 -7.02
C27 POV K . 27.43 -13.00 -6.03
C28 POV K . 26.26 -12.56 -5.15
C29 POV K . 25.78 -13.76 -4.32
C31 POV K . 33.57 -12.85 -14.50
O31 POV K . 32.43 -12.12 -14.84
C32 POV K . 33.46 -14.23 -13.84
O32 POV K . 34.63 -12.39 -14.73
C33 POV K . 33.76 -15.37 -14.85
C34 POV K . 34.01 -16.66 -14.05
C35 POV K . 33.42 -17.93 -14.74
C36 POV K . 32.28 -18.48 -13.84
C37 POV K . 31.52 -19.62 -14.57
C38 POV K . 30.02 -19.31 -14.57
C39 POV K . 29.26 -20.45 -15.27
H29 POV K . 26.33 -14.52 -4.26
H1 POV K . 33.66 -10.06 -14.43
H1A POV K . 33.36 -8.87 -13.46
H2 POV K . 32.75 -10.81 -12.35
H3 POV K . 31.51 -12.41 -13.15
H3A POV K . 30.75 -11.46 -14.12
H310 POV K . 27.76 -21.59 -14.47
H31A POV K . 28.84 -21.21 -13.39
H210 POV K . 24.38 -14.53 -3.17
H11 POV K . 31.82 -5.34 -12.86
H11A POV K . 30.34 -5.34 -13.38
H211 POV K . 23.53 -12.30 -4.59
H21A POV K . 24.06 -11.86 -3.16
H311 POV K . 30.19 -22.86 -14.93
H31B POV K . 28.73 -23.48 -14.91
H12 POV K . 29.93 -6.78 -11.41
H12A POV K . 31.27 -6.18 -10.87
H22 POV K . 30.60 -8.99 -9.72
H212 POV K . 21.95 -13.70 -3.61
H22A POV K . 29.32 -8.79 -10.62
H21B POV K . 22.49 -13.34 -2.17
H32 POV K . 34.09 -14.27 -13.11
H312 POV K . 28.80 -23.51 -12.56
H32A POV K . 32.57 -14.36 -13.50
H31C POV K . 30.25 -22.87 -12.60
H13 POV K . 27.94 -5.61 -11.27
H13A POV K . 28.47 -4.57 -12.36
H13B POV K . 27.93 -4.05 -10.97
H23 POV K . 28.35 -10.74 -9.67
H213 POV K . 20.67 -11.99 -2.36
H23A POV K . 28.56 -9.57 -8.62
H21C POV K . 21.85 -11.01 -2.72
H33 POV K . 34.54 -15.14 -15.37
H313 POV K . 29.54 -25.52 -13.25
H33A POV K . 33.00 -15.46 -15.45
H31D POV K . 30.86 -24.91 -13.90
H14 POV K . 30.41 -3.33 -11.94
H14A POV K . 31.34 -3.70 -10.71
H14B POV K . 29.97 -2.95 -10.49
H24 POV K . 30.62 -11.48 -8.76
H214 POV K . 21.44 -11.37 -5.01
H24A POV K . 30.10 -10.69 -7.49
H21D POV K . 20.28 -12.38 -4.65
H34 POV K . 33.60 -16.58 -13.17
H314 POV K . 31.57 -24.44 -11.59
H34A POV K . 34.97 -16.79 -13.94
H31E POV K . 31.58 -25.96 -12.02
H15 POV K . 29.05 -4.52 -9.02
H15A POV K . 30.48 -5.17 -9.02
H15B POV K . 29.22 -6.06 -9.34
H25 POV K . 28.61 -12.79 -8.69
H215 POV K . 19.84 -9.99 -3.45
H25A POV K . 29.49 -13.01 -7.40
H21E POV K . 20.07 -9.76 -4.99
H35 POV K . 33.08 -17.70 -15.62
H315 POV K . 29.75 -26.47 -10.77
H35A POV K . 34.11 -18.59 -14.83
H31F POV K . 29.25 -24.96 -10.75
H26 POV K . 27.03 -11.70 -7.58
H216 POV K . 18.29 -11.55 -5.21
H26A POV K . 28.05 -11.09 -6.53
H21F POV K . 17.92 -11.08 -3.75
H36 POV K . 31.65 -17.77 -13.64
H316 POV K . 31.66 -25.47 -9.44
H36A POV K . 32.67 -18.83 -13.02
H31G POV K . 30.35 -25.99 -8.71
H31H POV K . 30.53 -24.45 -9.02
H27 POV K . 27.19 -13.79 -6.53
H217 POV K . 17.40 -9.80 -6.14
H27A POV K . 28.21 -13.19 -5.48
H21G POV K . 18.01 -8.80 -5.06
H37 POV K . 31.68 -20.46 -14.11
H37A POV K . 31.84 -19.69 -15.49
H28 POV K . 25.55 -12.22 -5.70
H218 POV K . 16.27 -9.28 -3.58
H28A POV K . 26.56 -11.85 -4.54
H21H POV K . 15.64 -8.84 -4.96
H21J POV K . 15.69 -10.37 -4.58
H38 POV K . 29.71 -19.19 -13.66
H38A POV K . 29.86 -18.48 -15.06
H39 POV K . 28.53 -20.06 -15.76
H39A POV K . 29.87 -20.86 -15.91
N POV L . 13.47 -10.40 -27.15
P POV L . 11.89 -12.16 -31.68
C1 POV L . 12.10 -14.75 -31.77
C2 POV L . 11.67 -15.61 -30.58
C3 POV L . 10.37 -16.33 -30.87
C210 POV L . 10.05 -18.97 -18.66
C310 POV L . 3.91 -24.21 -29.82
C11 POV L . 12.86 -11.06 -29.52
O11 POV L . 11.22 -13.67 -31.99
C211 POV L . 9.84 -17.60 -18.05
C311 POV L . 3.71 -25.64 -30.40
C12 POV L . 13.22 -11.47 -28.10
O12 POV L . 12.19 -12.13 -30.07
C212 POV L . 9.05 -17.73 -16.76
C312 POV L . 4.45 -26.63 -29.50
C13 POV L . 12.23 -9.74 -26.76
O13 POV L . 13.18 -12.01 -32.45
C213 POV L . 8.87 -16.38 -16.06
C313 POV L . 4.27 -28.07 -30.00
C14 POV L . 14.38 -9.41 -27.66
O14 POV L . 10.95 -11.05 -32.05
C214 POV L . 7.76 -15.59 -16.74
C314 POV L . 5.40 -28.98 -29.47
C15 POV L . 14.01 -11.03 -25.98
C215 POV L . 7.59 -14.24 -16.06
C315 POV L . 5.17 -29.31 -27.97
C216 POV L . 6.21 -14.09 -15.38
C316 POV L . 6.49 -29.72 -27.33
C217 POV L . 5.79 -12.62 -15.31
C218 POV L . 5.23 -12.29 -13.93
C21 POV L . 11.46 -15.48 -28.16
O21 POV L . 11.50 -14.82 -29.43
C22 POV L . 12.02 -14.78 -26.90
O22 POV L . 10.98 -16.56 -28.05
C23 POV L . 11.63 -15.50 -25.59
C24 POV L . 12.34 -16.87 -25.44
C25 POV L . 11.41 -17.81 -24.63
C26 POV L . 11.26 -17.27 -23.21
C27 POV L . 11.09 -18.45 -22.25
C28 POV L . 10.92 -17.94 -20.80
C29 POV L . 10.52 -19.12 -19.90
C31 POV L . 10.90 -17.77 -32.68
O31 POV L . 10.18 -16.66 -32.22
C32 POV L . 10.61 -19.18 -32.15
O32 POV L . 11.73 -17.61 -33.50
C33 POV L . 9.79 -20.01 -33.16
C34 POV L . 9.88 -21.50 -32.74
C35 POV L . 8.54 -22.27 -32.96
C36 POV L . 7.98 -22.68 -31.58
C37 POV L . 6.57 -23.28 -31.72
C38 POV L . 5.61 -22.54 -30.77
C39 POV L . 4.20 -23.15 -30.89
H29 POV L . 10.63 -19.99 -20.23
H1 POV L . 12.15 -15.28 -32.58
H1A POV L . 12.96 -14.38 -31.59
H2 POV L . 12.34 -16.28 -30.41
H3 POV L . 10.35 -17.13 -30.33
H3A POV L . 9.65 -15.75 -30.58
H310 POV L . 3.09 -23.96 -29.37
H31A POV L . 4.62 -24.25 -29.18
H210 POV L . 9.83 -19.72 -18.16
H11 POV L . 13.66 -10.88 -30.03
H11A POV L . 12.29 -10.28 -29.53
H211 POV L . 9.35 -17.03 -18.66
H21A POV L . 10.71 -17.21 -17.86
H311 POV L . 4.05 -25.71 -31.29
H31B POV L . 2.76 -25.84 -30.39
H12 POV L . 12.51 -12.02 -27.77
H12A POV L . 14.01 -12.04 -28.16
H22 POV L . 12.99 -14.72 -26.96
H212 POV L . 8.17 -18.10 -16.97
H22A POV L . 11.66 -13.89 -26.85
H21B POV L . 9.52 -18.35 -16.16
H32 POV L . 11.45 -19.61 -31.96
H312 POV L . 4.09 -26.56 -28.59
H32A POV L . 10.10 -19.12 -31.33
H31C POV L . 5.38 -26.40 -29.50
H13 POV L . 11.63 -10.39 -26.38
H13A POV L . 11.82 -9.32 -27.53
H13B POV L . 12.43 -9.06 -26.09
H23 POV L . 10.68 -15.63 -25.58
H213 POV L . 8.65 -16.52 -15.13
H23A POV L . 11.89 -14.94 -24.84
H21C POV L . 9.70 -15.88 -16.11
H33 POV L . 10.17 -19.90 -34.04
H313 POV L . 3.42 -28.41 -29.67
H33A POV L . 8.87 -19.70 -33.16
H31D POV L . 4.27 -28.08 -30.97
H14 POV L . 13.97 -8.89 -28.36
H14A POV L . 15.17 -9.85 -27.98
H14B POV L . 14.62 -8.81 -26.93
H24 POV L . 12.51 -17.26 -26.29
H214 POV L . 7.99 -15.44 -17.67
H24A POV L . 13.17 -16.75 -24.96
H21D POV L . 6.95 -16.11 -16.69
H34 POV L . 10.10 -21.55 -31.80
H314 POV L . 6.25 -28.53 -29.59
H34A POV L . 10.58 -21.93 -33.25
H31E POV L . 5.40 -29.79 -29.99
H15 POV L . 14.11 -10.38 -25.27
H15A POV L . 14.89 -11.41 -26.19
H15B POV L . 13.42 -11.74 -25.68
H25 POV L . 10.55 -17.86 -25.05
H215 POV L . 8.28 -14.14 -15.39
H25A POV L . 11.81 -18.69 -24.60
H21E POV L . 7.69 -13.56 -16.74
H35 POV L . 7.90 -21.71 -33.44
H315 POV L . 4.54 -30.04 -27.90
H35A POV L . 8.73 -23.06 -33.49
H31F POV L . 4.82 -28.54 -27.51
H26 POV L . 10.48 -16.70 -23.15
H216 POV L . 5.54 -14.58 -15.87
H26A POV L . 12.04 -16.76 -22.95
H21F POV L . 6.27 -14.45 -14.47
H36 POV L . 7.94 -21.90 -31.00
H316 POV L . 7.08 -30.12 -28.00
H36A POV L . 8.58 -23.34 -31.18
H31G POV L . 6.32 -30.38 -26.63
H31H POV L . 6.92 -28.94 -26.94
H27 POV L . 10.31 -18.95 -22.51
H217 POV L . 5.11 -12.45 -15.97
H27A POV L . 11.87 -19.01 -22.29
H21G POV L . 6.55 -12.04 -15.47
H37 POV L . 6.58 -24.22 -31.48
H37A POV L . 6.26 -23.18 -32.63
H28 POV L . 10.23 -17.26 -20.79
H218 POV L . 5.92 -12.39 -13.26
H28A POV L . 11.75 -17.56 -20.50
H21H POV L . 4.89 -11.38 -13.93
H21J POV L . 4.50 -12.90 -13.72
H38 POV L . 5.94 -22.60 -29.86
H38A POV L . 5.56 -21.61 -31.02
H39 POV L . 3.56 -22.43 -30.80
H39A POV L . 4.11 -23.52 -31.78
N POV M . -9.61 -5.83 -30.01
P POV M . -13.98 -5.66 -32.63
C1 POV M . -14.95 -8.04 -32.93
C2 POV M . -14.97 -9.03 -31.76
C3 POV M . -16.37 -9.22 -31.21
C210 POV M . -10.94 -14.99 -21.56
C310 POV M . -23.72 -14.71 -26.67
C11 POV M . -11.63 -5.57 -31.51
O11 POV M . -15.26 -6.73 -32.52
C211 POV M . -10.17 -13.86 -20.90
C311 POV M . -24.77 -15.78 -27.05
C12 POV M . -10.76 -6.46 -30.65
O12 POV M . -12.87 -6.18 -31.57
C212 POV M . -10.09 -14.11 -19.40
C312 POV M . -24.16 -17.16 -26.85
C13 POV M . -10.00 -4.96 -28.91
O13 POV M . -13.41 -5.69 -34.03
C213 POV M . -9.27 -13.02 -18.70
C313 POV M . -25.16 -18.28 -27.18
C14 POV M . -8.81 -5.06 -30.93
O14 POV M . -14.40 -4.26 -32.30
C214 POV M . -10.12 -11.78 -18.50
C314 POV M . -24.43 -19.60 -27.50
C15 POV M . -8.82 -6.90 -29.45
C215 POV M . -9.31 -10.68 -17.81
C315 POV M . -23.90 -20.26 -26.20
C216 POV M . -9.86 -10.32 -16.42
C316 POV M . -22.76 -21.22 -26.54
C217 POV M . -9.51 -8.88 -16.05
C218 POV M . -9.03 -8.80 -14.61
C21 POV M . -13.72 -9.55 -29.74
O21 POV M . -14.11 -8.60 -30.73
C22 POV M . -12.32 -9.44 -29.08
O22 POV M . -14.45 -10.41 -29.39
C23 POV M . -12.18 -10.35 -27.83
C24 POV M . -12.15 -11.85 -28.20
C25 POV M . -12.76 -12.65 -27.03
C26 POV M . -11.86 -12.52 -25.80
C27 POV M . -11.95 -13.82 -24.99
C28 POV M . -11.07 -13.71 -23.73
C29 POV M . -11.34 -14.92 -22.83
C31 POV M . -17.58 -10.17 -33.01
O31 POV M . -17.37 -9.08 -32.16
C32 POV M . -18.08 -11.51 -32.46
O32 POV M . -17.37 -10.04 -34.17
C33 POV M . -19.57 -11.73 -32.79
C34 POV M . -19.89 -13.24 -32.57
C35 POV M . -21.30 -13.47 -31.94
C36 POV M . -21.10 -14.06 -30.53
C37 POV M . -22.46 -14.13 -29.78
C38 POV M . -22.32 -13.44 -28.41
C39 POV M . -23.66 -13.53 -27.65
H29 POV M . -11.80 -15.65 -23.18
H1 POV M . -15.58 -8.32 -33.62
H1A POV M . -14.07 -8.03 -33.32
H2 POV M . -14.66 -9.90 -32.07
H3 POV M . -16.41 -10.08 -30.80
H3A POV M . -16.48 -8.56 -30.52
H310 POV M . -23.95 -14.36 -25.80
H31A POV M . -22.86 -15.15 -26.62
H210 POV M . -11.13 -15.75 -21.05
H11 POV M . -11.26 -5.50 -32.39
H11A POV M . -11.71 -4.69 -31.13
H211 POV M . -10.64 -13.02 -21.05
H21A POV M . -9.28 -13.81 -21.27
H311 POV M . -25.04 -15.70 -27.97
H31B POV M . -25.54 -15.68 -26.47
H12 POV M . -11.32 -6.83 -29.95
H12A POV M . -10.45 -7.19 -31.19
H22 POV M . -11.63 -9.66 -29.71
H212 POV M . -10.99 -14.12 -19.03
H22A POV M . -12.19 -8.53 -28.77
H21B POV M . -9.68 -14.98 -19.24
H32 POV M . -17.55 -12.22 -32.86
H312 POV M . -23.88 -17.26 -25.91
H32A POV M . -17.97 -11.54 -31.51
H31C POV M . -23.38 -17.24 -27.42
H13 POV M . -10.51 -5.47 -28.26
H13A POV M . -10.54 -4.23 -29.24
H13B POV M . -9.21 -4.59 -28.48
H23 POV M . -12.92 -10.18 -27.24
H213 POV M . -8.98 -13.34 -17.83
H23A POV M . -11.35 -10.13 -27.39
H21C POV M . -8.48 -12.81 -19.23
H33 POV M . -19.74 -11.49 -33.71
H313 POV M . -25.73 -18.43 -26.41
H33A POV M . -20.11 -11.17 -32.20
H31D POV M . -25.70 -18.01 -27.94
H14 POV M . -9.27 -4.26 -31.21
H14A POV M . -8.61 -5.61 -31.70
H14B POV M . -7.99 -4.80 -30.49
H24 POV M . -12.67 -12.02 -29.00
H214 POV M . -10.40 -11.44 -19.36
H24A POV M . -11.24 -12.13 -28.34
H21D POV M . -10.90 -12.00 -17.98
H34 POV M . -19.23 -13.62 -31.97
H314 POV M . -23.69 -19.41 -28.11
H34A POV M . -19.85 -13.70 -33.42
H31E POV M . -25.05 -20.18 -27.94
H15 POV M . -8.09 -6.54 -28.94
H15A POV M . -8.46 -7.44 -30.17
H15B POV M . -9.38 -7.45 -28.87
H25 POV M . -13.64 -12.31 -26.83
H215 POV M . -8.39 -10.99 -17.72
H25A POV M . -12.83 -13.58 -27.28
H21E POV M . -9.33 -9.90 -18.38
H35 POV M . -21.79 -12.63 -31.89
H315 POV M . -24.61 -20.75 -25.78
H35A POV M . -21.79 -14.09 -32.49
H31F POV M . -23.57 -19.58 -25.59
H26 POV M . -12.17 -11.78 -25.26
H216 POV M . -10.82 -10.42 -16.40
H26A POV M . -10.94 -12.37 -26.07
H21F POV M . -9.47 -10.93 -15.76
H36 POV M . -20.49 -13.51 -30.01
H316 POV M . -22.86 -21.55 -27.44
H36A POV M . -20.74 -14.96 -30.61
H31G POV M . -22.78 -21.96 -25.91
H31H POV M . -21.91 -20.75 -26.45
H27 POV M . -12.87 -13.96 -24.73
H217 POV M . -10.31 -8.33 -16.15
H27A POV M . -11.64 -14.55 -25.54
H21G POV M . -8.82 -8.54 -16.64
H37 POV M . -22.71 -15.06 -29.63
H37A POV M . -23.14 -13.69 -30.29
H28 POV M . -11.27 -12.89 -23.27
H218 POV M . -8.19 -9.28 -14.52
H28A POV M . -10.13 -13.71 -23.99
H21H POV M . -8.89 -7.87 -14.36
H21J POV M . -9.69 -9.20 -14.01
H38 POV M . -21.60 -13.85 -27.91
H38A POV M . -22.10 -12.50 -28.54
H39 POV M . -23.77 -12.71 -27.16
H39A POV M . -24.37 -13.59 -28.31
N POV N . -26.05 6.21 -17.73
P POV N . -30.58 8.44 -17.04
C1 POV N . -32.44 6.66 -16.76
C2 POV N . -32.21 5.42 -15.88
C3 POV N . -32.98 5.53 -14.57
C210 POV N . -26.12 -4.14 -10.65
C310 POV N . -38.04 1.48 -6.64
C11 POV N . -28.22 7.49 -17.63
O11 POV N . -31.89 7.82 -16.20
C211 POV N . -24.72 -3.53 -10.56
C311 POV N . -39.44 0.93 -6.32
C12 POV N . -27.49 6.16 -17.53
O12 POV N . -29.40 7.32 -16.92
C212 POV N . -23.93 -4.21 -9.45
C312 POV N . -39.46 -0.56 -6.60
C13 POV N . -25.35 6.80 -16.59
O13 POV N . -30.96 8.63 -18.49
C213 POV N . -22.50 -3.67 -9.38
C313 POV N . -40.84 -1.19 -6.27
C14 POV N . -25.66 6.93 -18.92
O14 POV N . -30.11 9.76 -16.47
C214 POV N . -22.49 -2.33 -8.65
C314 POV N . -41.03 -2.51 -7.03
C15 POV N . -25.61 4.84 -17.83
C215 POV N . -21.06 -1.78 -8.57
C315 POV N . -40.22 -3.64 -6.37
C216 POV N . -20.54 -1.69 -7.13
C316 POV N . -39.97 -4.77 -7.37
C217 POV N . -19.48 -0.59 -7.00
C218 POV N . -18.29 -1.08 -6.18
C21 POV N . -30.40 4.01 -15.09
O21 POV N . -30.83 5.27 -15.58
C22 POV N . -28.97 3.49 -15.44
O22 POV N . -31.09 3.34 -14.39
C23 POV N . -28.57 2.26 -14.59
C24 POV N . -29.37 1.00 -14.95
C25 POV N . -29.49 0.11 -13.69
C26 POV N . -28.11 -0.39 -13.29
C27 POV N . -28.26 -1.78 -12.65
C28 POV N . -26.88 -2.31 -12.21
C29 POV N . -27.08 -3.59 -11.38
C31 POV N . -35.25 5.55 -15.26
O31 POV N . -34.18 6.24 -14.68
C32 POV N . -35.86 4.32 -14.57
O32 POV N . -35.69 5.93 -16.29
C33 POV N . -37.21 4.67 -13.90
C34 POV N . -37.95 3.33 -13.57
C35 POV N . -38.70 3.38 -12.23
C36 POV N . -38.03 2.37 -11.25
C37 POV N . -38.61 2.50 -9.83
C38 POV N . -37.47 2.70 -8.83
C39 POV N . -38.05 2.81 -7.40
H29 POV N . -27.91 -4.01 -11.40
H1 POV N . -33.38 6.80 -16.91
H1A POV N . -32.01 6.52 -17.61
H2 POV N . -32.53 4.64 -16.34
H3 POV N . -33.15 4.63 -14.26
H3A POV N . -32.40 5.97 -13.93
H310 POV N . -37.57 1.62 -5.81
H31A POV N . -37.57 0.81 -7.15
H210 POV N . -26.28 -4.90 -10.16
H11 POV N . -28.42 7.68 -18.55
H11A POV N . -27.71 8.21 -17.25
H211 POV N . -24.79 -2.58 -10.38
H21A POV N . -24.27 -3.66 -11.42
H311 POV N . -40.12 1.36 -6.87
H31B POV N . -39.63 1.08 -5.38
H12 POV N . -27.66 5.80 -16.66
H12A POV N . -27.88 5.57 -18.19
H22 POV N . -28.93 3.26 -16.38
H212 POV N . -24.38 -4.04 -8.61
H22A POV N . -28.33 4.19 -15.26
H21B POV N . -23.92 -5.16 -9.62
H32 POV N . -36.00 3.63 -15.24
H312 POV N . -38.79 -1.00 -6.05
H32A POV N . -35.26 3.99 -13.89
H31C POV N . -39.27 -0.71 -7.54
H13 POV N . -25.57 6.30 -15.79
H13A POV N . -25.62 7.72 -16.49
H13B POV N . -24.39 6.78 -16.74
H23 POV N . -28.69 2.47 -13.66
H213 POV N . -21.95 -4.30 -8.90
H23A POV N . -27.63 2.07 -14.75
H21C POV N . -22.14 -3.55 -10.28
H33 POV N . -37.75 5.21 -14.50
H313 POV N . -40.88 -1.35 -5.32
H33A POV N . -37.04 5.17 -13.09
H31D POV N . -41.54 -0.56 -6.52
H14 POV N . -25.82 7.88 -18.82
H14A POV N . -26.16 6.58 -19.67
H14B POV N . -24.71 6.79 -19.07
H24 POV N . -30.25 1.23 -15.25
H214 POV N . -23.03 -1.70 -9.14
H24A POV N . -28.91 0.51 -15.64
H21D POV N . -22.85 -2.46 -7.77
H34 POV N . -37.29 2.62 -13.54
H314 POV N . -40.77 -2.40 -7.95
H34A POV N . -38.58 3.15 -14.29
H31E POV N . -41.98 -2.73 -7.00
H15 POV N . -24.64 4.79 -17.87
H15A POV N . -25.98 4.43 -18.64
H15B POV N . -25.92 4.34 -17.05
H25 POV N . -29.87 0.64 -12.97
H215 POV N . -20.48 -2.37 -9.08
H25A POV N . -30.07 -0.63 -13.88
H21E POV N . -21.07 -0.90 -8.98
H35 POV N . -38.68 4.27 -11.84
H315 POV N . -40.70 -3.99 -5.61
H35A POV N . -39.63 3.11 -12.37
H31F POV N . -39.36 -3.30 -6.07
H26 POV N . -27.72 0.22 -12.65
H216 POV N . -21.26 -1.48 -6.52
H26A POV N . -27.54 -0.46 -14.07
H21F POV N . -20.14 -2.54 -6.89
H36 POV N . -37.07 2.55 -11.22
H316 POV N . -40.70 -4.79 -8.02
H36A POV N . -38.17 1.47 -11.59
H31G POV N . -39.95 -5.62 -6.91
H31H POV N . -39.13 -4.62 -7.83
H27 POV N . -28.84 -1.71 -11.87
H217 POV N . -19.88 0.18 -6.57
H27A POV N . -28.65 -2.38 -13.29
H21G POV N . -19.16 -0.33 -7.88
H37 POV N . -39.10 1.70 -9.60
H37A POV N . -39.21 3.26 -9.79
H28 POV N . -26.43 -1.63 -11.69
H218 POV N . -17.85 -1.80 -6.65
H28A POV N . -26.36 -2.51 -13.00
H21H POV N . -17.68 -0.34 -6.05
H21J POV N . -18.60 -1.40 -5.32
H38 POV N . -36.84 1.97 -8.90
H38A POV N . -37.00 3.52 -9.03
H39 POV N . -37.50 3.45 -6.92
H39A POV N . -38.95 3.16 -7.47
N POV O . -26.00 18.55 2.46
P POV O . -27.98 21.78 5.89
C1 POV O . -29.91 20.63 7.20
C2 POV O . -29.77 19.20 7.70
C3 POV O . -29.57 19.16 9.21
C210 POV O . -26.42 7.17 7.69
C310 POV O . -30.55 14.78 18.40
C11 POV O . -26.99 20.36 3.94
O11 POV O . -28.72 21.37 7.33
C211 POV O . -25.12 7.28 6.92
C311 POV O . -31.61 14.61 19.51
C12 POV O . -26.95 18.90 3.51
O12 POV O . -27.53 20.37 5.21
C212 POV O . -24.22 6.10 7.28
C312 POV O . -32.40 13.33 19.25
C13 POV O . -24.63 18.56 2.95
O13 POV O . -28.98 22.48 5.00
C213 POV O . -22.92 6.13 6.47
C313 POV O . -33.47 13.10 20.33
C14 POV O . -26.07 19.43 1.32
O14 POV O . -26.79 22.66 6.10
C214 POV O . -21.95 7.15 7.08
C314 POV O . -34.58 12.17 19.81
C15 POV O . -26.32 17.21 2.07
C215 POV O . -20.66 7.18 6.28
C315 POV O . -34.09 10.70 19.77
C216 POV O . -19.44 6.71 7.09
C316 POV O . -34.94 9.89 18.80
C217 POV O . -18.15 7.35 6.58
C218 POV O . -17.04 6.31 6.48
C21 POV O . -28.61 17.13 7.14
O21 POV O . -28.68 18.55 7.08
C22 POV O . -27.99 16.33 5.98
O22 POV O . -29.01 16.54 8.10
C23 POV O . -27.74 14.84 6.34
C24 POV O . -29.04 14.04 6.51
C25 POV O . -28.80 12.92 7.55
C26 POV O . -27.77 11.93 6.99
C27 POV O . -28.11 10.53 7.53
C28 POV O . -27.09 9.51 7.00
C29 POV O . -27.30 8.17 7.73
C31 POV O . -31.59 20.06 10.07
O31 POV O . -30.21 20.20 9.89
C32 POV O . -32.16 18.94 10.95
O32 POV O . -32.31 20.83 9.55
C33 POV O . -32.62 19.47 12.32
C34 POV O . -33.53 18.40 12.97
C35 POV O . -33.31 18.28 14.51
C36 POV O . -32.71 16.89 14.82
C37 POV O . -32.29 16.78 16.30
C38 POV O . -30.82 16.33 16.39
C39 POV O . -30.41 16.20 17.86
H29 POV O . -28.09 8.04 8.22
H1 POV O . -30.63 21.09 7.67
H1A POV O . -30.13 20.61 6.26
H2 POV O . -30.58 18.70 7.50
H3 POV O . -29.89 18.31 9.52
H3A POV O . -28.62 19.20 9.36
H310 POV O . -29.69 14.52 18.79
H31A POV O . -30.76 14.16 17.70
H210 POV O . -26.61 6.38 8.15
H11 POV O . -27.57 20.86 3.34
H11A POV O . -26.11 20.74 3.94
H211 POV O . -24.67 8.10 7.15
H21A POV O . -25.31 7.26 5.96
H311 POV O . -32.23 15.35 19.52
H31B POV O . -31.17 14.55 20.37
H12 POV O . -26.74 18.37 4.29
H12A POV O . -27.84 18.65 3.21
H22 POV O . -28.57 16.37 5.19
H212 POV O . -24.01 6.14 8.22
H22A POV O . -27.13 16.71 5.75
H21B POV O . -24.70 5.27 7.10
H32 POV O . -32.91 18.54 10.48
H312 POV O . -31.78 12.57 19.25
H32A POV O . -31.49 18.26 11.09
H31C POV O . -32.83 13.40 18.39
H13 POV O . -24.54 17.95 3.70
H13A POV O . -24.38 19.46 3.23
H13B POV O . -24.03 18.29 2.24
H23 POV O . -27.23 14.81 7.16
H213 POV O . -22.51 5.26 6.48
H23A POV O . -27.21 14.44 5.63
H21C POV O . -23.11 6.38 5.55
H33 POV O . -33.12 20.29 12.20
H313 POV O . -33.05 12.68 21.10
H33A POV O . -31.84 19.65 12.87
H31D POV O . -33.85 13.95 20.60
H14 POV O . -25.74 20.31 1.53
H14A POV O . -27.00 19.48 1.04
H14B POV O . -25.54 19.06 0.61
H24 POV O . -29.75 14.61 6.83
H214 POV O . -22.35 8.02 7.05
H24A POV O . -29.28 13.65 5.67
H21D POV O . -21.79 6.89 8.00
H34 POV O . -33.33 17.53 12.57
H314 POV O . -34.85 12.45 18.92
H34A POV O . -34.46 18.62 12.81
H31E POV O . -35.34 12.25 20.41
H15 POV O . -25.65 16.88 1.44
H15A POV O . -27.18 17.18 1.65
H15B POV O . -26.32 16.63 2.85
H25 POV O . -28.46 13.31 8.36
H215 POV O . -20.76 6.62 5.50
H25A POV O . -29.63 12.46 7.72
H21E POV O . -20.51 8.10 6.00
H35 POV O . -32.72 18.98 14.82
H315 POV O . -34.17 10.31 20.66
H35A POV O . -34.18 18.37 14.96
H31F POV O . -33.16 10.67 19.49
H26 POV O . -26.89 12.18 7.27
H216 POV O . -19.54 6.93 8.03
H26A POV O . -27.82 11.91 6.02
H21F POV O . -19.37 5.73 7.01
H36 POV O . -31.92 16.74 14.25
H316 POV O . -35.82 10.28 18.73
H36A POV O . -33.37 16.21 14.62
H31G POV O . -35.01 8.97 19.12
H31H POV O . -34.52 9.89 17.93
H27 POV O . -28.07 10.56 8.50
H217 POV O . -17.88 8.04 7.20
H27A POV O . -28.99 10.28 7.24
H21G POV O . -18.29 7.74 5.70
H37 POV O . -32.85 16.13 16.76
H37A POV O . -32.38 17.65 16.72
H28 POV O . -26.19 9.83 7.15
H218 POV O . -17.27 5.65 5.80
H28A POV O . -27.22 9.38 6.05
H21H POV O . -16.20 6.75 6.23
H21J POV O . -16.92 5.86 7.33
H38 POV O . -30.72 15.49 15.92
H38A POV O . -30.25 17.00 15.97
H39 POV O . -29.50 16.48 17.94
H39A POV O . -30.97 16.81 18.38
N POV P . -9.71 24.08 18.77
P POV P . -7.92 26.63 22.80
C1 POV P . -9.06 25.81 24.98
C2 POV P . -9.27 24.32 25.24
C3 POV P . -8.31 23.79 26.29
C210 POV P . -11.85 12.37 22.70
C310 POV P . -5.74 17.49 33.93
C11 POV P . -8.87 25.60 20.61
O11 POV P . -7.81 26.08 24.38
C211 POV P . -11.30 12.29 21.28
C311 POV P . -5.97 17.35 35.45
C12 POV P . -9.68 24.38 20.19
O12 POV P . -8.54 25.41 21.93
C212 POV P . -10.93 10.85 20.97
C312 POV P . -7.21 16.50 35.69
C13 POV P . -8.45 23.53 18.30
O13 POV P . -8.84 27.83 22.75
C213 POV P . -10.43 10.71 19.53
C313 POV P . -7.48 16.30 37.19
C14 POV P . -10.04 25.22 17.95
O14 POV P . -6.57 27.01 22.26
C214 POV P . -8.97 11.16 19.44
C314 POV P . -8.96 15.94 37.44
C15 POV P . -10.72 23.06 18.61
C215 POV P . -8.46 11.02 18.02
C315 POV P . -9.24 14.47 37.05
C216 POV P . -7.34 9.99 17.88
C316 POV P . -10.73 14.26 36.78
C217 POV P . -6.41 10.33 16.69
C218 POV P . -6.10 9.07 15.89
C21 POV P . -9.60 22.24 24.00
O21 POV P . -9.10 23.58 24.04
C22 POV P . -10.14 21.66 22.67
O22 POV P . -9.60 21.56 24.97
C23 POV P . -10.36 20.13 22.75
C24 POV P . -11.54 19.74 23.66
C25 POV P . -11.26 18.36 24.28
C26 POV P . -11.24 17.30 23.17
C27 POV P . -11.76 15.98 23.75
C28 POV P . -11.75 14.89 22.66
C29 POV P . -12.05 13.53 23.32
C31 POV P . -8.91 24.98 28.25
O31 POV P . -7.96 24.73 27.25
C32 POV P . -9.31 23.88 29.25
O32 POV P . -9.41 26.05 28.32
C33 POV P . -8.66 24.12 30.63
C34 POV P . -9.40 23.23 31.67
C35 POV P . -8.45 22.62 32.73
C36 POV P . -8.42 21.09 32.54
C37 POV P . -7.34 20.44 33.44
C38 POV P . -6.41 19.55 32.58
C39 POV P . -5.36 18.90 33.48
H29 POV P . -12.40 13.52 24.18
H1 POV P . -9.12 26.31 25.81
H1A POV P . -9.75 26.12 24.38
H2 POV P . -10.18 24.17 25.56
H3 POV P . -8.72 23.03 26.70
H3A POV P . -7.51 23.50 25.82
H310 POV P . -5.03 16.89 33.69
H31A POV P . -6.54 17.19 33.49
H210 POV P . -12.06 11.58 23.14
H11 POV P . -9.40 26.40 20.51
H11A POV P . -8.06 25.68 20.07
H211 POV P . -10.50 12.84 21.22
H21A POV P . -11.96 12.61 20.67
H311 POV P . -6.11 18.21 35.88
H31B POV P . -5.20 16.91 35.85
H12 POV P . -9.32 23.62 20.66
H12A POV P . -10.59 24.52 20.51
H22 POV P . -10.96 22.09 22.43
H212 POV P . -10.24 10.55 21.58
H22A POV P . -9.48 21.81 21.97
H21B POV P . -11.72 10.28 21.09
H32 POV P . -10.28 23.89 29.34
H312 POV P . -7.09 15.62 35.28
H32A POV P . -9.02 23.03 28.92
H31C POV P . -7.98 16.94 35.28
H13 POV P . -8.23 22.73 18.81
H13A POV P . -7.75 24.18 18.40
H13B POV P . -8.52 23.30 17.36
H23 POV P . -9.55 19.71 23.07
H213 POV P . -10.49 9.78 19.25
H23A POV P . -10.54 19.81 21.85
H21C POV P . -10.97 11.25 18.93
H33 POV P . -8.75 25.05 30.87
H313 POV P . -6.93 15.58 37.52
H33A POV P . -7.72 23.89 30.58
H31D POV P . -7.26 17.12 37.67
H14 POV P . -9.31 25.86 17.95
H14A POV P . -10.84 25.63 18.30
H14B POV P . -10.19 24.92 17.04
H24 POV P . -11.65 20.39 24.37
H214 POV P . -8.90 12.09 19.71
H24A POV P . -12.35 19.70 23.13
H21D POV P . -8.44 10.61 20.04
H34 POV P . -9.83 22.50 31.20
H314 POV P . -9.53 16.53 36.92
H34A POV P . -10.08 23.77 32.12
H31E POV P . -9.15 16.07 38.38
H15 POV P . -10.72 22.74 17.69
H15A POV P . -11.59 23.42 18.82
H15B POV P . -10.52 22.31 19.20
H25 POV P . -10.40 18.37 24.72
H215 POV P . -9.19 10.77 17.45
H25A POV P . -11.94 18.15 24.92
H21E POV P . -8.14 11.89 17.73
H35 POV P . -7.55 22.99 32.64
H315 POV P . -8.97 13.89 37.78
H35A POV P . -8.78 22.84 33.62
H31F POV P . -8.73 14.23 36.26
H26 POV P . -10.34 17.18 22.85
H216 POV P . -6.79 9.96 18.68
H26A POV P . -11.82 17.58 22.44
H21F POV P . -7.73 9.11 17.73
H36 POV P . -8.23 20.88 31.61
H316 POV P . -11.24 14.90 37.31
H36A POV P . -9.28 20.72 32.77
H31G POV P . -10.98 13.36 37.04
H31H POV P . -10.91 14.40 35.84
H27 POV P . -11.20 15.72 24.48
H217 POV P . -5.58 10.70 17.04
H27A POV P . -12.67 16.11 24.06
H21G POV P . -6.84 10.98 16.11
H37 POV P . -7.77 19.89 34.12
H37A POV P . -6.81 21.14 33.86
H28 POV P . -10.87 14.87 22.24
H218 POV P . -6.91 8.74 15.48
H28A POV P . -12.42 15.09 22.00
H21H POV P . -5.45 9.29 15.19
H21J POV P . -5.73 8.39 16.46
H38 POV P . -6.94 18.90 32.12
H38A POV P . -5.97 20.10 31.93
H39 POV P . -4.54 18.85 32.98
H39A POV P . -5.21 19.47 34.25
#